data_6W5O
#
_entry.id   6W5O
#
_cell.length_a   133.433
_cell.length_b   66.178
_cell.length_c   134.009
_cell.angle_alpha   90.000
_cell.angle_beta   91.660
_cell.angle_gamma   90.000
#
_symmetry.space_group_name_H-M   'P 1 21 1'
#
loop_
_entity.id
_entity.type
_entity.pdbx_description
1 polymer 'BAT-2 Beta-lactamase delta mutant'
2 non-polymer 'CITRATE ANION'
3 non-polymer 1,2-ETHANEDIOL
4 water water
#
_entity_poly.entity_id   1
_entity_poly.type   'polypeptide(L)'
_entity_poly.pdbx_seq_one_letter_code
;MKKWLYIFILFLVAGLGSTSSADAKMPGEKSVNVSKLNVDEFFKDRDGTFILHDVQKDKTFIYNESRAKERQTPQSTF
(KCX)VPNALIGLQVKAVRDEYDVKRWDGTEREFESWNRDHTLGSAMRDSVIWYYQAMARDIGEDRMKDWLHRISYGNED
ISGGIDQFWLQSSLKISPLEEKDFIEHLYKEDLPFDKPIMKTVKRMMIQEEGDHYTLYGKTGTDYGLGWFVGFITTDNHS
YIFVTNVDASGTAAKNITTDILKKYHLITN
;
_entity_poly.pdbx_strand_id   A,B,C,D,E,F,G,H
#
loop_
_chem_comp.id
_chem_comp.type
_chem_comp.name
_chem_comp.formula
EDO non-polymer 1,2-ETHANEDIOL 'C2 H6 O2'
FLC non-polymer 'CITRATE ANION' 'C6 H5 O7 -3'
#
# COMPACT_ATOMS: atom_id res chain seq x y z
N SER A 31 -0.26 -35.19 7.00
CA SER A 31 -0.35 -34.37 5.79
C SER A 31 -0.53 -32.89 6.15
N VAL A 32 -0.06 -32.01 5.27
CA VAL A 32 0.01 -30.57 5.56
C VAL A 32 -1.38 -29.94 5.38
N ASN A 33 -1.70 -29.02 6.28
CA ASN A 33 -2.90 -28.20 6.19
C ASN A 33 -2.44 -26.81 5.77
N VAL A 34 -2.59 -26.50 4.48
CA VAL A 34 -1.95 -25.32 3.89
C VAL A 34 -2.63 -24.04 4.35
N SER A 35 -3.72 -24.17 5.11
CA SER A 35 -4.39 -23.00 5.68
C SER A 35 -3.95 -22.71 7.11
N LYS A 36 -3.17 -23.59 7.72
CA LYS A 36 -2.52 -23.32 8.99
C LYS A 36 -1.07 -22.88 8.80
N LEU A 37 -0.70 -22.49 7.57
CA LEU A 37 0.68 -22.14 7.28
C LEU A 37 1.08 -20.80 7.86
N ASN A 38 2.36 -20.68 8.17
CA ASN A 38 2.96 -19.40 8.54
C ASN A 38 4.37 -19.35 7.98
N VAL A 39 4.69 -18.30 7.22
CA VAL A 39 6.01 -18.24 6.62
C VAL A 39 6.62 -16.87 6.82
N ASP A 40 6.21 -16.18 7.89
CA ASP A 40 6.77 -14.87 8.19
C ASP A 40 8.28 -14.92 8.33
N GLU A 41 8.81 -15.94 9.00
CA GLU A 41 10.26 -16.06 9.18
C GLU A 41 11.00 -16.07 7.85
N PHE A 42 10.32 -16.39 6.74
CA PHE A 42 10.94 -16.45 5.42
C PHE A 42 10.88 -15.13 4.66
N PHE A 43 9.92 -14.26 4.99
CA PHE A 43 9.83 -12.95 4.37
C PHE A 43 10.23 -11.82 5.33
N LYS A 44 11.12 -12.13 6.27
CA LYS A 44 11.88 -11.12 7.00
C LYS A 44 13.12 -10.81 6.19
N ASP A 45 13.52 -9.56 6.16
CA ASP A 45 14.69 -9.07 5.45
C ASP A 45 14.41 -8.78 3.95
N ARG A 46 13.27 -9.17 3.40
CA ARG A 46 12.87 -8.81 2.04
C ARG A 46 11.34 -8.90 1.92
N ASP A 47 10.63 -7.84 1.57
CA ASP A 47 9.18 -7.90 1.38
C ASP A 47 8.84 -8.73 0.15
N GLY A 48 7.94 -9.68 0.30
CA GLY A 48 7.48 -10.56 -0.73
C GLY A 48 6.14 -11.20 -0.44
N THR A 49 5.76 -12.20 -1.23
CA THR A 49 4.50 -12.91 -1.09
C THR A 49 4.67 -14.35 -1.41
N PHE A 50 3.81 -15.18 -0.88
CA PHE A 50 3.89 -16.62 -1.08
C PHE A 50 2.53 -17.21 -1.27
N ILE A 51 2.36 -18.13 -2.22
CA ILE A 51 1.06 -18.72 -2.53
C ILE A 51 1.26 -20.22 -2.68
N LEU A 52 0.48 -21.00 -1.94
CA LEU A 52 0.54 -22.45 -1.97
C LEU A 52 -0.88 -22.97 -2.01
N HIS A 53 -1.23 -23.70 -3.06
CA HIS A 53 -2.58 -24.23 -3.23
C HIS A 53 -2.52 -25.74 -3.29
N ASP A 54 -3.06 -26.38 -2.25
CA ASP A 54 -3.27 -27.83 -2.25
C ASP A 54 -4.17 -28.22 -3.43
N VAL A 55 -3.64 -29.03 -4.34
CA VAL A 55 -4.43 -29.44 -5.49
C VAL A 55 -5.63 -30.27 -5.05
N GLN A 56 -5.39 -31.21 -4.11
CA GLN A 56 -6.41 -32.18 -3.75
C GLN A 56 -7.42 -31.61 -2.76
N LYS A 57 -6.92 -30.94 -1.76
CA LYS A 57 -7.75 -30.39 -0.73
C LYS A 57 -8.38 -29.08 -1.08
N ASP A 58 -7.91 -28.47 -2.16
CA ASP A 58 -8.44 -27.23 -2.74
C ASP A 58 -8.45 -26.07 -1.74
N LYS A 59 -7.33 -25.88 -1.05
CA LYS A 59 -7.15 -24.78 -0.12
C LYS A 59 -5.95 -23.95 -0.56
N THR A 60 -6.15 -22.66 -0.77
CA THR A 60 -5.08 -21.75 -1.15
C THR A 60 -4.68 -20.88 0.04
N PHE A 61 -3.39 -20.91 0.39
CA PHE A 61 -2.82 -20.02 1.38
C PHE A 61 -2.07 -18.88 0.70
N ILE A 62 -2.28 -17.66 1.20
CA ILE A 62 -1.65 -16.46 0.65
C ILE A 62 -1.00 -15.70 1.80
N TYR A 63 0.31 -15.49 1.71
CA TYR A 63 1.00 -14.54 2.55
C TYR A 63 1.10 -13.22 1.79
N ASN A 64 0.74 -12.13 2.46
CA ASN A 64 0.74 -10.80 1.86
C ASN A 64 -0.19 -10.76 0.64
N GLU A 65 -1.49 -10.80 0.96
CA GLU A 65 -2.52 -10.80 -0.08
C GLU A 65 -2.37 -9.61 -1.01
N SER A 66 -1.97 -8.46 -0.45
CA SER A 66 -1.77 -7.26 -1.25
C SER A 66 -0.81 -7.53 -2.41
N ARG A 67 0.39 -8.04 -2.11
CA ARG A 67 1.39 -8.25 -3.15
C ARG A 67 0.92 -9.27 -4.17
N ALA A 68 0.28 -10.35 -3.70
CA ALA A 68 -0.19 -11.38 -4.62
C ALA A 68 -1.17 -10.82 -5.65
N LYS A 69 -1.83 -9.69 -5.37
CA LYS A 69 -2.90 -9.18 -6.21
C LYS A 69 -2.43 -8.11 -7.21
N GLU A 70 -1.19 -7.65 -7.14
CA GLU A 70 -0.75 -6.57 -8.02
C GLU A 70 0.09 -7.11 -9.17
N ARG A 71 -0.17 -6.59 -10.37
CA ARG A 71 0.47 -7.08 -11.58
C ARG A 71 1.89 -6.56 -11.74
N GLN A 72 2.78 -7.43 -12.21
CA GLN A 72 4.18 -7.10 -12.42
C GLN A 72 4.67 -7.79 -13.68
N THR A 73 5.86 -7.37 -14.12
CA THR A 73 6.52 -8.04 -15.23
C THR A 73 6.72 -9.50 -14.89
N PRO A 74 6.37 -10.42 -15.80
CA PRO A 74 6.65 -11.83 -15.55
C PRO A 74 8.14 -12.18 -15.66
N GLN A 75 8.92 -11.35 -16.33
CA GLN A 75 10.34 -11.67 -16.60
C GLN A 75 10.38 -13.08 -17.17
N SER A 76 11.25 -13.97 -16.67
CA SER A 76 11.46 -15.25 -17.34
C SER A 76 10.43 -16.29 -17.00
N THR A 77 9.50 -16.01 -16.08
CA THR A 77 8.39 -16.93 -15.88
C THR A 77 7.50 -16.98 -17.11
N PHE A 78 7.55 -15.97 -17.96
CA PHE A 78 6.77 -15.98 -19.19
C PHE A 78 7.24 -17.05 -20.16
N KCX A 79 8.41 -17.63 -19.91
CA KCX A 79 8.95 -18.71 -20.76
CB KCX A 79 10.33 -19.12 -20.28
CG KCX A 79 11.48 -18.31 -20.86
CD KCX A 79 12.84 -18.89 -20.48
CE KCX A 79 13.97 -17.93 -20.84
NZ KCX A 79 13.78 -16.62 -20.16
C KCX A 79 8.02 -19.93 -20.83
O KCX A 79 8.02 -20.66 -21.83
CX KCX A 79 13.24 -15.58 -20.78
OQ1 KCX A 79 13.09 -14.51 -20.17
OQ2 KCX A 79 12.88 -15.69 -21.96
N VAL A 80 7.25 -20.16 -19.78
CA VAL A 80 6.35 -21.32 -19.73
C VAL A 80 5.19 -21.16 -20.70
N PRO A 81 4.55 -19.98 -20.69
CA PRO A 81 3.58 -19.69 -21.76
C PRO A 81 4.22 -19.56 -23.13
N ASN A 82 5.39 -18.92 -23.22
CA ASN A 82 6.09 -18.80 -24.50
C ASN A 82 6.47 -20.16 -25.07
N ALA A 83 6.77 -21.14 -24.20
CA ALA A 83 7.09 -22.49 -24.67
C ALA A 83 5.83 -23.19 -25.17
N LEU A 84 4.70 -22.97 -24.50
CA LEU A 84 3.45 -23.58 -24.94
C LEU A 84 3.04 -23.06 -26.31
N ILE A 85 2.99 -21.73 -26.45
CA ILE A 85 2.59 -21.15 -27.74
C ILE A 85 3.55 -21.56 -28.84
N GLY A 86 4.85 -21.52 -28.54
CA GLY A 86 5.84 -21.82 -29.57
C GLY A 86 5.76 -23.25 -30.05
N LEU A 87 5.46 -24.17 -29.13
CA LEU A 87 5.22 -25.56 -29.54
C LEU A 87 3.87 -25.70 -30.21
N GLN A 88 2.86 -24.98 -29.71
CA GLN A 88 1.49 -25.14 -30.24
C GLN A 88 1.40 -24.73 -31.70
N VAL A 89 2.00 -23.60 -32.08
CA VAL A 89 1.96 -23.14 -33.46
C VAL A 89 3.16 -23.62 -34.28
N LYS A 90 3.93 -24.57 -33.74
CA LYS A 90 5.04 -25.18 -34.48
C LYS A 90 6.10 -24.16 -34.87
N ALA A 91 6.36 -23.17 -33.99
CA ALA A 91 7.52 -22.33 -34.18
C ALA A 91 8.81 -23.00 -33.71
N VAL A 92 8.69 -23.98 -32.82
CA VAL A 92 9.77 -24.89 -32.47
C VAL A 92 9.18 -26.29 -32.44
N ARG A 93 10.06 -27.30 -32.54
CA ARG A 93 9.65 -28.69 -32.75
C ARG A 93 9.40 -29.43 -31.44
N ASP A 94 10.44 -29.66 -30.66
CA ASP A 94 10.30 -30.32 -29.37
C ASP A 94 11.16 -29.58 -28.34
N GLU A 95 11.33 -30.20 -27.17
CA GLU A 95 12.19 -29.62 -26.14
C GLU A 95 13.64 -29.53 -26.59
N TYR A 96 14.02 -30.18 -27.69
CA TYR A 96 15.40 -30.22 -28.14
C TYR A 96 15.69 -29.31 -29.33
N ASP A 97 14.76 -28.43 -29.72
CA ASP A 97 14.95 -27.61 -30.91
C ASP A 97 16.15 -26.68 -30.78
N VAL A 98 17.21 -26.93 -31.53
CA VAL A 98 18.47 -26.24 -31.36
C VAL A 98 18.48 -24.94 -32.15
N LYS A 99 18.89 -23.85 -31.50
CA LYS A 99 19.19 -22.59 -32.15
C LYS A 99 20.64 -22.26 -31.85
N ARG A 100 21.44 -22.13 -32.90
CA ARG A 100 22.88 -21.94 -32.71
C ARG A 100 23.19 -20.56 -32.15
N TRP A 101 24.14 -20.52 -31.23
CA TRP A 101 24.58 -19.26 -30.62
C TRP A 101 25.19 -18.35 -31.68
N ASP A 102 24.86 -17.06 -31.62
CA ASP A 102 25.31 -16.10 -32.62
C ASP A 102 26.72 -15.59 -32.38
N GLY A 103 27.37 -16.00 -31.28
CA GLY A 103 28.72 -15.57 -30.97
C GLY A 103 28.81 -14.31 -30.12
N THR A 104 27.71 -13.57 -29.97
CA THR A 104 27.70 -12.45 -29.04
C THR A 104 27.85 -12.96 -27.60
N GLU A 105 28.83 -12.41 -26.88
CA GLU A 105 29.12 -12.84 -25.51
C GLU A 105 28.26 -12.03 -24.56
N ARG A 106 27.40 -12.70 -23.79
CA ARG A 106 26.42 -12.04 -22.95
C ARG A 106 26.78 -12.21 -21.47
N GLU A 107 25.89 -11.75 -20.59
CA GLU A 107 26.22 -11.63 -19.17
CA GLU A 107 26.22 -11.63 -19.17
C GLU A 107 26.65 -12.97 -18.58
N PHE A 108 25.81 -13.99 -18.71
CA PHE A 108 26.06 -15.30 -18.12
C PHE A 108 26.70 -16.23 -19.14
N GLU A 109 27.66 -17.04 -18.68
CA GLU A 109 28.37 -17.91 -19.61
C GLU A 109 27.49 -19.04 -20.12
N SER A 110 26.58 -19.55 -19.29
CA SER A 110 25.64 -20.56 -19.76
C SER A 110 24.83 -20.07 -20.96
N TRP A 111 24.77 -18.75 -21.17
CA TRP A 111 24.05 -18.19 -22.30
C TRP A 111 24.83 -18.25 -23.61
N ASN A 112 26.15 -18.47 -23.55
CA ASN A 112 27.00 -18.29 -24.72
C ASN A 112 27.43 -19.61 -25.33
N ARG A 113 26.46 -20.37 -25.79
CA ARG A 113 26.64 -21.68 -26.41
C ARG A 113 25.32 -22.01 -27.10
N ASP A 114 25.31 -23.12 -27.83
CA ASP A 114 24.07 -23.53 -28.47
C ASP A 114 23.05 -23.96 -27.41
N HIS A 115 21.78 -23.63 -27.65
CA HIS A 115 20.72 -23.94 -26.72
C HIS A 115 19.51 -24.49 -27.45
N THR A 116 18.71 -25.26 -26.70
CA THR A 116 17.44 -25.80 -27.13
C THR A 116 16.31 -25.11 -26.38
N LEU A 117 15.08 -25.57 -26.61
CA LEU A 117 13.95 -24.99 -25.89
C LEU A 117 14.04 -25.31 -24.41
N GLY A 118 14.28 -26.58 -24.07
CA GLY A 118 14.37 -26.96 -22.67
C GLY A 118 15.55 -26.31 -21.97
N SER A 119 16.75 -26.42 -22.56
CA SER A 119 17.94 -25.91 -21.90
C SER A 119 17.91 -24.40 -21.76
N ALA A 120 17.22 -23.71 -22.67
CA ALA A 120 17.08 -22.27 -22.56
C ALA A 120 16.07 -21.90 -21.49
N MET A 121 15.08 -22.78 -21.24
CA MET A 121 14.21 -22.61 -20.07
C MET A 121 14.95 -22.92 -18.77
N ARG A 122 15.93 -23.84 -18.80
CA ARG A 122 16.67 -24.13 -17.58
C ARG A 122 17.47 -22.91 -17.12
N ASP A 123 18.27 -22.33 -18.01
CA ASP A 123 19.16 -21.24 -17.64
C ASP A 123 18.59 -19.86 -17.98
N SER A 124 17.33 -19.79 -18.38
CA SER A 124 16.69 -18.51 -18.68
C SER A 124 17.42 -17.79 -19.81
N VAL A 125 17.76 -18.53 -20.86
CA VAL A 125 18.48 -17.93 -21.98
C VAL A 125 17.53 -17.08 -22.80
N ILE A 126 17.47 -15.78 -22.48
CA ILE A 126 16.45 -14.88 -23.04
C ILE A 126 16.50 -14.88 -24.56
N TRP A 127 17.68 -14.95 -25.17
CA TRP A 127 17.72 -14.80 -26.62
C TRP A 127 17.03 -15.95 -27.33
N TYR A 128 17.09 -17.17 -26.79
CA TYR A 128 16.39 -18.27 -27.43
C TYR A 128 14.89 -17.97 -27.49
N TYR A 129 14.27 -17.70 -26.34
CA TYR A 129 12.85 -17.39 -26.34
C TYR A 129 12.53 -16.08 -27.06
N GLN A 130 13.53 -15.21 -27.26
CA GLN A 130 13.32 -14.02 -28.08
C GLN A 130 13.27 -14.38 -29.56
N ALA A 131 14.23 -15.19 -30.01
CA ALA A 131 14.15 -15.70 -31.38
C ALA A 131 12.87 -16.48 -31.61
N MET A 132 12.31 -17.10 -30.56
CA MET A 132 11.09 -17.86 -30.76
C MET A 132 9.86 -16.96 -30.82
N ALA A 133 9.79 -15.97 -29.94
CA ALA A 133 8.62 -15.08 -29.96
C ALA A 133 8.54 -14.31 -31.27
N ARG A 134 9.68 -13.98 -31.87
CA ARG A 134 9.65 -13.35 -33.19
C ARG A 134 9.03 -14.27 -34.23
N ASP A 135 9.30 -15.58 -34.12
CA ASP A 135 8.69 -16.54 -35.03
C ASP A 135 7.21 -16.77 -34.70
N ILE A 136 6.84 -16.74 -33.42
CA ILE A 136 5.43 -16.87 -33.05
C ILE A 136 4.62 -15.75 -33.68
N GLY A 137 5.13 -14.53 -33.63
CA GLY A 137 4.47 -13.41 -34.27
C GLY A 137 3.52 -12.62 -33.38
N GLU A 138 3.54 -11.29 -33.55
CA GLU A 138 2.63 -10.41 -32.83
C GLU A 138 1.22 -10.96 -32.75
N ASP A 139 0.65 -11.36 -33.90
CA ASP A 139 -0.77 -11.69 -33.94
C ASP A 139 -1.08 -12.98 -33.17
N ARG A 140 -0.36 -14.06 -33.48
CA ARG A 140 -0.62 -15.30 -32.77
C ARG A 140 -0.30 -15.17 -31.28
N MET A 141 0.65 -14.29 -30.92
CA MET A 141 0.93 -14.07 -29.50
C MET A 141 -0.19 -13.29 -28.82
N LYS A 142 -0.83 -12.38 -29.55
CA LYS A 142 -1.97 -11.67 -28.97
C LYS A 142 -3.19 -12.57 -28.92
N ASP A 143 -3.32 -13.40 -29.93
CA ASP A 143 -4.43 -14.30 -29.98
C ASP A 143 -4.41 -15.35 -28.90
N TRP A 144 -3.26 -15.89 -28.61
CA TRP A 144 -3.14 -16.93 -27.58
C TRP A 144 -3.11 -16.32 -26.17
N LEU A 145 -2.51 -15.14 -26.01
CA LEU A 145 -2.49 -14.54 -24.68
C LEU A 145 -3.91 -14.26 -24.19
N HIS A 146 -4.78 -13.78 -25.08
CA HIS A 146 -6.18 -13.61 -24.71
C HIS A 146 -6.89 -14.95 -24.50
N ARG A 147 -6.40 -16.05 -25.09
CA ARG A 147 -7.06 -17.32 -24.96
CA ARG A 147 -7.07 -17.33 -24.96
C ARG A 147 -6.81 -17.98 -23.59
N ILE A 148 -5.60 -17.78 -23.07
CA ILE A 148 -5.25 -18.35 -21.77
C ILE A 148 -5.25 -17.35 -20.63
N SER A 149 -5.79 -16.19 -20.93
CA SER A 149 -5.93 -15.06 -20.07
C SER A 149 -4.71 -14.81 -19.23
N TYR A 150 -3.65 -14.34 -19.82
CA TYR A 150 -2.44 -14.07 -19.09
C TYR A 150 -2.32 -12.61 -18.75
N GLY A 151 -2.66 -12.24 -17.52
CA GLY A 151 -2.55 -10.87 -17.04
C GLY A 151 -3.21 -9.87 -17.97
N ASN A 152 -2.53 -8.74 -18.16
CA ASN A 152 -3.05 -7.66 -18.98
C ASN A 152 -2.86 -7.89 -20.49
N GLU A 153 -2.24 -9.00 -20.89
CA GLU A 153 -2.17 -9.43 -22.29
C GLU A 153 -1.53 -8.41 -23.21
N ASP A 154 -0.90 -7.36 -22.67
CA ASP A 154 -0.42 -6.25 -23.47
C ASP A 154 0.98 -6.57 -24.01
N ILE A 155 1.08 -6.84 -25.30
CA ILE A 155 2.38 -7.02 -25.94
C ILE A 155 2.84 -5.75 -26.64
N SER A 156 2.24 -4.61 -26.30
CA SER A 156 2.60 -3.34 -26.92
C SER A 156 4.08 -3.01 -26.80
N GLY A 157 4.81 -3.67 -25.90
CA GLY A 157 6.22 -3.37 -25.76
C GLY A 157 7.13 -3.98 -26.80
N GLY A 158 6.58 -4.79 -27.72
CA GLY A 158 7.38 -5.45 -28.71
C GLY A 158 7.31 -6.96 -28.65
N ILE A 159 7.22 -7.60 -29.83
CA ILE A 159 7.02 -9.04 -29.92
C ILE A 159 8.08 -9.80 -29.15
N ASP A 160 9.28 -9.23 -28.99
CA ASP A 160 10.35 -9.89 -28.25
C ASP A 160 10.77 -9.11 -27.00
N GLN A 161 9.94 -8.18 -26.53
CA GLN A 161 10.27 -7.40 -25.34
C GLN A 161 9.17 -7.34 -24.29
N PHE A 162 7.90 -7.54 -24.65
CA PHE A 162 6.79 -7.17 -23.77
C PHE A 162 6.92 -7.75 -22.36
N TRP A 163 7.51 -8.92 -22.22
CA TRP A 163 7.55 -9.60 -20.92
C TRP A 163 8.76 -9.22 -20.07
N LEU A 164 9.67 -8.39 -20.58
CA LEU A 164 10.93 -8.07 -19.92
C LEU A 164 10.96 -6.59 -19.52
N GLN A 165 10.34 -6.28 -18.37
CA GLN A 165 10.28 -4.90 -17.88
C GLN A 165 9.63 -3.99 -18.92
N SER A 166 8.41 -4.36 -19.30
CA SER A 166 7.71 -3.68 -20.37
C SER A 166 6.20 -3.73 -20.16
N SER A 167 5.43 -3.89 -21.23
CA SER A 167 3.98 -3.70 -21.15
C SER A 167 3.28 -4.83 -20.39
N LEU A 168 3.67 -6.08 -20.64
CA LEU A 168 2.97 -7.21 -20.06
C LEU A 168 3.17 -7.28 -18.56
N LYS A 169 2.08 -7.50 -17.82
CA LYS A 169 2.13 -7.56 -16.36
C LYS A 169 1.03 -8.47 -15.84
N ILE A 170 1.42 -9.39 -14.95
CA ILE A 170 0.54 -10.38 -14.37
C ILE A 170 0.77 -10.40 -12.86
N SER A 171 -0.31 -10.67 -12.11
CA SER A 171 -0.21 -10.77 -10.66
C SER A 171 0.26 -12.17 -10.24
N PRO A 172 1.00 -12.27 -9.14
CA PRO A 172 1.38 -13.61 -8.65
C PRO A 172 0.20 -14.57 -8.50
N LEU A 173 -0.96 -14.06 -8.09
CA LEU A 173 -2.14 -14.92 -7.99
C LEU A 173 -2.56 -15.41 -9.36
N GLU A 174 -2.56 -14.53 -10.37
CA GLU A 174 -2.78 -14.98 -11.74
C GLU A 174 -1.69 -15.94 -12.19
N GLU A 175 -0.48 -15.83 -11.65
CA GLU A 175 0.55 -16.81 -11.97
C GLU A 175 0.22 -18.17 -11.37
N LYS A 176 -0.18 -18.20 -10.10
CA LYS A 176 -0.64 -19.46 -9.51
C LYS A 176 -1.72 -20.09 -10.38
N ASP A 177 -2.74 -19.32 -10.73
CA ASP A 177 -3.88 -19.87 -11.48
C ASP A 177 -3.42 -20.49 -12.78
N PHE A 178 -2.72 -19.70 -13.61
CA PHE A 178 -2.15 -20.24 -14.84
C PHE A 178 -1.44 -21.56 -14.56
N ILE A 179 -0.49 -21.54 -13.62
CA ILE A 179 0.26 -22.76 -13.32
C ILE A 179 -0.68 -23.88 -12.95
N GLU A 180 -1.63 -23.61 -12.04
CA GLU A 180 -2.60 -24.63 -11.67
C GLU A 180 -3.29 -25.22 -12.91
N HIS A 181 -3.72 -24.34 -13.82
CA HIS A 181 -4.32 -24.81 -15.06
C HIS A 181 -3.37 -25.71 -15.85
N LEU A 182 -2.11 -25.31 -15.97
CA LEU A 182 -1.15 -26.12 -16.70
C LEU A 182 -0.90 -27.46 -16.00
N TYR A 183 -0.91 -27.46 -14.67
CA TYR A 183 -0.81 -28.72 -13.95
C TYR A 183 -2.00 -29.61 -14.27
N LYS A 184 -3.21 -29.06 -14.17
CA LYS A 184 -4.41 -29.84 -14.44
C LYS A 184 -4.63 -30.08 -15.93
N GLU A 185 -3.97 -29.32 -16.79
CA GLU A 185 -4.10 -29.45 -18.24
C GLU A 185 -5.42 -28.88 -18.74
N ASP A 186 -5.97 -27.91 -18.02
CA ASP A 186 -7.19 -27.22 -18.42
C ASP A 186 -6.94 -26.19 -19.50
N LEU A 187 -5.76 -26.14 -20.05
CA LEU A 187 -5.45 -25.11 -21.04
C LEU A 187 -5.76 -25.62 -22.43
N PRO A 188 -6.00 -24.72 -23.39
CA PRO A 188 -6.34 -25.15 -24.76
C PRO A 188 -5.11 -25.51 -25.60
N PHE A 189 -4.09 -26.08 -24.97
CA PHE A 189 -2.94 -26.60 -25.70
C PHE A 189 -3.05 -28.11 -25.85
N ASP A 190 -2.32 -28.65 -26.82
CA ASP A 190 -2.23 -30.09 -26.97
C ASP A 190 -1.82 -30.72 -25.64
N LYS A 191 -2.38 -31.90 -25.36
CA LYS A 191 -2.06 -32.59 -24.12
C LYS A 191 -0.59 -32.97 -24.04
N PRO A 192 0.02 -33.54 -25.09
CA PRO A 192 1.46 -33.84 -25.00
C PRO A 192 2.32 -32.60 -24.91
N ILE A 193 1.90 -31.48 -25.53
CA ILE A 193 2.68 -30.24 -25.43
C ILE A 193 2.77 -29.78 -23.98
N MET A 194 1.62 -29.71 -23.28
CA MET A 194 1.65 -29.33 -21.88
C MET A 194 2.55 -30.26 -21.07
N LYS A 195 2.54 -31.56 -21.39
CA LYS A 195 3.42 -32.48 -20.67
C LYS A 195 4.88 -32.29 -21.08
N THR A 196 5.15 -31.80 -22.30
CA THR A 196 6.54 -31.52 -22.68
C THR A 196 7.05 -30.29 -21.94
N VAL A 197 6.22 -29.25 -21.81
CA VAL A 197 6.64 -28.06 -21.09
C VAL A 197 6.81 -28.36 -19.62
N LYS A 198 5.92 -29.18 -19.04
CA LYS A 198 6.01 -29.44 -17.60
C LYS A 198 7.25 -30.26 -17.27
N ARG A 199 7.61 -31.16 -18.13
CA ARG A 199 8.81 -31.91 -17.92
C ARG A 199 10.01 -30.94 -17.97
N MET A 200 9.97 -29.96 -18.84
CA MET A 200 11.07 -29.01 -18.97
C MET A 200 11.31 -28.21 -17.69
N MET A 201 10.27 -28.03 -16.86
CA MET A 201 10.34 -27.25 -15.64
C MET A 201 10.90 -28.02 -14.46
N ILE A 202 11.33 -29.27 -14.65
CA ILE A 202 11.79 -30.09 -13.53
C ILE A 202 13.07 -29.48 -12.96
N GLN A 203 13.07 -29.25 -11.65
CA GLN A 203 14.22 -28.70 -10.93
C GLN A 203 14.99 -29.76 -10.15
N GLU A 204 14.27 -30.67 -9.50
CA GLU A 204 14.89 -31.72 -8.69
C GLU A 204 13.99 -32.94 -8.74
N GLU A 205 14.56 -34.08 -9.07
CA GLU A 205 13.82 -35.35 -9.02
C GLU A 205 14.32 -36.11 -7.80
N GLY A 206 13.75 -35.80 -6.65
CA GLY A 206 14.10 -36.47 -5.41
C GLY A 206 13.54 -37.87 -5.34
N ASP A 207 13.83 -38.53 -4.22
CA ASP A 207 13.28 -39.85 -3.94
C ASP A 207 11.79 -39.79 -3.61
N HIS A 208 11.33 -38.69 -3.00
CA HIS A 208 9.98 -38.64 -2.46
C HIS A 208 9.18 -37.46 -3.00
N TYR A 209 9.64 -36.84 -4.09
CA TYR A 209 9.03 -35.63 -4.62
C TYR A 209 9.71 -35.27 -5.93
N THR A 210 8.98 -34.54 -6.78
CA THR A 210 9.52 -33.94 -7.99
C THR A 210 9.22 -32.45 -7.97
N LEU A 211 10.27 -31.62 -8.03
CA LEU A 211 10.14 -30.16 -7.93
C LEU A 211 10.10 -29.55 -9.33
N TYR A 212 8.99 -28.91 -9.66
CA TYR A 212 8.80 -28.21 -10.94
C TYR A 212 8.74 -26.70 -10.70
N GLY A 213 9.33 -25.93 -11.62
CA GLY A 213 9.26 -24.49 -11.49
C GLY A 213 10.12 -23.67 -12.41
N LYS A 214 9.75 -22.40 -12.59
CA LYS A 214 10.52 -21.45 -13.39
C LYS A 214 10.87 -20.23 -12.54
N THR A 215 12.08 -19.71 -12.74
CA THR A 215 12.53 -18.51 -12.05
C THR A 215 12.30 -17.30 -12.93
N GLY A 216 12.42 -16.13 -12.30
CA GLY A 216 12.41 -14.86 -12.99
C GLY A 216 13.17 -13.84 -12.15
N THR A 217 13.95 -12.97 -12.82
CA THR A 217 14.83 -12.06 -12.11
C THR A 217 15.01 -10.78 -12.91
N ASP A 218 15.01 -9.66 -12.17
CA ASP A 218 15.51 -8.38 -12.68
C ASP A 218 14.94 -7.23 -11.89
N TYR A 219 15.68 -6.13 -11.83
CA TYR A 219 15.24 -4.91 -11.14
C TYR A 219 14.84 -5.21 -9.69
N GLY A 220 15.70 -5.98 -9.02
CA GLY A 220 15.46 -6.32 -7.62
C GLY A 220 14.12 -6.99 -7.35
N LEU A 221 13.70 -7.88 -8.24
CA LEU A 221 12.45 -8.61 -8.10
C LEU A 221 12.67 -10.03 -8.57
N GLY A 222 12.25 -11.00 -7.76
CA GLY A 222 12.49 -12.40 -8.08
C GLY A 222 11.23 -13.24 -8.13
N TRP A 223 11.09 -14.05 -9.19
CA TRP A 223 9.96 -14.95 -9.34
C TRP A 223 10.39 -16.39 -9.19
N PHE A 224 9.54 -17.19 -8.56
CA PHE A 224 9.62 -18.65 -8.66
C PHE A 224 8.20 -19.14 -8.71
N VAL A 225 7.85 -19.86 -9.78
CA VAL A 225 6.50 -20.38 -9.98
C VAL A 225 6.61 -21.82 -10.47
N GLY A 226 5.80 -22.70 -9.91
CA GLY A 226 5.86 -24.10 -10.29
C GLY A 226 4.95 -24.94 -9.43
N PHE A 227 5.35 -26.20 -9.26
CA PHE A 227 4.57 -27.12 -8.44
C PHE A 227 5.46 -28.26 -7.98
N ILE A 228 4.95 -29.03 -7.03
CA ILE A 228 5.67 -30.12 -6.38
C ILE A 228 4.69 -31.27 -6.22
N THR A 229 5.18 -32.48 -6.46
CA THR A 229 4.39 -33.70 -6.29
C THR A 229 5.09 -34.60 -5.28
N THR A 230 4.30 -35.22 -4.40
CA THR A 230 4.76 -36.29 -3.52
C THR A 230 3.94 -37.54 -3.80
N ASP A 231 4.00 -38.51 -2.90
CA ASP A 231 3.13 -39.68 -3.02
C ASP A 231 1.77 -39.32 -2.43
N ASN A 232 0.78 -39.13 -3.30
CA ASN A 232 -0.57 -38.77 -2.92
C ASN A 232 -0.76 -37.28 -2.68
N HIS A 233 0.18 -36.44 -3.10
CA HIS A 233 0.01 -35.00 -2.94
C HIS A 233 0.71 -34.25 -4.05
N SER A 234 0.15 -33.09 -4.40
CA SER A 234 0.80 -32.16 -5.32
C SER A 234 0.30 -30.74 -5.00
N TYR A 235 1.18 -29.75 -5.14
CA TYR A 235 0.89 -28.38 -4.72
C TYR A 235 1.38 -27.37 -5.75
N ILE A 236 0.59 -26.32 -5.95
CA ILE A 236 1.02 -25.18 -6.75
C ILE A 236 1.48 -24.08 -5.81
N PHE A 237 2.64 -23.48 -6.12
CA PHE A 237 3.20 -22.39 -5.34
C PHE A 237 3.62 -21.25 -6.26
N VAL A 238 3.73 -20.05 -5.68
CA VAL A 238 4.30 -18.89 -6.35
C VAL A 238 4.96 -18.01 -5.31
N THR A 239 6.27 -17.84 -5.42
CA THR A 239 7.04 -16.95 -4.58
C THR A 239 7.38 -15.69 -5.36
N ASN A 240 7.21 -14.53 -4.72
CA ASN A 240 7.59 -13.26 -5.33
C ASN A 240 8.16 -12.35 -4.25
N VAL A 241 9.39 -11.86 -4.48
CA VAL A 241 10.13 -11.20 -3.40
C VAL A 241 11.06 -10.12 -3.96
N ASP A 242 11.46 -9.19 -3.08
CA ASP A 242 12.42 -8.13 -3.40
C ASP A 242 13.85 -8.66 -3.35
N ALA A 243 14.08 -9.80 -3.97
CA ALA A 243 15.43 -10.30 -4.18
C ALA A 243 15.43 -11.00 -5.54
N SER A 244 16.43 -11.79 -5.82
CA SER A 244 16.49 -12.46 -7.10
C SER A 244 15.59 -13.66 -7.28
N GLY A 245 15.69 -14.29 -8.42
CA GLY A 245 14.94 -15.48 -8.69
C GLY A 245 15.44 -16.65 -7.87
N THR A 246 16.74 -16.77 -7.81
CA THR A 246 17.43 -17.75 -7.04
C THR A 246 17.03 -17.55 -5.58
N ALA A 247 16.96 -16.32 -5.12
CA ALA A 247 16.45 -16.07 -3.77
C ALA A 247 14.99 -16.50 -3.65
N ALA A 248 14.21 -16.30 -4.73
CA ALA A 248 12.81 -16.71 -4.71
C ALA A 248 12.69 -18.24 -4.69
N LYS A 249 13.55 -18.93 -5.43
CA LYS A 249 13.51 -20.39 -5.39
C LYS A 249 13.99 -20.93 -4.05
N ASN A 250 15.02 -20.31 -3.48
CA ASN A 250 15.53 -20.80 -2.21
C ASN A 250 14.56 -20.55 -1.07
N ILE A 251 13.76 -19.49 -1.15
CA ILE A 251 12.68 -19.30 -0.19
C ILE A 251 11.63 -20.40 -0.35
N THR A 252 11.23 -20.67 -1.59
CA THR A 252 10.22 -21.69 -1.86
C THR A 252 10.66 -23.05 -1.33
N THR A 253 11.86 -23.50 -1.72
CA THR A 253 12.31 -24.82 -1.27
C THR A 253 12.50 -24.86 0.23
N ASP A 254 12.74 -23.71 0.86
CA ASP A 254 12.81 -23.68 2.31
C ASP A 254 11.41 -23.80 2.92
N ILE A 255 10.43 -23.08 2.39
CA ILE A 255 9.07 -23.25 2.87
C ILE A 255 8.62 -24.70 2.70
N LEU A 256 8.88 -25.27 1.53
CA LEU A 256 8.46 -26.65 1.28
C LEU A 256 9.20 -27.64 2.16
N LYS A 257 10.44 -27.34 2.56
CA LYS A 257 11.14 -28.23 3.48
C LYS A 257 10.55 -28.15 4.88
N LYS A 258 10.11 -26.96 5.29
CA LYS A 258 9.56 -26.79 6.62
C LYS A 258 8.25 -27.53 6.81
N TYR A 259 7.60 -27.93 5.72
CA TYR A 259 6.32 -28.64 5.80
C TYR A 259 6.45 -30.05 5.21
N HIS A 260 7.59 -30.65 5.37
CA HIS A 260 7.84 -31.99 4.95
C HIS A 260 7.55 -32.31 3.51
N LEU A 261 7.50 -31.30 2.67
CA LEU A 261 7.25 -31.56 1.26
C LEU A 261 8.49 -31.93 0.50
N ILE A 262 9.63 -31.39 0.87
CA ILE A 262 10.86 -31.70 0.20
C ILE A 262 11.72 -32.34 1.26
N THR A 263 12.33 -33.46 0.95
CA THR A 263 13.20 -34.16 1.84
C THR A 263 14.29 -34.64 0.96
N ASN A 264 14.29 -35.89 0.62
CA ASN A 264 15.27 -36.42 -0.24
C ASN A 264 14.69 -37.33 -1.29
N SER B 31 -5.86 21.75 37.49
CA SER B 31 -5.58 21.49 36.08
C SER B 31 -5.43 20.00 35.82
N VAL B 32 -5.33 19.64 34.53
CA VAL B 32 -5.41 18.26 34.06
C VAL B 32 -4.02 17.73 33.76
N ASN B 33 -3.76 16.51 34.22
CA ASN B 33 -2.53 15.78 33.91
C ASN B 33 -2.81 14.92 32.69
N VAL B 34 -2.28 15.33 31.54
CA VAL B 34 -2.54 14.61 30.29
C VAL B 34 -1.84 13.27 30.26
N SER B 35 -0.85 13.06 31.12
CA SER B 35 -0.20 11.75 31.16
C SER B 35 -1.15 10.67 31.67
N LYS B 36 -2.05 11.02 32.59
CA LYS B 36 -3.02 10.07 33.14
C LYS B 36 -4.34 10.06 32.36
N LEU B 37 -4.33 10.43 31.09
CA LEU B 37 -5.56 10.47 30.32
C LEU B 37 -6.01 9.08 29.91
N ASN B 38 -7.32 8.93 29.74
CA ASN B 38 -7.90 7.68 29.28
C ASN B 38 -9.15 7.99 28.47
N VAL B 39 -9.18 7.55 27.20
CA VAL B 39 -10.31 7.86 26.35
C VAL B 39 -10.82 6.61 25.64
N ASP B 40 -10.53 5.42 26.19
CA ASP B 40 -10.92 4.19 25.52
C ASP B 40 -12.39 4.17 25.16
N GLU B 41 -13.23 4.79 26.00
CA GLU B 41 -14.68 4.67 25.82
C GLU B 41 -15.19 5.38 24.57
N PHE B 42 -14.47 6.37 24.05
CA PHE B 42 -14.89 7.09 22.85
C PHE B 42 -14.44 6.42 21.56
N PHE B 43 -13.59 5.44 21.62
CA PHE B 43 -13.11 4.73 20.46
C PHE B 43 -13.55 3.30 20.49
N LYS B 44 -14.66 2.98 21.10
CA LYS B 44 -15.12 1.62 21.20
C LYS B 44 -15.69 0.95 19.93
N ASP B 45 -16.34 1.70 19.09
CA ASP B 45 -16.91 1.14 17.92
C ASP B 45 -16.06 1.32 16.69
N ARG B 46 -15.04 2.16 16.76
CA ARG B 46 -14.17 2.43 15.65
C ARG B 46 -12.71 2.51 15.95
N ASP B 47 -11.89 2.11 15.00
CA ASP B 47 -10.47 2.36 15.11
C ASP B 47 -10.20 3.85 14.99
N GLY B 48 -9.27 4.34 15.80
CA GLY B 48 -8.98 5.76 15.79
C GLY B 48 -7.76 6.05 16.63
N THR B 49 -7.33 7.30 16.57
CA THR B 49 -6.20 7.77 17.35
C THR B 49 -6.58 9.14 17.87
N PHE B 50 -6.00 9.48 19.02
CA PHE B 50 -6.23 10.77 19.64
C PHE B 50 -4.93 11.24 20.27
N ILE B 51 -4.60 12.52 20.08
CA ILE B 51 -3.42 13.11 20.69
C ILE B 51 -3.82 14.42 21.34
N LEU B 52 -3.44 14.58 22.61
CA LEU B 52 -3.61 15.83 23.33
C LEU B 52 -2.27 16.21 23.90
N HIS B 53 -1.75 17.38 23.51
CA HIS B 53 -0.48 17.88 23.99
C HIS B 53 -0.70 19.09 24.87
N ASP B 54 -0.10 19.08 26.05
CA ASP B 54 -0.21 20.16 27.03
C ASP B 54 0.86 21.20 26.72
N VAL B 55 0.43 22.41 26.37
CA VAL B 55 1.37 23.41 25.85
C VAL B 55 2.36 23.83 26.93
N GLN B 56 1.83 24.23 28.10
CA GLN B 56 2.69 24.76 29.16
C GLN B 56 3.54 23.66 29.80
N LYS B 57 2.94 22.52 30.14
CA LYS B 57 3.67 21.44 30.77
C LYS B 57 4.44 20.58 29.78
N ASP B 58 4.22 20.79 28.48
CA ASP B 58 4.95 20.06 27.44
C ASP B 58 4.83 18.54 27.61
N LYS B 59 3.59 18.09 27.82
CA LYS B 59 3.29 16.66 27.90
C LYS B 59 2.26 16.29 26.83
N THR B 60 2.42 15.11 26.25
CA THR B 60 1.60 14.64 25.15
C THR B 60 0.96 13.30 25.49
N PHE B 61 -0.35 13.22 25.40
CA PHE B 61 -1.06 11.95 25.52
C PHE B 61 -1.35 11.41 24.12
N ILE B 62 -1.22 10.10 23.95
CA ILE B 62 -1.40 9.46 22.64
C ILE B 62 -2.20 8.17 22.83
N TYR B 63 -3.41 8.12 22.28
CA TYR B 63 -4.17 6.88 22.22
C TYR B 63 -3.98 6.25 20.84
N ASN B 64 -3.63 4.97 20.83
CA ASN B 64 -3.34 4.25 19.59
C ASN B 64 -2.03 4.74 19.00
N GLU B 65 -0.91 4.36 19.64
CA GLU B 65 0.41 4.79 19.19
C GLU B 65 0.62 4.54 17.69
N SER B 66 0.31 3.31 17.26
CA SER B 66 0.61 2.91 15.89
C SER B 66 -0.14 3.76 14.88
N ARG B 67 -1.47 3.80 14.99
CA ARG B 67 -2.27 4.57 14.03
C ARG B 67 -1.88 6.04 14.04
N ALA B 68 -1.46 6.58 15.19
CA ALA B 68 -1.02 7.97 15.21
C ALA B 68 0.13 8.19 14.23
N LYS B 69 0.93 7.15 13.97
CA LYS B 69 2.10 7.28 13.11
C LYS B 69 1.80 7.09 11.63
N GLU B 70 0.67 6.46 11.28
CA GLU B 70 0.41 6.11 9.89
C GLU B 70 -0.07 7.33 9.11
N ARG B 71 0.55 7.56 7.97
CA ARG B 71 0.25 8.73 7.15
C ARG B 71 -1.01 8.49 6.33
N GLN B 72 -1.86 9.52 6.26
CA GLN B 72 -3.09 9.43 5.50
C GLN B 72 -3.33 10.76 4.78
N THR B 73 -4.27 10.77 3.88
CA THR B 73 -4.64 11.98 3.20
C THR B 73 -5.25 12.89 4.19
N PRO B 74 -4.87 14.15 4.15
CA PRO B 74 -5.34 15.16 5.08
C PRO B 74 -6.75 15.70 4.86
N GLN B 75 -7.36 15.46 3.72
CA GLN B 75 -8.66 15.95 3.35
C GLN B 75 -8.73 17.44 3.43
N SER B 76 -9.70 17.93 4.17
CA SER B 76 -9.92 19.30 4.35
C SER B 76 -9.12 19.87 5.48
N THR B 77 -8.24 19.12 6.10
CA THR B 77 -7.35 19.70 7.08
C THR B 77 -6.25 20.48 6.36
N PHE B 78 -6.00 20.21 5.09
CA PHE B 78 -5.10 20.94 4.27
C PHE B 78 -5.50 22.40 4.11
N KCX B 79 -6.73 22.76 4.41
CA KCX B 79 -7.18 24.15 4.28
CB KCX B 79 -8.70 24.25 4.51
CG KCX B 79 -9.54 23.60 3.39
CD KCX B 79 -10.99 24.08 3.43
CE KCX B 79 -11.77 23.70 2.18
NZ KCX B 79 -11.70 22.25 1.93
C KCX B 79 -6.43 25.06 5.26
O KCX B 79 -6.29 26.26 5.00
CX KCX B 79 -10.78 21.82 1.09
OQ1 KCX B 79 -10.66 20.61 0.84
OQ2 KCX B 79 -10.03 22.65 0.54
N VAL B 80 -5.95 24.50 6.36
CA VAL B 80 -5.21 25.31 7.31
C VAL B 80 -3.94 25.85 6.64
N PRO B 81 -3.10 24.97 6.08
CA PRO B 81 -1.87 25.47 5.45
C PRO B 81 -2.11 26.08 4.09
N ASN B 82 -3.02 25.51 3.30
CA ASN B 82 -3.33 26.10 2.00
C ASN B 82 -3.73 27.56 2.15
N ALA B 83 -4.47 27.89 3.21
CA ALA B 83 -4.80 29.29 3.46
C ALA B 83 -3.57 30.10 3.84
N LEU B 84 -2.69 29.54 4.66
CA LEU B 84 -1.46 30.26 5.01
C LEU B 84 -0.64 30.53 3.76
N ILE B 85 -0.41 29.51 2.94
CA ILE B 85 0.32 29.67 1.69
C ILE B 85 -0.39 30.64 0.76
N GLY B 86 -1.72 30.62 0.77
CA GLY B 86 -2.47 31.55 -0.05
C GLY B 86 -2.30 33.00 0.37
N LEU B 87 -2.47 33.27 1.67
CA LEU B 87 -2.30 34.63 2.16
C LEU B 87 -0.87 35.11 1.96
N GLN B 88 0.10 34.28 2.32
CA GLN B 88 1.51 34.68 2.24
C GLN B 88 1.89 35.15 0.84
N VAL B 89 1.46 34.44 -0.19
CA VAL B 89 1.83 34.77 -1.56
C VAL B 89 0.72 35.54 -2.28
N LYS B 90 -0.18 36.16 -1.53
CA LYS B 90 -1.17 37.10 -2.08
C LYS B 90 -2.02 36.51 -3.21
N ALA B 91 -2.25 35.20 -3.21
CA ALA B 91 -3.31 34.66 -4.05
C ALA B 91 -4.69 34.96 -3.49
N VAL B 92 -4.78 35.36 -2.22
CA VAL B 92 -5.99 35.90 -1.64
C VAL B 92 -5.57 37.07 -0.76
N ARG B 93 -6.49 38.03 -0.60
CA ARG B 93 -6.15 39.27 0.08
C ARG B 93 -6.20 39.09 1.59
N ASP B 94 -7.35 38.64 2.11
CA ASP B 94 -7.55 38.42 3.53
C ASP B 94 -8.54 37.28 3.73
N GLU B 95 -9.23 37.25 4.86
CA GLU B 95 -10.22 36.21 5.12
C GLU B 95 -11.58 36.53 4.51
N TYR B 96 -11.76 37.72 3.95
CA TYR B 96 -13.00 38.13 3.31
C TYR B 96 -12.92 38.18 1.78
N ASP B 97 -11.81 37.69 1.20
CA ASP B 97 -11.67 37.53 -0.24
C ASP B 97 -12.83 36.74 -0.84
N VAL B 98 -13.77 37.45 -1.47
CA VAL B 98 -14.96 36.81 -2.03
C VAL B 98 -14.62 36.15 -3.35
N LYS B 99 -14.91 34.85 -3.46
CA LYS B 99 -14.99 34.16 -4.74
C LYS B 99 -16.46 33.88 -5.01
N ARG B 100 -16.95 34.42 -6.12
CA ARG B 100 -18.38 34.31 -6.40
C ARG B 100 -18.73 32.88 -6.84
N TRP B 101 -19.93 32.46 -6.48
CA TRP B 101 -20.43 31.16 -6.91
C TRP B 101 -20.61 31.13 -8.41
N ASP B 102 -20.05 30.11 -9.06
CA ASP B 102 -20.16 29.98 -10.50
C ASP B 102 -21.55 29.52 -10.96
N GLY B 103 -22.40 29.05 -10.04
CA GLY B 103 -23.77 28.68 -10.37
C GLY B 103 -24.05 27.20 -10.44
N THR B 104 -23.03 26.35 -10.46
CA THR B 104 -23.27 24.91 -10.41
C THR B 104 -23.72 24.48 -9.02
N GLU B 105 -24.65 23.54 -8.95
CA GLU B 105 -25.15 23.03 -7.68
C GLU B 105 -24.32 21.82 -7.25
N ARG B 106 -23.60 21.95 -6.15
CA ARG B 106 -22.76 20.87 -5.66
C ARG B 106 -23.49 20.11 -4.56
N GLU B 107 -22.81 19.14 -3.97
CA GLU B 107 -23.38 18.27 -2.95
CA GLU B 107 -23.42 18.26 -2.98
C GLU B 107 -24.17 19.04 -1.90
N PHE B 108 -23.45 19.83 -1.09
CA PHE B 108 -24.02 20.47 0.09
C PHE B 108 -24.57 21.86 -0.23
N GLU B 109 -25.74 22.16 0.36
CA GLU B 109 -26.35 23.47 0.17
C GLU B 109 -25.39 24.61 0.54
N SER B 110 -24.66 24.45 1.64
CA SER B 110 -23.75 25.49 2.07
C SER B 110 -22.69 25.82 1.02
N TRP B 111 -22.47 24.96 0.03
CA TRP B 111 -21.50 25.22 -1.04
C TRP B 111 -22.07 25.99 -2.21
N ASN B 112 -23.39 26.21 -2.25
CA ASN B 112 -24.03 26.82 -3.41
C ASN B 112 -24.32 28.31 -3.16
N ARG B 113 -23.25 29.06 -2.97
CA ARG B 113 -23.37 30.51 -2.75
C ARG B 113 -21.95 31.07 -2.69
N ASP B 114 -21.86 32.39 -2.68
CA ASP B 114 -20.56 33.06 -2.66
C ASP B 114 -19.83 32.73 -1.38
N HIS B 115 -18.49 32.77 -1.44
CA HIS B 115 -17.67 32.35 -0.29
C HIS B 115 -16.38 33.15 -0.22
N THR B 116 -15.86 33.29 0.99
CA THR B 116 -14.53 33.85 1.24
C THR B 116 -13.63 32.78 1.84
N LEU B 117 -12.34 33.13 1.96
CA LEU B 117 -11.39 32.23 2.63
C LEU B 117 -11.95 31.75 3.97
N GLY B 118 -12.17 32.68 4.89
CA GLY B 118 -12.65 32.30 6.21
C GLY B 118 -13.95 31.51 6.17
N SER B 119 -14.86 31.88 5.25
CA SER B 119 -16.14 31.18 5.19
C SER B 119 -15.99 29.80 4.57
N ALA B 120 -15.05 29.64 3.64
CA ALA B 120 -14.91 28.36 2.95
C ALA B 120 -14.15 27.35 3.81
N MET B 121 -13.31 27.82 4.74
CA MET B 121 -12.76 26.92 5.73
C MET B 121 -13.82 26.49 6.73
N ARG B 122 -14.73 27.39 7.08
CA ARG B 122 -15.77 27.05 8.05
C ARG B 122 -16.66 25.93 7.54
N ASP B 123 -17.25 26.12 6.36
CA ASP B 123 -18.12 25.11 5.75
C ASP B 123 -17.38 24.15 4.83
N SER B 124 -16.05 24.06 4.96
CA SER B 124 -15.23 23.18 4.13
C SER B 124 -15.62 23.26 2.65
N VAL B 125 -15.68 24.48 2.13
CA VAL B 125 -16.08 24.67 0.74
C VAL B 125 -14.89 24.31 -0.14
N ILE B 126 -14.98 23.16 -0.81
CA ILE B 126 -13.81 22.60 -1.48
C ILE B 126 -13.51 23.37 -2.76
N TRP B 127 -14.54 23.88 -3.42
CA TRP B 127 -14.29 24.54 -4.69
C TRP B 127 -13.57 25.87 -4.48
N TYR B 128 -13.82 26.55 -3.37
CA TYR B 128 -13.10 27.80 -3.15
C TYR B 128 -11.60 27.56 -3.11
N TYR B 129 -11.18 26.48 -2.42
CA TYR B 129 -9.75 26.28 -2.20
C TYR B 129 -9.07 25.67 -3.42
N GLN B 130 -9.79 24.90 -4.24
CA GLN B 130 -9.25 24.45 -5.53
C GLN B 130 -8.89 25.65 -6.41
N ALA B 131 -9.82 26.60 -6.53
CA ALA B 131 -9.53 27.82 -7.29
C ALA B 131 -8.32 28.56 -6.72
N MET B 132 -8.26 28.72 -5.39
CA MET B 132 -7.11 29.38 -4.78
C MET B 132 -5.83 28.59 -5.03
N ALA B 133 -5.87 27.28 -4.82
CA ALA B 133 -4.68 26.45 -5.04
C ALA B 133 -4.23 26.48 -6.50
N ARG B 134 -5.16 26.65 -7.44
CA ARG B 134 -4.74 26.80 -8.83
C ARG B 134 -4.04 28.13 -9.05
N ASP B 135 -4.37 29.15 -8.26
CA ASP B 135 -3.64 30.41 -8.35
C ASP B 135 -2.28 30.33 -7.64
N ILE B 136 -2.16 29.49 -6.61
CA ILE B 136 -0.85 29.31 -5.98
C ILE B 136 0.15 28.75 -6.99
N GLY B 137 -0.23 27.69 -7.70
CA GLY B 137 0.61 27.11 -8.73
C GLY B 137 1.50 26.02 -8.22
N GLU B 138 1.76 24.99 -9.02
CA GLU B 138 2.54 23.86 -8.52
C GLU B 138 3.88 24.33 -7.99
N ASP B 139 4.55 25.24 -8.70
CA ASP B 139 5.86 25.71 -8.28
C ASP B 139 5.85 26.21 -6.84
N ARG B 140 4.93 27.12 -6.52
CA ARG B 140 4.97 27.75 -5.21
C ARG B 140 4.40 26.84 -4.13
N MET B 141 3.42 26.00 -4.46
CA MET B 141 3.00 24.98 -3.51
C MET B 141 4.17 24.08 -3.15
N LYS B 142 4.93 23.66 -4.17
CA LYS B 142 6.07 22.77 -3.93
C LYS B 142 7.05 23.41 -2.95
N ASP B 143 7.29 24.71 -3.09
CA ASP B 143 8.24 25.37 -2.19
C ASP B 143 7.74 25.37 -0.75
N TRP B 144 6.51 25.83 -0.53
CA TRP B 144 6.10 26.09 0.85
C TRP B 144 5.83 24.79 1.60
N LEU B 145 5.22 23.80 0.95
CA LEU B 145 5.13 22.49 1.58
C LEU B 145 6.49 22.04 2.06
N HIS B 146 7.52 22.20 1.22
CA HIS B 146 8.86 21.85 1.66
C HIS B 146 9.34 22.77 2.77
N ARG B 147 8.95 24.04 2.72
CA ARG B 147 9.41 24.98 3.73
C ARG B 147 8.81 24.69 5.10
N ILE B 148 7.61 24.11 5.15
CA ILE B 148 6.98 23.75 6.42
C ILE B 148 7.00 22.25 6.67
N SER B 149 7.56 21.46 5.76
CA SER B 149 7.75 20.03 5.94
C SER B 149 6.43 19.33 6.28
N TYR B 150 5.42 19.57 5.44
CA TYR B 150 4.08 19.02 5.66
C TYR B 150 4.02 17.62 5.06
N GLY B 151 3.96 16.61 5.91
CA GLY B 151 3.81 15.25 5.43
C GLY B 151 4.89 14.89 4.42
N ASN B 152 4.51 14.12 3.41
CA ASN B 152 5.39 13.75 2.33
C ASN B 152 5.37 14.76 1.17
N GLU B 153 4.64 15.86 1.32
CA GLU B 153 4.66 16.99 0.39
C GLU B 153 4.37 16.57 -1.06
N ASP B 154 3.90 15.35 -1.27
CA ASP B 154 3.61 14.84 -2.61
C ASP B 154 2.37 15.54 -3.17
N ILE B 155 2.57 16.44 -4.13
CA ILE B 155 1.47 17.08 -4.85
C ILE B 155 1.33 16.54 -6.28
N SER B 156 1.90 15.37 -6.54
CA SER B 156 1.82 14.78 -7.87
C SER B 156 0.38 14.46 -8.27
N GLY B 157 -0.55 14.44 -7.31
CA GLY B 157 -1.92 14.15 -7.64
C GLY B 157 -2.64 15.24 -8.41
N GLY B 158 -2.01 16.40 -8.59
CA GLY B 158 -2.68 17.49 -9.28
C GLY B 158 -2.84 18.71 -8.40
N ILE B 159 -2.62 19.89 -8.97
CA ILE B 159 -2.54 21.12 -8.19
C ILE B 159 -3.80 21.32 -7.35
N ASP B 160 -4.96 20.89 -7.85
CA ASP B 160 -6.21 21.07 -7.13
C ASP B 160 -6.83 19.76 -6.69
N GLN B 161 -6.05 18.68 -6.68
CA GLN B 161 -6.54 17.39 -6.25
C GLN B 161 -5.67 16.68 -5.21
N PHE B 162 -4.46 17.17 -4.93
CA PHE B 162 -3.48 16.35 -4.24
C PHE B 162 -3.84 16.06 -2.78
N TRP B 163 -4.70 16.88 -2.16
CA TRP B 163 -5.03 16.69 -0.76
C TRP B 163 -6.37 15.97 -0.56
N LEU B 164 -7.01 15.51 -1.64
CA LEU B 164 -8.33 14.90 -1.60
C LEU B 164 -8.21 13.46 -2.09
N GLN B 165 -7.95 12.54 -1.16
CA GLN B 165 -7.83 11.13 -1.48
C GLN B 165 -6.88 10.93 -2.65
N SER B 166 -5.64 11.35 -2.43
CA SER B 166 -4.68 11.42 -3.51
C SER B 166 -3.24 11.24 -3.01
N SER B 167 -2.32 12.03 -3.55
CA SER B 167 -0.91 11.73 -3.38
C SER B 167 -0.34 12.23 -2.06
N LEU B 168 -0.86 13.33 -1.51
CA LEU B 168 -0.28 13.91 -0.32
C LEU B 168 -0.74 13.18 0.94
N LYS B 169 0.21 12.81 1.80
CA LYS B 169 -0.09 12.03 2.99
C LYS B 169 0.71 12.55 4.18
N ILE B 170 0.03 12.73 5.32
CA ILE B 170 0.63 13.22 6.55
C ILE B 170 0.07 12.40 7.69
N SER B 171 0.85 12.27 8.77
CA SER B 171 0.36 11.44 9.86
C SER B 171 -0.27 12.30 10.95
N PRO B 172 -1.20 11.72 11.72
CA PRO B 172 -1.83 12.48 12.82
C PRO B 172 -0.83 13.19 13.72
N LEU B 173 0.28 12.52 14.07
CA LEU B 173 1.29 13.18 14.88
C LEU B 173 1.90 14.37 14.14
N GLU B 174 2.13 14.21 12.83
CA GLU B 174 2.65 15.32 12.03
C GLU B 174 1.70 16.51 12.06
N GLU B 175 0.41 16.27 11.79
CA GLU B 175 -0.59 17.33 11.93
C GLU B 175 -0.51 17.99 13.30
N LYS B 176 -0.38 17.20 14.36
CA LYS B 176 -0.20 17.76 15.70
C LYS B 176 0.96 18.76 15.74
N ASP B 177 2.10 18.38 15.21
CA ASP B 177 3.25 19.25 15.19
C ASP B 177 3.03 20.45 14.34
N PHE B 178 2.45 20.30 13.17
CA PHE B 178 2.16 21.47 12.34
C PHE B 178 1.24 22.43 13.08
N ILE B 179 0.12 21.90 13.60
CA ILE B 179 -0.78 22.73 14.39
C ILE B 179 -0.03 23.38 15.54
N GLU B 180 0.88 22.64 16.18
CA GLU B 180 1.62 23.22 17.32
C GLU B 180 2.47 24.40 16.88
N HIS B 181 3.18 24.26 15.75
CA HIS B 181 3.96 25.39 15.23
C HIS B 181 3.04 26.53 14.82
N LEU B 182 1.89 26.20 14.23
CA LEU B 182 0.92 27.25 13.93
C LEU B 182 0.52 28.00 15.19
N TYR B 183 0.23 27.28 16.27
CA TYR B 183 -0.15 27.94 17.53
C TYR B 183 1.00 28.77 18.07
N LYS B 184 2.20 28.18 18.16
CA LYS B 184 3.36 28.90 18.67
C LYS B 184 3.91 29.89 17.67
N GLU B 185 3.48 29.81 16.40
CA GLU B 185 3.85 30.76 15.35
C GLU B 185 5.29 30.59 14.90
N ASP B 186 5.88 29.43 15.15
CA ASP B 186 7.23 29.13 14.70
C ASP B 186 7.22 28.60 13.27
N LEU B 187 6.32 29.10 12.46
CA LEU B 187 6.29 28.76 11.05
C LEU B 187 6.90 29.88 10.23
N PRO B 188 7.34 29.60 8.99
CA PRO B 188 7.97 30.64 8.17
C PRO B 188 6.97 31.57 7.49
N PHE B 189 5.78 31.73 8.06
CA PHE B 189 4.77 32.63 7.55
C PHE B 189 4.78 33.96 8.32
N ASP B 190 4.22 34.99 7.69
CA ASP B 190 4.08 36.27 8.38
C ASP B 190 3.21 36.11 9.62
N LYS B 191 3.59 36.83 10.69
CA LYS B 191 2.86 36.73 11.95
C LYS B 191 1.38 37.05 11.79
N PRO B 192 0.99 38.24 11.35
CA PRO B 192 -0.45 38.51 11.18
C PRO B 192 -1.17 37.55 10.27
N ILE B 193 -0.49 36.86 9.35
CA ILE B 193 -1.17 35.87 8.53
C ILE B 193 -1.56 34.68 9.37
N MET B 194 -0.62 34.18 10.18
CA MET B 194 -0.92 33.12 11.14
C MET B 194 -2.04 33.54 12.09
N LYS B 195 -2.01 34.78 12.58
CA LYS B 195 -3.14 35.26 13.38
C LYS B 195 -4.45 35.13 12.60
N THR B 196 -4.44 35.55 11.33
CA THR B 196 -5.66 35.50 10.52
C THR B 196 -6.16 34.07 10.37
N VAL B 197 -5.26 33.13 10.07
CA VAL B 197 -5.68 31.74 9.86
C VAL B 197 -6.22 31.14 11.16
N LYS B 198 -5.57 31.44 12.29
CA LYS B 198 -6.03 30.88 13.55
C LYS B 198 -7.40 31.42 13.92
N ARG B 199 -7.69 32.68 13.57
CA ARG B 199 -9.04 33.20 13.78
C ARG B 199 -10.04 32.45 12.90
N MET B 200 -9.71 32.26 11.62
CA MET B 200 -10.57 31.47 10.75
C MET B 200 -10.91 30.11 11.35
N MET B 201 -10.14 29.62 12.31
CA MET B 201 -10.35 28.28 12.82
C MET B 201 -11.31 28.22 14.01
N ILE B 202 -11.67 29.37 14.59
CA ILE B 202 -12.51 29.36 15.78
C ILE B 202 -13.81 28.63 15.49
N GLN B 203 -14.20 27.75 16.40
CA GLN B 203 -15.46 27.00 16.31
C GLN B 203 -16.45 27.36 17.40
N GLU B 204 -15.96 27.71 18.58
CA GLU B 204 -16.82 28.13 19.67
C GLU B 204 -15.99 29.05 20.54
N GLU B 205 -16.55 30.19 20.88
CA GLU B 205 -15.93 31.14 21.78
C GLU B 205 -16.79 31.14 23.04
N GLY B 206 -16.39 30.32 24.01
CA GLY B 206 -17.10 30.23 25.27
C GLY B 206 -16.76 31.39 26.18
N ASP B 207 -17.27 31.30 27.41
CA ASP B 207 -16.88 32.27 28.43
C ASP B 207 -15.51 31.94 29.01
N HIS B 208 -15.09 30.66 28.97
CA HIS B 208 -13.87 30.22 29.62
C HIS B 208 -12.93 29.44 28.73
N TYR B 209 -13.26 29.25 27.45
CA TYR B 209 -12.49 28.41 26.55
C TYR B 209 -12.77 28.84 25.11
N THR B 210 -11.75 28.76 24.27
CA THR B 210 -11.87 29.01 22.83
C THR B 210 -11.40 27.77 22.09
N LEU B 211 -12.30 27.14 21.34
CA LEU B 211 -11.99 25.93 20.59
C LEU B 211 -11.67 26.31 19.15
N TYR B 212 -10.53 25.84 18.66
CA TYR B 212 -10.15 26.01 17.25
C TYR B 212 -10.02 24.64 16.61
N GLY B 213 -10.22 24.59 15.30
CA GLY B 213 -9.98 23.34 14.61
C GLY B 213 -10.45 23.39 13.17
N LYS B 214 -10.08 22.33 12.45
CA LYS B 214 -10.49 22.11 11.08
C LYS B 214 -10.76 20.62 10.91
N THR B 215 -11.85 20.30 10.22
CA THR B 215 -12.29 18.93 10.03
C THR B 215 -11.90 18.41 8.66
N GLY B 216 -12.02 17.11 8.50
CA GLY B 216 -11.85 16.46 7.21
C GLY B 216 -12.62 15.16 7.19
N THR B 217 -13.27 14.85 6.07
CA THR B 217 -14.13 13.70 5.96
C THR B 217 -13.82 12.98 4.64
N ASP B 218 -14.65 11.98 4.33
CA ASP B 218 -14.68 11.23 3.08
C ASP B 218 -14.03 9.87 3.22
N TYR B 219 -14.63 8.85 2.61
CA TYR B 219 -14.02 7.52 2.46
C TYR B 219 -13.77 6.85 3.80
N GLY B 220 -14.72 7.02 4.73
CA GLY B 220 -14.59 6.39 6.03
C GLY B 220 -13.48 6.91 6.90
N LEU B 221 -12.91 8.06 6.57
CA LEU B 221 -11.88 8.67 7.39
C LEU B 221 -12.36 10.05 7.84
N GLY B 222 -11.91 10.45 9.02
CA GLY B 222 -12.38 11.70 9.60
C GLY B 222 -11.35 12.37 10.50
N TRP B 223 -11.08 13.64 10.20
CA TRP B 223 -10.00 14.39 10.83
C TRP B 223 -10.58 15.52 11.67
N PHE B 224 -9.98 15.76 12.82
CA PHE B 224 -10.22 17.00 13.57
C PHE B 224 -8.90 17.40 14.22
N VAL B 225 -8.26 18.40 13.64
CA VAL B 225 -7.01 18.95 14.12
C VAL B 225 -7.30 20.36 14.61
N GLY B 226 -6.76 20.70 15.77
CA GLY B 226 -6.92 22.05 16.27
C GLY B 226 -6.29 22.19 17.63
N PHE B 227 -6.65 23.28 18.31
CA PHE B 227 -6.22 23.52 19.68
C PHE B 227 -7.37 24.14 20.46
N ILE B 228 -7.17 24.24 21.78
CA ILE B 228 -8.13 24.87 22.68
C ILE B 228 -7.36 25.69 23.70
N THR B 229 -7.86 26.89 23.99
CA THR B 229 -7.28 27.76 25.01
C THR B 229 -8.32 28.00 26.11
N THR B 230 -7.89 27.84 27.36
CA THR B 230 -8.61 28.31 28.53
C THR B 230 -7.84 29.46 29.16
N ASP B 231 -8.15 29.77 30.41
CA ASP B 231 -7.39 30.77 31.14
C ASP B 231 -6.16 30.09 31.73
N ASN B 232 -4.98 30.43 31.20
CA ASN B 232 -3.68 29.94 31.67
C ASN B 232 -3.37 28.52 31.21
N HIS B 233 -4.10 27.99 30.23
CA HIS B 233 -3.79 26.68 29.67
C HIS B 233 -4.15 26.68 28.20
N SER B 234 -3.47 25.83 27.44
CA SER B 234 -3.83 25.61 26.04
C SER B 234 -3.31 24.24 25.64
N TYR B 235 -4.06 23.59 24.75
CA TYR B 235 -3.76 22.22 24.36
C TYR B 235 -3.89 22.08 22.85
N ILE B 236 -2.95 21.39 22.24
CA ILE B 236 -3.09 20.94 20.87
C ILE B 236 -3.74 19.56 20.90
N PHE B 237 -4.57 19.26 19.89
CA PHE B 237 -5.27 17.99 19.85
C PHE B 237 -5.46 17.55 18.40
N VAL B 238 -5.34 16.26 18.15
CA VAL B 238 -5.61 15.69 16.84
C VAL B 238 -6.40 14.41 17.02
N THR B 239 -7.48 14.28 16.27
CA THR B 239 -8.31 13.08 16.28
C THR B 239 -8.42 12.54 14.86
N ASN B 240 -8.54 11.22 14.75
CA ASN B 240 -8.54 10.53 13.47
C ASN B 240 -9.16 9.16 13.68
N VAL B 241 -10.14 8.79 12.85
CA VAL B 241 -10.99 7.63 13.14
C VAL B 241 -11.68 7.17 11.86
N ASP B 242 -12.14 5.92 11.85
CA ASP B 242 -12.94 5.37 10.75
C ASP B 242 -14.40 5.83 10.84
N ALA B 243 -14.59 7.14 10.72
CA ALA B 243 -15.95 7.69 10.70
C ALA B 243 -15.90 9.04 10.00
N SER B 244 -16.93 9.85 10.20
CA SER B 244 -17.03 11.11 9.49
C SER B 244 -16.19 12.19 10.15
N GLY B 245 -16.03 13.31 9.45
CA GLY B 245 -15.44 14.48 10.08
C GLY B 245 -16.23 14.91 11.30
N THR B 246 -17.55 15.02 11.15
CA THR B 246 -18.43 15.25 12.29
C THR B 246 -18.09 14.32 13.44
N ALA B 247 -18.10 13.01 13.17
CA ALA B 247 -17.73 12.02 14.18
C ALA B 247 -16.45 12.42 14.89
N ALA B 248 -15.40 12.71 14.13
CA ALA B 248 -14.10 12.98 14.74
C ALA B 248 -14.15 14.16 15.70
N LYS B 249 -14.92 15.20 15.34
CA LYS B 249 -15.03 16.39 16.18
C LYS B 249 -15.78 16.10 17.48
N ASN B 250 -16.92 15.40 17.38
CA ASN B 250 -17.68 15.08 18.59
C ASN B 250 -16.89 14.18 19.52
N ILE B 251 -16.02 13.32 18.98
CA ILE B 251 -15.08 12.57 19.81
C ILE B 251 -14.14 13.51 20.52
N THR B 252 -13.64 14.52 19.82
CA THR B 252 -12.70 15.47 20.43
C THR B 252 -13.39 16.30 21.51
N THR B 253 -14.60 16.81 21.25
CA THR B 253 -15.27 17.66 22.23
C THR B 253 -15.81 16.87 23.42
N ASP B 254 -16.16 15.60 23.22
CA ASP B 254 -16.54 14.77 24.36
C ASP B 254 -15.33 14.47 25.24
N ILE B 255 -14.16 14.25 24.63
CA ILE B 255 -12.94 14.09 25.42
C ILE B 255 -12.58 15.41 26.11
N LEU B 256 -12.55 16.51 25.35
CA LEU B 256 -12.16 17.78 25.97
C LEU B 256 -13.12 18.17 27.07
N LYS B 257 -14.42 17.91 26.89
CA LYS B 257 -15.37 18.17 27.96
C LYS B 257 -15.04 17.32 29.19
N LYS B 258 -15.01 16.00 29.01
CA LYS B 258 -14.69 15.07 30.09
C LYS B 258 -13.65 15.64 31.03
N TYR B 259 -12.61 16.27 30.48
CA TYR B 259 -11.48 16.74 31.26
C TYR B 259 -11.57 18.23 31.59
N HIS B 260 -12.75 18.82 31.42
CA HIS B 260 -13.06 20.17 31.92
C HIS B 260 -12.39 21.29 31.14
N LEU B 261 -11.93 21.04 29.91
CA LEU B 261 -11.41 22.12 29.08
C LEU B 261 -12.56 22.89 28.42
N ILE B 262 -13.49 22.18 27.80
CA ILE B 262 -14.73 22.78 27.29
C ILE B 262 -15.76 22.75 28.42
N THR B 263 -16.18 23.93 28.89
CA THR B 263 -17.28 24.05 29.83
C THR B 263 -18.38 24.84 29.13
N ASN B 264 -18.40 26.16 29.25
CA ASN B 264 -19.36 27.01 28.54
C ASN B 264 -18.76 28.40 28.35
N SER C 31 -4.51 -55.99 -10.12
CA SER C 31 -3.45 -55.83 -11.10
C SER C 31 -3.22 -57.12 -11.87
N VAL C 32 -2.51 -57.01 -13.01
CA VAL C 32 -2.28 -58.14 -13.90
C VAL C 32 -1.35 -59.16 -13.25
N ASN C 33 -1.71 -60.43 -13.34
CA ASN C 33 -0.81 -61.53 -12.96
C ASN C 33 0.04 -61.86 -14.19
N VAL C 34 1.32 -61.44 -14.15
CA VAL C 34 2.16 -61.54 -15.34
C VAL C 34 2.55 -62.98 -15.65
N SER C 35 2.53 -63.87 -14.65
CA SER C 35 2.75 -65.29 -14.91
C SER C 35 1.55 -65.96 -15.57
N LYS C 36 0.49 -65.21 -15.84
CA LYS C 36 -0.64 -65.71 -16.62
C LYS C 36 -0.80 -64.97 -17.95
N LEU C 37 0.24 -64.29 -18.43
CA LEU C 37 0.16 -63.58 -19.70
C LEU C 37 0.33 -64.54 -20.87
N ASN C 38 -0.30 -64.17 -21.99
CA ASN C 38 -0.18 -64.95 -23.21
C ASN C 38 -0.01 -63.99 -24.38
N VAL C 39 1.13 -64.08 -25.06
CA VAL C 39 1.49 -63.13 -26.10
C VAL C 39 1.60 -63.79 -27.47
N ASP C 40 1.10 -65.02 -27.61
CA ASP C 40 1.35 -65.81 -28.81
C ASP C 40 0.88 -65.11 -30.08
N GLU C 41 -0.31 -64.51 -30.04
CA GLU C 41 -0.87 -63.90 -31.24
C GLU C 41 -0.04 -62.71 -31.74
N PHE C 42 0.95 -62.26 -30.97
CA PHE C 42 1.83 -61.17 -31.40
C PHE C 42 3.13 -61.65 -32.01
N PHE C 43 3.57 -62.86 -31.66
CA PHE C 43 4.73 -63.49 -32.26
C PHE C 43 4.30 -64.65 -33.16
N LYS C 44 3.18 -64.48 -33.85
CA LYS C 44 2.70 -65.48 -34.80
C LYS C 44 3.32 -65.20 -36.17
N ASP C 45 4.16 -66.13 -36.63
CA ASP C 45 4.95 -65.97 -37.84
C ASP C 45 6.12 -65.02 -37.63
N ARG C 46 6.50 -64.79 -36.37
CA ARG C 46 7.71 -64.06 -36.01
C ARG C 46 8.53 -64.94 -35.06
N ASP C 47 9.83 -64.70 -35.04
CA ASP C 47 10.73 -65.39 -34.11
C ASP C 47 11.25 -64.33 -33.14
N GLY C 48 10.69 -64.32 -31.94
CA GLY C 48 11.10 -63.32 -30.98
C GLY C 48 10.96 -63.83 -29.57
N THR C 49 11.25 -62.95 -28.63
CA THR C 49 11.10 -63.23 -27.22
C THR C 49 10.48 -62.01 -26.56
N PHE C 50 9.89 -62.23 -25.38
CA PHE C 50 9.27 -61.14 -24.65
C PHE C 50 9.43 -61.38 -23.17
N ILE C 51 9.80 -60.34 -22.43
CA ILE C 51 10.04 -60.41 -21.00
C ILE C 51 9.26 -59.29 -20.35
N LEU C 52 8.57 -59.62 -19.26
CA LEU C 52 7.79 -58.65 -18.50
C LEU C 52 7.98 -58.97 -17.03
N HIS C 53 8.67 -58.08 -16.31
CA HIS C 53 8.94 -58.26 -14.89
C HIS C 53 8.06 -57.31 -14.09
N ASP C 54 7.13 -57.86 -13.32
CA ASP C 54 6.43 -57.09 -12.31
C ASP C 54 7.44 -56.70 -11.23
N VAL C 55 7.68 -55.40 -11.06
CA VAL C 55 8.69 -54.96 -10.10
C VAL C 55 8.27 -55.32 -8.68
N GLN C 56 7.04 -54.97 -8.30
CA GLN C 56 6.61 -55.10 -6.91
C GLN C 56 6.35 -56.55 -6.55
N LYS C 57 5.56 -57.25 -7.36
CA LYS C 57 5.29 -58.65 -7.08
C LYS C 57 6.46 -59.56 -7.41
N ASP C 58 7.54 -59.01 -7.96
CA ASP C 58 8.75 -59.76 -8.33
C ASP C 58 8.37 -61.05 -9.09
N LYS C 59 7.75 -60.87 -10.25
CA LYS C 59 7.39 -61.99 -11.10
C LYS C 59 7.70 -61.63 -12.54
N THR C 60 8.35 -62.56 -13.25
CA THR C 60 8.88 -62.33 -14.60
C THR C 60 8.27 -63.35 -15.56
N PHE C 61 7.37 -62.90 -16.43
CA PHE C 61 6.93 -63.69 -17.56
C PHE C 61 7.99 -63.67 -18.66
N ILE C 62 8.20 -64.79 -19.32
CA ILE C 62 9.11 -64.86 -20.42
C ILE C 62 8.52 -65.68 -21.55
N TYR C 63 8.35 -65.11 -22.72
CA TYR C 63 7.89 -65.88 -23.87
C TYR C 63 9.11 -66.16 -24.71
N ASN C 64 9.35 -67.43 -25.00
CA ASN C 64 10.53 -67.97 -25.72
C ASN C 64 11.83 -67.82 -24.92
N GLU C 65 12.13 -68.81 -24.09
CA GLU C 65 13.29 -68.81 -23.20
C GLU C 65 14.61 -69.18 -23.79
N SER C 66 14.65 -69.70 -24.98
CA SER C 66 15.92 -70.00 -25.55
C SER C 66 16.49 -68.69 -25.98
N ARG C 67 15.76 -68.04 -26.87
CA ARG C 67 16.11 -66.77 -27.43
C ARG C 67 16.31 -65.74 -26.35
N ALA C 68 15.52 -65.79 -25.30
CA ALA C 68 15.73 -64.85 -24.21
C ALA C 68 17.15 -64.95 -23.65
N LYS C 69 17.79 -66.11 -23.77
CA LYS C 69 19.14 -66.29 -23.23
C LYS C 69 20.24 -65.99 -24.24
N GLU C 70 19.90 -65.83 -25.53
CA GLU C 70 20.90 -65.70 -26.58
C GLU C 70 21.47 -64.29 -26.62
N ARG C 71 22.79 -64.18 -26.49
CA ARG C 71 23.42 -62.87 -26.59
C ARG C 71 23.42 -62.39 -28.03
N GLN C 72 23.09 -61.12 -28.21
CA GLN C 72 22.98 -60.52 -29.53
C GLN C 72 23.47 -59.08 -29.47
N THR C 73 23.87 -58.56 -30.64
CA THR C 73 24.37 -57.19 -30.68
C THR C 73 23.30 -56.23 -30.17
N PRO C 74 23.65 -55.27 -29.31
CA PRO C 74 22.62 -54.41 -28.70
C PRO C 74 22.03 -53.38 -29.65
N GLN C 75 22.72 -53.04 -30.74
CA GLN C 75 22.24 -52.04 -31.69
C GLN C 75 22.08 -50.73 -30.93
N SER C 76 20.95 -50.03 -31.06
CA SER C 76 20.84 -48.69 -30.50
C SER C 76 20.35 -48.71 -29.06
N THR C 77 19.90 -49.85 -28.56
CA THR C 77 19.64 -49.97 -27.12
C THR C 77 20.88 -49.61 -26.31
N PHE C 78 22.05 -49.65 -26.93
CA PHE C 78 23.27 -49.33 -26.21
C PHE C 78 23.40 -47.83 -25.89
N KCX C 79 22.44 -47.03 -26.33
CA KCX C 79 22.50 -45.59 -26.05
CB KCX C 79 21.59 -44.79 -26.99
CG KCX C 79 22.15 -44.63 -28.41
CD KCX C 79 21.36 -43.63 -29.26
CE KCX C 79 21.99 -43.51 -30.66
NZ KCX C 79 22.00 -44.83 -31.36
C KCX C 79 22.15 -45.29 -24.58
O KCX C 79 22.53 -44.25 -24.05
CX KCX C 79 23.14 -45.50 -31.54
OQ1 KCX C 79 23.13 -46.61 -32.11
OQ2 KCX C 79 24.22 -45.04 -31.16
N VAL C 80 21.42 -46.22 -23.95
CA VAL C 80 21.11 -46.04 -22.53
C VAL C 80 22.40 -46.08 -21.72
N PRO C 81 23.12 -47.21 -21.70
CA PRO C 81 24.42 -47.23 -20.98
C PRO C 81 25.43 -46.23 -21.53
N ASN C 82 25.33 -45.86 -22.82
CA ASN C 82 26.26 -44.90 -23.41
C ASN C 82 26.03 -43.50 -22.85
N ALA C 83 24.76 -43.07 -22.73
CA ALA C 83 24.44 -41.79 -22.12
C ALA C 83 24.80 -41.78 -20.63
N LEU C 84 24.59 -42.89 -19.94
CA LEU C 84 24.97 -42.98 -18.54
C LEU C 84 26.47 -42.74 -18.38
N ILE C 85 27.28 -43.42 -19.20
CA ILE C 85 28.73 -43.26 -19.11
C ILE C 85 29.16 -41.88 -19.59
N GLY C 86 28.57 -41.41 -20.70
CA GLY C 86 28.94 -40.11 -21.23
C GLY C 86 28.69 -38.97 -20.24
N LEU C 87 27.55 -39.00 -19.57
CA LEU C 87 27.29 -37.98 -18.55
C LEU C 87 28.21 -38.16 -17.36
N GLN C 88 28.44 -39.41 -16.96
CA GLN C 88 29.18 -39.67 -15.72
C GLN C 88 30.63 -39.25 -15.80
N VAL C 89 31.26 -39.35 -16.97
CA VAL C 89 32.63 -38.89 -17.14
C VAL C 89 32.69 -37.51 -17.77
N LYS C 90 31.54 -36.81 -17.85
CA LYS C 90 31.46 -35.43 -18.34
C LYS C 90 31.85 -35.30 -19.81
N ALA C 91 31.84 -36.39 -20.57
CA ALA C 91 32.03 -36.27 -22.01
C ALA C 91 30.94 -35.41 -22.64
N VAL C 92 29.76 -35.38 -22.04
CA VAL C 92 28.71 -34.42 -22.37
C VAL C 92 28.17 -33.87 -21.05
N ARG C 93 27.44 -32.77 -21.14
CA ARG C 93 27.00 -32.03 -19.95
C ARG C 93 25.66 -32.52 -19.41
N ASP C 94 24.65 -32.60 -20.27
CA ASP C 94 23.31 -32.98 -19.85
C ASP C 94 22.55 -33.49 -21.06
N GLU C 95 21.22 -33.58 -20.94
CA GLU C 95 20.39 -34.06 -22.03
C GLU C 95 20.26 -33.05 -23.16
N TYR C 96 20.66 -31.81 -22.93
CA TYR C 96 20.55 -30.73 -23.91
C TYR C 96 21.89 -30.37 -24.56
N ASP C 97 22.94 -31.15 -24.31
CA ASP C 97 24.27 -30.88 -24.87
C ASP C 97 24.26 -30.97 -26.40
N VAL C 98 24.49 -29.85 -27.07
CA VAL C 98 24.31 -29.76 -28.52
C VAL C 98 25.59 -30.16 -29.25
N LYS C 99 25.48 -31.12 -30.15
CA LYS C 99 26.52 -31.39 -31.13
C LYS C 99 26.00 -30.93 -32.49
N ARG C 100 26.72 -30.03 -33.13
CA ARG C 100 26.22 -29.49 -34.38
C ARG C 100 26.31 -30.56 -35.48
N TRP C 101 25.42 -30.44 -36.46
CA TRP C 101 25.51 -31.25 -37.67
C TRP C 101 26.64 -30.75 -38.55
N ASP C 102 27.32 -31.67 -39.22
CA ASP C 102 28.46 -31.33 -40.06
C ASP C 102 28.07 -31.09 -41.52
N GLY C 103 26.78 -31.12 -41.84
CA GLY C 103 26.32 -30.90 -43.19
C GLY C 103 26.19 -32.14 -44.04
N THR C 104 26.91 -33.22 -43.70
CA THR C 104 26.80 -34.46 -44.47
C THR C 104 25.39 -35.01 -44.36
N GLU C 105 24.74 -35.22 -45.51
CA GLU C 105 23.41 -35.81 -45.47
C GLU C 105 23.54 -37.32 -45.40
N ARG C 106 22.89 -37.91 -44.41
CA ARG C 106 22.95 -39.34 -44.16
C ARG C 106 21.57 -39.95 -44.40
N GLU C 107 21.46 -41.25 -44.13
CA GLU C 107 20.29 -42.05 -44.49
CA GLU C 107 20.28 -42.04 -44.50
C GLU C 107 18.99 -41.32 -44.16
N PHE C 108 18.73 -41.12 -42.87
CA PHE C 108 17.44 -40.61 -42.43
C PHE C 108 17.49 -39.11 -42.23
N GLU C 109 16.37 -38.45 -42.55
CA GLU C 109 16.34 -36.99 -42.48
C GLU C 109 16.46 -36.52 -41.03
N SER C 110 15.76 -37.18 -40.11
CA SER C 110 15.84 -36.84 -38.70
C SER C 110 17.28 -36.58 -38.28
N TRP C 111 18.23 -37.34 -38.87
CA TRP C 111 19.63 -37.23 -38.49
C TRP C 111 20.29 -35.95 -38.98
N ASN C 112 19.72 -35.29 -40.00
CA ASN C 112 20.40 -34.21 -40.73
C ASN C 112 20.12 -32.84 -40.10
N ARG C 113 20.49 -32.72 -38.84
CA ARG C 113 20.34 -31.46 -38.13
C ARG C 113 21.16 -31.55 -36.84
N ASP C 114 21.27 -30.41 -36.17
CA ASP C 114 21.89 -30.37 -34.85
C ASP C 114 21.13 -31.28 -33.88
N HIS C 115 21.88 -31.98 -33.03
CA HIS C 115 21.28 -32.88 -32.07
C HIS C 115 21.88 -32.69 -30.68
N THR C 116 21.10 -33.09 -29.68
CA THR C 116 21.54 -33.18 -28.30
C THR C 116 21.54 -34.64 -27.87
N LEU C 117 22.11 -34.89 -26.69
CA LEU C 117 22.18 -36.26 -26.18
C LEU C 117 20.79 -36.89 -26.08
N GLY C 118 19.80 -36.10 -25.64
CA GLY C 118 18.45 -36.62 -25.52
C GLY C 118 17.81 -36.90 -26.86
N SER C 119 17.86 -35.93 -27.78
CA SER C 119 17.21 -36.10 -29.08
C SER C 119 17.91 -37.15 -29.92
N ALA C 120 19.19 -37.38 -29.71
CA ALA C 120 19.88 -38.39 -30.45
C ALA C 120 19.49 -39.76 -30.03
N MET C 121 18.97 -39.89 -28.82
CA MET C 121 18.43 -41.10 -28.26
C MET C 121 17.04 -41.27 -28.81
N ARG C 122 16.30 -40.20 -28.86
CA ARG C 122 14.98 -40.22 -29.43
C ARG C 122 14.91 -40.66 -30.89
N ASP C 123 15.85 -40.28 -31.70
CA ASP C 123 15.86 -40.65 -33.05
C ASP C 123 17.03 -41.48 -33.43
N SER C 124 17.66 -42.12 -32.46
CA SER C 124 18.82 -42.98 -32.63
C SER C 124 19.82 -42.48 -33.61
N VAL C 125 20.29 -41.31 -33.34
CA VAL C 125 21.28 -40.59 -34.11
C VAL C 125 22.64 -41.13 -33.75
N ILE C 126 23.14 -41.95 -34.62
CA ILE C 126 24.34 -42.68 -34.44
C ILE C 126 25.54 -41.84 -34.50
N TRP C 127 25.48 -40.81 -35.30
CA TRP C 127 26.66 -39.97 -35.42
C TRP C 127 26.90 -39.15 -34.15
N TYR C 128 25.82 -38.70 -33.50
CA TYR C 128 25.99 -38.01 -32.23
C TYR C 128 26.72 -38.89 -31.23
N TYR C 129 26.22 -40.11 -31.02
CA TYR C 129 26.75 -40.97 -29.96
C TYR C 129 28.11 -41.59 -30.29
N GLN C 130 28.48 -41.62 -31.58
CA GLN C 130 29.84 -42.02 -31.94
C GLN C 130 30.84 -40.93 -31.56
N ALA C 131 30.42 -39.67 -31.69
CA ALA C 131 31.27 -38.57 -31.23
C ALA C 131 31.47 -38.64 -29.72
N MET C 132 30.42 -39.01 -28.98
CA MET C 132 30.56 -39.21 -27.54
C MET C 132 31.41 -40.43 -27.22
N ALA C 133 31.23 -41.53 -27.96
CA ALA C 133 32.03 -42.72 -27.73
C ALA C 133 33.52 -42.41 -27.85
N ARG C 134 33.91 -41.72 -28.92
CA ARG C 134 35.32 -41.41 -29.13
C ARG C 134 35.88 -40.57 -27.99
N ASP C 135 35.06 -39.67 -27.42
CA ASP C 135 35.52 -38.85 -26.30
C ASP C 135 35.50 -39.59 -24.97
N ILE C 136 34.68 -40.64 -24.85
CA ILE C 136 34.79 -41.51 -23.67
C ILE C 136 36.08 -42.34 -23.74
N GLY C 137 36.52 -42.73 -24.94
CA GLY C 137 37.77 -43.45 -25.08
C GLY C 137 37.69 -44.90 -24.66
N GLU C 138 38.53 -45.75 -25.26
CA GLU C 138 38.49 -47.18 -24.96
C GLU C 138 38.69 -47.45 -23.48
N ASP C 139 39.62 -46.74 -22.84
CA ASP C 139 39.97 -47.06 -21.46
C ASP C 139 38.77 -46.90 -20.53
N ARG C 140 38.02 -45.82 -20.68
CA ARG C 140 36.91 -45.54 -19.76
C ARG C 140 35.67 -46.34 -20.11
N MET C 141 35.51 -46.72 -21.38
CA MET C 141 34.38 -47.55 -21.79
C MET C 141 34.51 -48.97 -21.25
N LYS C 142 35.71 -49.55 -21.33
CA LYS C 142 35.91 -50.92 -20.83
C LYS C 142 35.76 -50.97 -19.32
N ASP C 143 36.24 -49.95 -18.61
CA ASP C 143 36.10 -49.87 -17.18
C ASP C 143 34.64 -49.86 -16.74
N TRP C 144 33.85 -48.95 -17.28
CA TRP C 144 32.45 -48.81 -16.89
C TRP C 144 31.60 -49.97 -17.41
N LEU C 145 31.97 -50.56 -18.56
CA LEU C 145 31.18 -51.67 -19.06
C LEU C 145 31.49 -52.95 -18.30
N HIS C 146 32.75 -53.16 -17.88
CA HIS C 146 33.00 -54.28 -16.98
C HIS C 146 32.40 -54.02 -15.61
N ARG C 147 32.44 -52.82 -15.14
CA ARG C 147 31.90 -52.51 -13.88
C ARG C 147 30.42 -52.83 -13.77
N ILE C 148 29.64 -52.39 -14.72
CA ILE C 148 28.21 -52.71 -14.74
C ILE C 148 27.93 -54.05 -15.41
N SER C 149 28.95 -54.77 -15.87
CA SER C 149 28.78 -56.09 -16.47
C SER C 149 27.68 -56.10 -17.53
N TYR C 150 28.00 -55.59 -18.73
CA TYR C 150 27.02 -55.42 -19.79
C TYR C 150 27.36 -56.43 -20.90
N GLY C 151 26.64 -57.54 -20.93
CA GLY C 151 26.92 -58.59 -21.89
C GLY C 151 28.36 -59.05 -21.82
N ASN C 152 28.89 -59.46 -22.98
CA ASN C 152 30.28 -59.92 -23.04
C ASN C 152 31.30 -58.78 -22.95
N GLU C 153 30.84 -57.54 -22.81
CA GLU C 153 31.71 -56.39 -22.52
C GLU C 153 32.82 -56.22 -23.54
N ASP C 154 32.80 -56.96 -24.63
CA ASP C 154 33.79 -56.89 -25.68
C ASP C 154 33.64 -55.67 -26.55
N ILE C 155 34.55 -54.73 -26.42
CA ILE C 155 34.52 -53.54 -27.25
C ILE C 155 35.62 -53.56 -28.30
N SER C 156 36.16 -54.75 -28.61
CA SER C 156 37.25 -54.86 -29.56
C SER C 156 36.84 -54.54 -31.00
N GLY C 157 35.56 -54.27 -31.26
CA GLY C 157 35.08 -53.98 -32.60
C GLY C 157 35.22 -52.53 -33.04
N GLY C 158 35.83 -51.68 -32.22
CA GLY C 158 35.98 -50.29 -32.57
C GLY C 158 35.21 -49.35 -31.65
N ILE C 159 35.94 -48.46 -30.98
CA ILE C 159 35.39 -47.56 -29.96
C ILE C 159 34.01 -47.03 -30.35
N ASP C 160 33.85 -46.62 -31.61
CA ASP C 160 32.58 -46.10 -32.09
C ASP C 160 31.84 -47.10 -32.98
N GLN C 161 32.11 -48.40 -32.82
CA GLN C 161 31.45 -49.43 -33.64
C GLN C 161 30.95 -50.62 -32.87
N PHE C 162 31.51 -50.91 -31.68
CA PHE C 162 31.31 -52.23 -31.05
C PHE C 162 29.85 -52.55 -30.82
N TRP C 163 28.99 -51.55 -30.67
CA TRP C 163 27.58 -51.79 -30.38
C TRP C 163 26.71 -51.97 -31.61
N LEU C 164 27.27 -51.78 -32.81
CA LEU C 164 26.54 -51.90 -34.07
C LEU C 164 27.03 -53.14 -34.79
N GLN C 165 26.24 -54.23 -34.70
CA GLN C 165 26.54 -55.51 -35.36
C GLN C 165 28.01 -55.87 -35.31
N SER C 166 28.64 -55.66 -34.16
CA SER C 166 30.08 -55.87 -34.01
C SER C 166 30.34 -56.69 -32.75
N SER C 167 31.31 -56.28 -31.92
CA SER C 167 31.85 -57.20 -30.91
C SER C 167 31.05 -57.23 -29.61
N LEU C 168 30.21 -56.24 -29.32
CA LEU C 168 29.42 -56.25 -28.10
C LEU C 168 28.14 -57.03 -28.33
N LYS C 169 27.87 -57.99 -27.43
CA LYS C 169 26.62 -58.76 -27.45
C LYS C 169 26.06 -58.83 -26.04
N ILE C 170 24.73 -58.83 -25.96
CA ILE C 170 24.01 -58.93 -24.70
C ILE C 170 22.72 -59.71 -24.92
N SER C 171 22.32 -60.48 -23.90
CA SER C 171 21.12 -61.29 -24.02
C SER C 171 19.89 -60.46 -23.65
N PRO C 172 18.72 -60.74 -24.22
CA PRO C 172 17.52 -59.98 -23.84
C PRO C 172 17.18 -60.08 -22.37
N LEU C 173 17.49 -61.18 -21.69
CA LEU C 173 17.35 -61.18 -20.23
C LEU C 173 18.41 -60.31 -19.58
N GLU C 174 19.60 -60.26 -20.19
CA GLU C 174 20.64 -59.37 -19.68
C GLU C 174 20.25 -57.91 -19.87
N GLU C 175 19.48 -57.59 -20.90
CA GLU C 175 18.93 -56.25 -21.04
C GLU C 175 17.87 -55.99 -19.97
N LYS C 176 17.03 -56.95 -19.71
CA LYS C 176 16.03 -56.82 -18.72
C LYS C 176 16.61 -56.50 -17.36
N ASP C 177 17.61 -57.25 -16.96
CA ASP C 177 18.24 -56.98 -15.68
C ASP C 177 18.83 -55.58 -15.64
N PHE C 178 19.40 -55.14 -16.77
CA PHE C 178 20.07 -53.84 -16.79
C PHE C 178 19.06 -52.71 -16.67
N ILE C 179 18.02 -52.72 -17.51
CA ILE C 179 17.00 -51.68 -17.40
C ILE C 179 16.36 -51.68 -16.02
N GLU C 180 16.07 -52.86 -15.48
CA GLU C 180 15.52 -52.93 -14.13
C GLU C 180 16.44 -52.27 -13.12
N HIS C 181 17.75 -52.45 -13.29
CA HIS C 181 18.71 -51.78 -12.42
C HIS C 181 18.64 -50.26 -12.56
N LEU C 182 18.65 -49.76 -13.81
CA LEU C 182 18.49 -48.33 -14.00
C LEU C 182 17.20 -47.83 -13.37
N TYR C 183 16.12 -48.60 -13.52
CA TYR C 183 14.84 -48.20 -12.93
C TYR C 183 14.99 -48.03 -11.43
N LYS C 184 15.48 -49.06 -10.76
CA LYS C 184 15.61 -49.02 -9.31
C LYS C 184 16.77 -48.12 -8.85
N GLU C 185 17.51 -47.55 -9.79
CA GLU C 185 18.70 -46.75 -9.48
C GLU C 185 19.68 -47.56 -8.62
N ASP C 186 19.81 -48.83 -8.95
CA ASP C 186 20.83 -49.71 -8.39
C ASP C 186 22.00 -49.85 -9.36
N LEU C 187 22.46 -48.73 -9.92
CA LEU C 187 23.64 -48.67 -10.75
C LEU C 187 24.66 -47.74 -10.12
N PRO C 188 25.96 -48.04 -10.25
CA PRO C 188 26.98 -47.17 -9.66
C PRO C 188 27.03 -45.76 -10.25
N PHE C 189 25.92 -45.30 -10.81
CA PHE C 189 25.86 -43.99 -11.46
C PHE C 189 25.27 -42.95 -10.53
N ASP C 190 25.76 -41.70 -10.67
CA ASP C 190 25.19 -40.56 -9.96
C ASP C 190 23.67 -40.59 -10.02
N LYS C 191 23.03 -40.26 -8.91
CA LYS C 191 21.58 -40.26 -8.88
C LYS C 191 20.97 -39.34 -9.92
N PRO C 192 21.35 -38.07 -10.02
CA PRO C 192 20.74 -37.20 -11.04
C PRO C 192 21.02 -37.67 -12.46
N ILE C 193 22.16 -38.34 -12.67
CA ILE C 193 22.51 -38.87 -13.99
C ILE C 193 21.52 -39.96 -14.41
N MET C 194 21.15 -40.84 -13.48
CA MET C 194 20.15 -41.84 -13.81
C MET C 194 18.80 -41.20 -14.06
N LYS C 195 18.42 -40.22 -13.25
CA LYS C 195 17.15 -39.54 -13.49
C LYS C 195 17.09 -38.96 -14.89
N THR C 196 18.20 -38.36 -15.35
CA THR C 196 18.22 -37.72 -16.66
C THR C 196 18.02 -38.74 -17.79
N VAL C 197 18.81 -39.82 -17.79
CA VAL C 197 18.69 -40.80 -18.85
C VAL C 197 17.30 -41.41 -18.88
N LYS C 198 16.68 -41.62 -17.72
CA LYS C 198 15.33 -42.17 -17.69
C LYS C 198 14.34 -41.21 -18.32
N ARG C 199 14.43 -39.93 -17.99
CA ARG C 199 13.61 -38.90 -18.62
C ARG C 199 13.85 -38.87 -20.13
N MET C 200 15.09 -39.10 -20.55
CA MET C 200 15.41 -39.09 -21.98
C MET C 200 14.66 -40.18 -22.73
N MET C 201 14.33 -41.29 -22.06
CA MET C 201 13.72 -42.45 -22.68
C MET C 201 12.20 -42.42 -22.64
N ILE C 202 11.58 -41.34 -22.17
CA ILE C 202 10.14 -41.28 -22.15
C ILE C 202 9.61 -41.32 -23.59
N GLN C 203 8.65 -42.20 -23.84
CA GLN C 203 8.06 -42.34 -25.17
C GLN C 203 6.66 -41.74 -25.22
N GLU C 204 5.75 -42.21 -24.37
CA GLU C 204 4.43 -41.62 -24.21
C GLU C 204 4.22 -41.30 -22.74
N GLU C 205 3.50 -40.21 -22.48
CA GLU C 205 3.14 -39.83 -21.12
C GLU C 205 1.62 -39.67 -21.06
N GLY C 206 0.93 -40.76 -20.71
CA GLY C 206 -0.49 -40.70 -20.49
C GLY C 206 -0.84 -40.07 -19.16
N ASP C 207 -2.15 -40.01 -18.89
CA ASP C 207 -2.64 -39.47 -17.64
C ASP C 207 -2.57 -40.48 -16.49
N HIS C 208 -2.36 -41.76 -16.78
CA HIS C 208 -2.22 -42.77 -15.73
C HIS C 208 -1.06 -43.74 -15.97
N TYR C 209 -0.14 -43.39 -16.87
CA TYR C 209 0.98 -44.27 -17.18
C TYR C 209 2.07 -43.46 -17.86
N THR C 210 3.31 -43.92 -17.71
CA THR C 210 4.47 -43.31 -18.35
C THR C 210 5.32 -44.41 -18.98
N LEU C 211 5.66 -44.25 -20.25
CA LEU C 211 6.33 -45.29 -21.02
C LEU C 211 7.75 -44.86 -21.38
N TYR C 212 8.72 -45.64 -21.01
CA TYR C 212 10.10 -45.33 -21.26
C TYR C 212 10.70 -46.40 -22.13
N GLY C 213 11.54 -46.05 -23.08
CA GLY C 213 12.15 -47.07 -23.87
C GLY C 213 13.03 -46.79 -25.02
N LYS C 214 14.05 -47.58 -25.20
CA LYS C 214 14.93 -47.45 -26.35
C LYS C 214 14.78 -48.55 -27.38
N THR C 215 14.64 -48.16 -28.62
CA THR C 215 14.57 -49.07 -29.68
C THR C 215 15.96 -49.32 -30.22
N GLY C 216 16.05 -50.33 -31.06
CA GLY C 216 17.29 -50.68 -31.71
C GLY C 216 17.02 -51.62 -32.87
N THR C 217 17.72 -51.44 -33.99
CA THR C 217 17.41 -52.21 -35.18
C THR C 217 18.69 -52.60 -35.89
N ASP C 218 18.60 -53.74 -36.57
CA ASP C 218 19.61 -54.25 -37.48
C ASP C 218 18.84 -54.98 -38.57
N TYR C 219 19.56 -55.57 -39.53
CA TYR C 219 18.89 -56.39 -40.54
C TYR C 219 18.19 -57.56 -39.88
N GLY C 220 16.87 -57.59 -39.97
CA GLY C 220 16.13 -58.67 -39.33
C GLY C 220 16.39 -58.79 -37.84
N LEU C 221 16.58 -57.66 -37.15
CA LEU C 221 16.77 -57.64 -35.71
C LEU C 221 16.10 -56.41 -35.12
N GLY C 222 15.25 -56.64 -34.11
CA GLY C 222 14.49 -55.55 -33.52
C GLY C 222 14.50 -55.60 -32.01
N TRP C 223 14.97 -54.53 -31.40
CA TRP C 223 14.97 -54.37 -29.96
C TRP C 223 13.94 -53.34 -29.55
N PHE C 224 13.46 -53.47 -28.31
CA PHE C 224 12.77 -52.37 -27.64
C PHE C 224 12.77 -52.69 -26.15
N VAL C 225 13.56 -51.94 -25.39
CA VAL C 225 13.72 -52.18 -23.96
C VAL C 225 13.28 -50.93 -23.22
N GLY C 226 12.77 -51.14 -22.01
CA GLY C 226 12.38 -50.01 -21.19
C GLY C 226 11.53 -50.46 -20.02
N PHE C 227 10.66 -49.57 -19.58
CA PHE C 227 9.76 -49.88 -18.49
C PHE C 227 8.52 -49.02 -18.64
N ILE C 228 7.49 -49.36 -17.86
CA ILE C 228 6.28 -48.53 -17.79
C ILE C 228 5.87 -48.40 -16.33
N THR C 229 5.51 -47.18 -15.94
CA THR C 229 5.01 -46.88 -14.61
C THR C 229 3.53 -46.55 -14.67
N THR C 230 2.83 -46.82 -13.58
CA THR C 230 1.39 -46.64 -13.48
C THR C 230 1.07 -46.12 -12.08
N ASP C 231 -0.23 -45.96 -11.82
CA ASP C 231 -0.69 -45.68 -10.46
C ASP C 231 -0.40 -46.90 -9.60
N ASN C 232 0.73 -46.88 -8.89
CA ASN C 232 1.12 -47.89 -7.90
C ASN C 232 1.67 -49.17 -8.50
N HIS C 233 1.85 -49.27 -9.83
CA HIS C 233 2.47 -50.43 -10.43
C HIS C 233 3.57 -49.99 -11.40
N SER C 234 4.53 -50.86 -11.62
CA SER C 234 5.58 -50.58 -12.60
C SER C 234 6.18 -51.89 -13.09
N TYR C 235 6.52 -51.94 -14.38
CA TYR C 235 6.95 -53.16 -15.04
C TYR C 235 8.16 -52.89 -15.93
N ILE C 236 9.06 -53.86 -16.00
CA ILE C 236 10.20 -53.86 -16.92
C ILE C 236 9.86 -54.77 -18.09
N PHE C 237 10.30 -54.40 -19.30
CA PHE C 237 10.01 -55.23 -20.47
C PHE C 237 11.17 -55.16 -21.45
N VAL C 238 11.34 -56.24 -22.19
CA VAL C 238 12.29 -56.31 -23.28
C VAL C 238 11.66 -57.10 -24.40
N THR C 239 11.61 -56.52 -25.59
CA THR C 239 11.17 -57.23 -26.78
C THR C 239 12.34 -57.34 -27.74
N ASN C 240 12.53 -58.55 -28.26
CA ASN C 240 13.60 -58.87 -29.20
C ASN C 240 13.01 -59.81 -30.23
N VAL C 241 12.99 -59.37 -31.48
CA VAL C 241 12.27 -60.09 -32.53
C VAL C 241 13.02 -59.93 -33.84
N ASP C 242 12.83 -60.90 -34.74
CA ASP C 242 13.49 -60.89 -36.05
C ASP C 242 12.66 -60.09 -37.06
N ALA C 243 12.43 -58.83 -36.72
CA ALA C 243 11.80 -57.87 -37.60
C ALA C 243 12.54 -56.55 -37.43
N SER C 244 11.89 -55.43 -37.77
CA SER C 244 12.54 -54.16 -37.53
C SER C 244 12.29 -53.71 -36.09
N GLY C 245 13.02 -52.67 -35.67
CA GLY C 245 12.82 -52.14 -34.33
C GLY C 245 11.44 -51.53 -34.15
N THR C 246 10.86 -51.01 -35.23
CA THR C 246 9.49 -50.48 -35.17
C THR C 246 8.50 -51.58 -34.81
N ALA C 247 8.61 -52.74 -35.47
CA ALA C 247 7.81 -53.90 -35.12
C ALA C 247 8.15 -54.46 -33.74
N ALA C 248 9.27 -54.03 -33.16
CA ALA C 248 9.60 -54.49 -31.81
C ALA C 248 8.86 -53.68 -30.75
N LYS C 249 8.68 -52.37 -30.98
CA LYS C 249 7.96 -51.53 -30.04
C LYS C 249 6.46 -51.54 -30.29
N ASN C 250 6.02 -51.93 -31.49
CA ASN C 250 4.59 -52.13 -31.73
C ASN C 250 4.10 -53.46 -31.17
N ILE C 251 4.92 -54.52 -31.29
CA ILE C 251 4.58 -55.76 -30.59
C ILE C 251 4.46 -55.50 -29.09
N THR C 252 5.23 -54.55 -28.57
CA THR C 252 5.31 -54.33 -27.12
C THR C 252 4.14 -53.47 -26.62
N THR C 253 3.86 -52.35 -27.28
CA THR C 253 2.72 -51.53 -26.86
C THR C 253 1.39 -52.22 -27.12
N ASP C 254 1.37 -53.27 -27.94
CA ASP C 254 0.15 -54.08 -28.09
C ASP C 254 -0.07 -54.95 -26.86
N ILE C 255 0.99 -55.59 -26.38
CA ILE C 255 0.89 -56.39 -25.16
C ILE C 255 0.44 -55.53 -23.98
N LEU C 256 1.04 -54.34 -23.85
CA LEU C 256 0.75 -53.50 -22.69
C LEU C 256 -0.66 -52.90 -22.77
N LYS C 257 -1.09 -52.50 -23.96
CA LYS C 257 -2.49 -52.13 -24.14
C LYS C 257 -3.41 -53.29 -23.76
N LYS C 258 -3.06 -54.51 -24.19
CA LYS C 258 -3.91 -55.68 -24.00
C LYS C 258 -4.01 -56.10 -22.53
N TYR C 259 -3.08 -55.66 -21.68
CA TYR C 259 -3.18 -55.90 -20.25
C TYR C 259 -3.41 -54.61 -19.47
N HIS C 260 -3.75 -53.54 -20.16
CA HIS C 260 -4.27 -52.31 -19.57
C HIS C 260 -3.20 -51.47 -18.89
N LEU C 261 -1.92 -51.72 -19.18
CA LEU C 261 -0.86 -50.87 -18.62
C LEU C 261 -0.67 -49.61 -19.44
N ILE C 262 -0.88 -49.69 -20.75
CA ILE C 262 -0.99 -48.54 -21.62
C ILE C 262 -2.47 -48.21 -21.75
N THR C 263 -2.89 -47.09 -21.17
CA THR C 263 -4.28 -46.66 -21.27
C THR C 263 -4.39 -45.27 -21.87
N ASN C 264 -4.66 -44.27 -21.03
CA ASN C 264 -4.58 -42.89 -21.47
C ASN C 264 -4.08 -42.02 -20.34
N SER D 31 1.11 48.18 37.28
CA SER D 31 0.22 48.35 36.12
C SER D 31 0.06 49.82 35.74
N VAL D 32 -0.84 50.09 34.78
CA VAL D 32 -1.27 51.45 34.48
C VAL D 32 -2.25 51.89 35.55
N ASN D 33 -2.06 53.09 36.09
CA ASN D 33 -3.07 53.72 36.94
C ASN D 33 -3.69 54.85 36.12
N VAL D 34 -4.94 54.65 35.71
CA VAL D 34 -5.58 55.60 34.80
C VAL D 34 -5.74 56.96 35.46
N SER D 35 -5.93 57.00 36.77
CA SER D 35 -6.15 58.28 37.43
C SER D 35 -4.99 59.25 37.25
N LYS D 36 -3.84 58.80 36.75
CA LYS D 36 -2.66 59.64 36.60
C LYS D 36 -2.15 59.67 35.15
N LEU D 37 -3.07 59.79 34.19
CA LEU D 37 -2.68 59.91 32.78
C LEU D 37 -2.54 61.37 32.38
N ASN D 38 -1.63 61.60 31.43
CA ASN D 38 -1.46 62.91 30.83
C ASN D 38 -1.39 62.75 29.30
N VAL D 39 -2.40 63.28 28.60
CA VAL D 39 -2.50 63.16 27.16
C VAL D 39 -2.40 64.52 26.46
N ASP D 40 -1.90 65.54 27.16
CA ASP D 40 -1.79 66.87 26.57
C ASP D 40 -0.96 66.88 25.29
N GLU D 41 0.23 66.27 25.33
CA GLU D 41 1.12 66.26 24.18
C GLU D 41 0.53 65.55 22.97
N PHE D 42 -0.71 65.07 23.05
CA PHE D 42 -1.40 64.47 21.90
C PHE D 42 -2.59 65.28 21.43
N PHE D 43 -2.96 66.34 22.16
CA PHE D 43 -4.18 67.09 21.92
C PHE D 43 -3.95 68.60 21.80
N LYS D 44 -2.72 69.05 21.66
CA LYS D 44 -2.45 70.48 21.55
C LYS D 44 -2.46 70.89 20.08
N ASP D 45 -3.14 72.00 19.79
CA ASP D 45 -3.54 72.41 18.45
C ASP D 45 -4.67 71.54 17.92
N ARG D 46 -5.19 70.62 18.73
CA ARG D 46 -6.41 69.88 18.46
C ARG D 46 -7.46 70.28 19.47
N ASP D 47 -8.71 69.93 19.18
CA ASP D 47 -9.83 70.04 20.12
C ASP D 47 -10.50 68.68 20.17
N GLY D 48 -10.28 67.94 21.25
CA GLY D 48 -10.81 66.60 21.33
C GLY D 48 -10.73 66.07 22.75
N THR D 49 -11.42 64.96 22.96
CA THR D 49 -11.49 64.32 24.26
C THR D 49 -10.87 62.93 24.18
N PHE D 50 -10.52 62.39 25.34
CA PHE D 50 -10.02 61.03 25.44
C PHE D 50 -10.45 60.41 26.76
N ILE D 51 -10.86 59.15 26.70
CA ILE D 51 -11.45 58.45 27.83
C ILE D 51 -10.86 57.04 27.87
N LEU D 52 -10.16 56.72 28.95
CA LEU D 52 -9.60 55.39 29.18
C LEU D 52 -10.16 54.86 30.50
N HIS D 53 -10.85 53.72 30.44
CA HIS D 53 -11.52 53.15 31.60
C HIS D 53 -10.88 51.84 31.96
N ASP D 54 -10.32 51.76 33.18
CA ASP D 54 -9.77 50.51 33.70
C ASP D 54 -10.92 49.57 34.02
N VAL D 55 -11.03 48.48 33.26
CA VAL D 55 -12.10 47.51 33.50
C VAL D 55 -11.93 46.89 34.87
N GLN D 56 -10.75 46.31 35.12
CA GLN D 56 -10.51 45.58 36.36
C GLN D 56 -10.67 46.48 37.57
N LYS D 57 -10.08 47.68 37.53
CA LYS D 57 -10.08 48.61 38.65
C LYS D 57 -11.29 49.53 38.68
N ASP D 58 -12.11 49.53 37.64
CA ASP D 58 -13.29 50.40 37.56
C ASP D 58 -12.92 51.87 37.76
N LYS D 59 -11.90 52.32 37.03
CA LYS D 59 -11.43 53.69 37.10
C LYS D 59 -11.35 54.27 35.69
N THR D 60 -11.94 55.45 35.50
CA THR D 60 -12.09 56.08 34.17
C THR D 60 -11.35 57.42 34.15
N PHE D 61 -10.27 57.48 33.37
CA PHE D 61 -9.63 58.76 33.06
C PHE D 61 -10.44 59.51 32.00
N ILE D 62 -10.32 60.83 32.00
CA ILE D 62 -11.05 61.65 31.03
C ILE D 62 -10.28 62.93 30.75
N TYR D 63 -10.05 63.21 29.47
CA TYR D 63 -9.48 64.47 29.01
C TYR D 63 -10.53 65.25 28.22
N ASN D 64 -10.64 66.55 28.50
CA ASN D 64 -11.65 67.40 27.86
C ASN D 64 -13.06 67.01 28.30
N GLU D 65 -13.27 66.92 29.62
CA GLU D 65 -14.47 66.31 30.18
C GLU D 65 -15.78 66.94 29.71
N SER D 66 -15.73 68.14 29.11
CA SER D 66 -16.92 68.78 28.59
C SER D 66 -17.26 68.33 27.18
N ARG D 67 -16.25 68.11 26.33
CA ARG D 67 -16.49 67.48 25.05
C ARG D 67 -16.90 66.02 25.21
N ALA D 68 -16.46 65.38 26.29
CA ALA D 68 -16.82 64.00 26.54
C ALA D 68 -18.31 63.84 26.79
N LYS D 69 -19.01 64.90 27.18
CA LYS D 69 -20.46 64.86 27.35
C LYS D 69 -21.21 65.50 26.20
N GLU D 70 -20.52 65.81 25.10
CA GLU D 70 -21.12 66.45 23.93
C GLU D 70 -21.52 65.38 22.93
N ARG D 71 -22.84 65.25 22.70
CA ARG D 71 -23.34 64.28 21.73
C ARG D 71 -22.99 64.71 20.31
N GLN D 72 -22.50 63.76 19.50
CA GLN D 72 -22.22 64.00 18.10
C GLN D 72 -22.62 62.79 17.28
N THR D 73 -22.66 62.99 15.95
CA THR D 73 -23.04 61.92 15.04
C THR D 73 -22.02 60.78 15.11
N PRO D 74 -22.46 59.53 15.27
CA PRO D 74 -21.49 58.43 15.45
C PRO D 74 -20.66 58.16 14.20
N GLN D 75 -21.13 58.56 13.04
CA GLN D 75 -20.42 58.28 11.78
C GLN D 75 -20.27 56.77 11.68
N SER D 76 -19.11 56.25 11.27
CA SER D 76 -19.00 54.82 11.03
C SER D 76 -18.83 54.01 12.30
N THR D 77 -18.72 54.63 13.47
CA THR D 77 -18.74 53.84 14.71
C THR D 77 -20.08 53.14 14.90
N PHE D 78 -21.13 53.64 14.28
CA PHE D 78 -22.45 53.01 14.36
C PHE D 78 -22.47 51.63 13.69
N KCX D 79 -21.39 51.26 13.00
CA KCX D 79 -21.32 49.93 12.39
CB KCX D 79 -20.09 49.80 11.48
CG KCX D 79 -20.21 50.59 10.17
CD KCX D 79 -19.16 50.21 9.16
CE KCX D 79 -19.44 50.85 7.78
NZ KCX D 79 -19.64 52.34 7.88
C KCX D 79 -21.33 48.86 13.48
O KCX D 79 -21.70 47.71 13.23
CX KCX D 79 -20.86 52.89 7.86
OQ1 KCX D 79 -21.88 52.19 7.76
OQ2 KCX D 79 -20.97 54.12 7.94
N VAL D 80 -20.91 49.23 14.70
CA VAL D 80 -20.86 48.27 15.79
C VAL D 80 -22.28 47.92 16.26
N PRO D 81 -23.04 48.89 16.77
CA PRO D 81 -24.45 48.60 17.06
C PRO D 81 -25.21 48.07 15.86
N ASN D 82 -24.87 48.55 14.65
CA ASN D 82 -25.59 48.14 13.44
C ASN D 82 -25.41 46.65 13.17
N ALA D 83 -24.16 46.16 13.25
CA ALA D 83 -23.90 44.74 13.04
C ALA D 83 -24.58 43.87 14.10
N LEU D 84 -24.60 44.34 15.35
CA LEU D 84 -25.27 43.54 16.38
C LEU D 84 -26.75 43.39 16.05
N ILE D 85 -27.40 44.48 15.65
CA ILE D 85 -28.82 44.41 15.33
C ILE D 85 -29.03 43.55 14.09
N GLY D 86 -28.21 43.75 13.06
CA GLY D 86 -28.38 43.00 11.82
C GLY D 86 -28.29 41.50 12.04
N LEU D 87 -27.25 41.07 12.77
CA LEU D 87 -27.12 39.65 13.09
C LEU D 87 -28.23 39.19 14.01
N GLN D 88 -28.55 39.99 15.03
CA GLN D 88 -29.59 39.62 15.98
C GLN D 88 -30.93 39.40 15.28
N VAL D 89 -31.31 40.28 14.35
CA VAL D 89 -32.61 40.17 13.71
C VAL D 89 -32.51 39.33 12.44
N LYS D 90 -31.36 38.71 12.21
CA LYS D 90 -31.15 37.80 11.08
C LYS D 90 -31.09 38.50 9.72
N ALA D 91 -30.93 39.83 9.69
CA ALA D 91 -30.78 40.52 8.41
C ALA D 91 -29.47 40.17 7.72
N VAL D 92 -28.51 39.60 8.46
CA VAL D 92 -27.31 39.02 7.88
C VAL D 92 -26.92 37.81 8.71
N ARG D 93 -26.35 36.80 8.04
CA ARG D 93 -26.12 35.51 8.68
C ARG D 93 -24.89 35.51 9.59
N ASP D 94 -23.84 36.24 9.21
CA ASP D 94 -22.59 36.19 9.99
C ASP D 94 -21.56 37.16 9.43
N GLU D 95 -20.35 37.13 9.99
CA GLU D 95 -19.28 38.02 9.52
C GLU D 95 -18.89 37.74 8.07
N TYR D 96 -19.43 36.68 7.45
CA TYR D 96 -19.07 36.27 6.10
C TYR D 96 -20.22 36.48 5.10
N ASP D 97 -21.31 37.13 5.50
CA ASP D 97 -22.48 37.35 4.64
C ASP D 97 -22.12 38.23 3.46
N VAL D 98 -22.01 37.64 2.26
CA VAL D 98 -21.48 38.37 1.10
C VAL D 98 -22.60 39.15 0.41
N LYS D 99 -22.43 40.47 0.34
CA LYS D 99 -23.22 41.32 -0.54
C LYS D 99 -22.37 41.67 -1.75
N ARG D 100 -22.87 41.36 -2.94
CA ARG D 100 -22.10 41.58 -4.15
C ARG D 100 -22.06 43.06 -4.50
N TRP D 101 -20.88 43.53 -4.90
CA TRP D 101 -20.73 44.85 -5.47
C TRP D 101 -21.65 45.03 -6.68
N ASP D 102 -22.16 46.24 -6.85
CA ASP D 102 -23.04 46.52 -7.99
C ASP D 102 -22.30 47.10 -9.19
N GLY D 103 -20.97 47.20 -9.12
CA GLY D 103 -20.17 47.77 -10.19
C GLY D 103 -19.94 49.26 -10.10
N THR D 104 -20.79 50.00 -9.37
CA THR D 104 -20.68 51.44 -9.29
C THR D 104 -19.37 51.84 -8.63
N GLU D 105 -18.56 52.65 -9.32
CA GLU D 105 -17.32 53.16 -8.75
C GLU D 105 -17.62 54.22 -7.69
N ARG D 106 -17.23 53.95 -6.46
CA ARG D 106 -17.38 54.87 -5.35
C ARG D 106 -16.02 55.37 -4.88
N GLU D 107 -16.03 56.23 -3.88
CA GLU D 107 -14.88 57.07 -3.58
C GLU D 107 -13.62 56.31 -3.20
N PHE D 108 -13.73 55.08 -2.71
CA PHE D 108 -12.60 54.34 -2.15
C PHE D 108 -12.46 53.01 -2.86
N GLU D 109 -11.28 52.77 -3.42
CA GLU D 109 -11.06 51.56 -4.19
C GLU D 109 -11.43 50.31 -3.38
N SER D 110 -11.11 50.30 -2.09
CA SER D 110 -11.47 49.17 -1.26
C SER D 110 -12.97 48.99 -1.20
N TRP D 111 -13.72 50.08 -1.32
CA TRP D 111 -15.17 49.97 -1.30
C TRP D 111 -15.69 49.19 -2.50
N ASN D 112 -15.05 49.34 -3.66
CA ASN D 112 -15.58 48.84 -4.93
C ASN D 112 -15.19 47.38 -5.14
N ARG D 113 -15.90 46.51 -4.43
CA ARG D 113 -15.74 45.07 -4.62
C ARG D 113 -16.66 44.35 -3.64
N ASP D 114 -16.81 43.05 -3.84
CA ASP D 114 -17.64 42.22 -2.96
C ASP D 114 -17.20 42.31 -1.50
N HIS D 115 -18.16 42.52 -0.60
CA HIS D 115 -17.84 42.70 0.80
C HIS D 115 -18.71 41.81 1.69
N THR D 116 -18.24 41.63 2.93
CA THR D 116 -18.98 40.93 3.97
C THR D 116 -19.26 41.91 5.11
N LEU D 117 -19.98 41.42 6.12
CA LEU D 117 -20.21 42.23 7.31
C LEU D 117 -18.90 42.57 7.99
N GLY D 118 -17.98 41.60 8.06
CA GLY D 118 -16.66 41.84 8.61
C GLY D 118 -15.83 42.80 7.78
N SER D 119 -15.53 42.40 6.53
CA SER D 119 -14.76 43.27 5.64
C SER D 119 -15.37 44.66 5.55
N ALA D 120 -16.70 44.75 5.43
CA ALA D 120 -17.34 46.05 5.36
C ALA D 120 -17.07 46.87 6.62
N MET D 121 -16.98 46.21 7.78
CA MET D 121 -16.61 46.91 9.00
C MET D 121 -15.14 47.34 8.97
N ARG D 122 -14.26 46.45 8.50
CA ARG D 122 -12.83 46.78 8.49
C ARG D 122 -12.55 48.02 7.65
N ASP D 123 -13.31 48.24 6.57
CA ASP D 123 -13.05 49.36 5.67
C ASP D 123 -14.17 50.40 5.70
N SER D 124 -15.04 50.35 6.70
CA SER D 124 -16.18 51.26 6.79
C SER D 124 -16.85 51.39 5.43
N VAL D 125 -17.14 50.25 4.82
CA VAL D 125 -17.88 50.22 3.56
C VAL D 125 -19.34 50.54 3.84
N ILE D 126 -19.67 51.83 3.76
CA ILE D 126 -21.03 52.31 4.05
C ILE D 126 -22.07 51.52 3.26
N TRP D 127 -21.84 51.31 1.96
CA TRP D 127 -22.91 50.74 1.14
C TRP D 127 -23.33 49.37 1.65
N TYR D 128 -22.40 48.61 2.21
CA TYR D 128 -22.79 47.34 2.84
C TYR D 128 -23.76 47.59 3.99
N TYR D 129 -23.43 48.53 4.88
CA TYR D 129 -24.22 48.77 6.09
C TYR D 129 -25.48 49.57 5.82
N GLN D 130 -25.58 50.21 4.66
CA GLN D 130 -26.85 50.82 4.26
C GLN D 130 -27.84 49.75 3.81
N ALA D 131 -27.38 48.74 3.07
CA ALA D 131 -28.26 47.67 2.63
C ALA D 131 -28.80 46.88 3.81
N MET D 132 -27.94 46.57 4.79
CA MET D 132 -28.41 45.89 5.98
C MET D 132 -29.44 46.74 6.72
N ALA D 133 -29.12 48.02 6.97
CA ALA D 133 -30.05 48.91 7.63
C ALA D 133 -31.44 48.82 7.00
N ARG D 134 -31.51 49.04 5.67
CA ARG D 134 -32.80 49.00 4.98
C ARG D 134 -33.47 47.64 5.14
N ASP D 135 -32.68 46.57 5.22
CA ASP D 135 -33.26 45.26 5.51
C ASP D 135 -33.75 45.19 6.95
N ILE D 136 -33.01 45.81 7.88
CA ILE D 136 -33.44 45.83 9.28
C ILE D 136 -34.76 46.56 9.43
N GLY D 137 -34.85 47.75 8.83
CA GLY D 137 -36.12 48.45 8.73
C GLY D 137 -36.32 49.48 9.81
N GLU D 138 -37.15 50.48 9.51
CA GLU D 138 -37.44 51.56 10.44
C GLU D 138 -37.81 51.03 11.82
N ASP D 139 -38.80 50.14 11.87
CA ASP D 139 -39.37 49.75 13.15
C ASP D 139 -38.35 48.97 14.00
N ARG D 140 -37.80 47.89 13.45
CA ARG D 140 -36.88 47.08 14.23
C ARG D 140 -35.64 47.87 14.63
N MET D 141 -35.16 48.75 13.74
CA MET D 141 -34.02 49.60 14.09
C MET D 141 -34.35 50.50 15.27
N LYS D 142 -35.45 51.20 15.26
CA LYS D 142 -35.85 52.05 16.36
C LYS D 142 -35.99 51.34 17.73
N ASP D 143 -36.57 50.16 17.71
CA ASP D 143 -36.81 49.29 18.80
C ASP D 143 -35.56 48.87 19.52
N TRP D 144 -34.56 48.49 18.74
CA TRP D 144 -33.29 48.06 19.22
C TRP D 144 -32.39 49.17 19.66
N LEU D 145 -32.39 50.32 18.99
CA LEU D 145 -31.61 51.43 19.49
C LEU D 145 -32.18 51.97 20.80
N HIS D 146 -33.50 51.85 20.99
CA HIS D 146 -34.12 52.24 22.24
C HIS D 146 -33.93 51.16 23.30
N ARG D 147 -33.95 49.90 22.87
CA ARG D 147 -33.73 48.81 23.82
CA ARG D 147 -33.73 48.80 23.80
C ARG D 147 -32.36 48.90 24.48
N ILE D 148 -31.37 49.48 23.80
CA ILE D 148 -30.00 49.57 24.32
C ILE D 148 -29.59 51.00 24.64
N SER D 149 -30.51 51.95 24.58
CA SER D 149 -30.26 53.34 24.99
C SER D 149 -29.03 53.93 24.31
N TYR D 150 -29.07 53.96 22.98
CA TYR D 150 -27.99 54.53 22.19
C TYR D 150 -28.33 55.98 21.86
N GLY D 151 -27.49 56.89 22.35
CA GLY D 151 -27.65 58.32 22.13
C GLY D 151 -29.09 58.81 22.15
N ASN D 152 -29.41 59.74 21.26
CA ASN D 152 -30.75 60.30 21.19
C ASN D 152 -31.75 59.36 20.51
N GLU D 153 -31.29 58.24 19.95
CA GLU D 153 -32.17 57.26 19.32
C GLU D 153 -32.98 57.88 18.17
N ASP D 154 -32.50 59.00 17.62
CA ASP D 154 -33.21 59.68 16.53
C ASP D 154 -32.70 59.13 15.22
N ILE D 155 -33.53 58.35 14.54
CA ILE D 155 -33.22 57.83 13.22
C ILE D 155 -34.04 58.55 12.15
N SER D 156 -34.60 59.71 12.48
CA SER D 156 -35.47 60.44 11.56
C SER D 156 -34.75 60.87 10.28
N GLY D 157 -33.42 60.94 10.31
CA GLY D 157 -32.65 61.32 9.14
C GLY D 157 -32.75 60.33 7.99
N GLY D 158 -33.36 59.18 8.21
CA GLY D 158 -33.46 58.22 7.11
C GLY D 158 -32.80 56.91 7.46
N ILE D 159 -33.56 55.84 7.29
CA ILE D 159 -33.17 54.51 7.78
C ILE D 159 -31.73 54.15 7.36
N ASP D 160 -31.31 54.56 6.15
CA ASP D 160 -29.92 54.29 5.74
C ASP D 160 -29.06 55.55 5.75
N GLN D 161 -29.49 56.61 6.43
CA GLN D 161 -28.70 57.83 6.53
C GLN D 161 -28.51 58.34 7.96
N PHE D 162 -29.32 57.90 8.93
CA PHE D 162 -29.41 58.60 10.21
C PHE D 162 -28.09 58.71 10.95
N TRP D 163 -27.10 57.86 10.65
CA TRP D 163 -25.85 57.83 11.40
C TRP D 163 -24.72 58.59 10.73
N LEU D 164 -24.94 59.15 9.54
CA LEU D 164 -23.91 59.84 8.75
C LEU D 164 -24.28 61.32 8.61
N GLN D 165 -23.75 62.13 9.53
CA GLN D 165 -24.02 63.58 9.54
C GLN D 165 -25.52 63.86 9.54
N SER D 166 -26.23 63.25 10.49
CA SER D 166 -27.68 63.32 10.49
C SER D 166 -28.22 63.33 11.90
N SER D 167 -29.36 62.67 12.13
CA SER D 167 -30.13 62.90 13.35
C SER D 167 -29.56 62.17 14.56
N LEU D 168 -28.97 60.99 14.36
CA LEU D 168 -28.47 60.21 15.49
C LEU D 168 -27.28 60.91 16.12
N LYS D 169 -27.31 61.05 17.45
CA LYS D 169 -26.22 61.69 18.18
C LYS D 169 -25.96 60.98 19.51
N ILE D 170 -24.68 60.89 19.86
CA ILE D 170 -24.21 60.13 21.01
C ILE D 170 -22.89 60.71 21.48
N SER D 171 -22.78 60.97 22.77
CA SER D 171 -21.56 61.55 23.33
C SER D 171 -20.46 60.49 23.43
N PRO D 172 -19.20 60.91 23.44
CA PRO D 172 -18.11 59.96 23.70
C PRO D 172 -18.30 59.15 24.96
N LEU D 173 -18.77 59.75 26.05
CA LEU D 173 -19.00 58.98 27.27
C LEU D 173 -20.07 57.93 27.06
N GLU D 174 -21.09 58.22 26.25
CA GLU D 174 -22.12 57.23 25.97
C GLU D 174 -21.59 56.13 25.07
N GLU D 175 -20.61 56.44 24.21
CA GLU D 175 -19.94 55.39 23.45
C GLU D 175 -19.06 54.54 24.35
N LYS D 176 -18.35 55.17 25.30
CA LYS D 176 -17.57 54.42 26.26
C LYS D 176 -18.43 53.38 26.96
N ASP D 177 -19.57 53.81 27.53
CA ASP D 177 -20.47 52.87 28.17
C ASP D 177 -20.88 51.76 27.21
N PHE D 178 -21.38 52.14 26.03
CA PHE D 178 -21.87 51.14 25.10
C PHE D 178 -20.78 50.14 24.76
N ILE D 179 -19.57 50.62 24.46
CA ILE D 179 -18.48 49.71 24.17
C ILE D 179 -18.22 48.82 25.38
N GLU D 180 -18.17 49.44 26.57
CA GLU D 180 -17.99 48.70 27.82
C GLU D 180 -18.96 47.54 27.94
N HIS D 181 -20.24 47.75 27.59
CA HIS D 181 -21.22 46.68 27.68
C HIS D 181 -20.96 45.59 26.66
N LEU D 182 -20.70 45.98 25.41
CA LEU D 182 -20.37 44.97 24.40
C LEU D 182 -19.16 44.16 24.82
N TYR D 183 -18.29 44.72 25.65
CA TYR D 183 -17.13 43.98 26.15
C TYR D 183 -17.54 42.99 27.22
N LYS D 184 -18.07 43.50 28.34
CA LYS D 184 -18.58 42.61 29.37
C LYS D 184 -19.75 41.78 28.89
N GLU D 185 -20.26 42.05 27.68
CA GLU D 185 -21.36 41.28 27.10
C GLU D 185 -22.62 41.40 27.96
N ASP D 186 -22.84 42.60 28.49
CA ASP D 186 -24.05 42.89 29.26
C ASP D 186 -25.16 43.49 28.41
N LEU D 187 -25.11 43.34 27.06
CA LEU D 187 -26.17 43.75 26.14
C LEU D 187 -27.11 42.59 25.85
N PRO D 188 -28.36 42.88 25.44
CA PRO D 188 -29.34 41.81 25.26
C PRO D 188 -29.20 41.02 23.97
N PHE D 189 -28.05 41.13 23.29
CA PHE D 189 -27.87 40.35 22.08
C PHE D 189 -27.40 38.93 22.40
N ASP D 190 -27.69 38.00 21.50
CA ASP D 190 -27.20 36.64 21.62
C ASP D 190 -25.71 36.65 21.92
N LYS D 191 -25.28 35.78 22.83
CA LYS D 191 -23.86 35.71 23.19
C LYS D 191 -22.97 35.45 21.97
N PRO D 192 -23.21 34.43 21.15
CA PRO D 192 -22.31 34.21 20.01
C PRO D 192 -22.23 35.41 19.08
N ILE D 193 -23.33 36.15 18.94
CA ILE D 193 -23.34 37.34 18.10
C ILE D 193 -22.43 38.41 18.67
N MET D 194 -22.47 38.64 19.98
CA MET D 194 -21.54 39.60 20.58
C MET D 194 -20.09 39.19 20.37
N LYS D 195 -19.81 37.88 20.44
CA LYS D 195 -18.45 37.41 20.18
C LYS D 195 -18.05 37.63 18.73
N THR D 196 -19.01 37.58 17.81
CA THR D 196 -18.67 37.80 16.41
C THR D 196 -18.29 39.26 16.18
N VAL D 197 -19.19 40.18 16.52
CA VAL D 197 -18.92 41.60 16.29
C VAL D 197 -17.64 42.02 16.98
N LYS D 198 -17.39 41.50 18.18
CA LYS D 198 -16.13 41.81 18.86
C LYS D 198 -14.94 41.27 18.08
N ARG D 199 -15.07 40.07 17.50
CA ARG D 199 -13.99 39.55 16.68
C ARG D 199 -13.77 40.44 15.46
N MET D 200 -14.86 40.96 14.91
CA MET D 200 -14.76 41.80 13.72
C MET D 200 -14.05 43.11 14.02
N MET D 201 -14.08 43.57 15.26
CA MET D 201 -13.42 44.84 15.62
C MET D 201 -11.93 44.70 15.85
N ILE D 202 -11.35 43.51 15.66
CA ILE D 202 -9.93 43.31 15.96
C ILE D 202 -9.10 44.15 14.98
N GLN D 203 -8.38 45.14 15.51
CA GLN D 203 -7.51 46.02 14.75
C GLN D 203 -6.09 45.45 14.61
N GLU D 204 -5.49 45.06 15.74
CA GLU D 204 -4.17 44.43 15.75
C GLU D 204 -4.17 43.33 16.78
N GLU D 205 -3.24 42.39 16.62
CA GLU D 205 -3.13 41.24 17.50
C GLU D 205 -1.65 40.93 17.70
N GLY D 206 -1.13 41.26 18.88
CA GLY D 206 0.21 40.92 19.24
C GLY D 206 0.26 39.68 20.13
N ASP D 207 1.47 39.36 20.58
CA ASP D 207 1.66 38.24 21.48
C ASP D 207 1.19 38.56 22.89
N HIS D 208 1.20 39.84 23.28
CA HIS D 208 0.85 40.25 24.63
C HIS D 208 -0.31 41.24 24.69
N TYR D 209 -1.01 41.46 23.59
CA TYR D 209 -2.14 42.38 23.59
C TYR D 209 -3.01 42.12 22.36
N THR D 210 -4.25 42.58 22.45
CA THR D 210 -5.18 42.55 21.34
C THR D 210 -5.99 43.84 21.34
N LEU D 211 -6.02 44.51 20.20
CA LEU D 211 -6.57 45.86 20.06
C LEU D 211 -7.87 45.82 19.27
N TYR D 212 -8.96 46.22 19.90
CA TYR D 212 -10.27 46.31 19.26
C TYR D 212 -10.65 47.78 19.06
N GLY D 213 -11.33 48.07 17.95
CA GLY D 213 -11.72 49.44 17.69
C GLY D 213 -12.48 49.57 16.39
N LYS D 214 -13.11 50.73 16.23
CA LYS D 214 -13.84 51.14 15.04
C LYS D 214 -13.67 52.65 14.87
N THR D 215 -13.31 53.07 13.67
CA THR D 215 -13.11 54.49 13.39
C THR D 215 -14.40 55.14 12.90
N GLY D 216 -14.38 56.46 12.83
CA GLY D 216 -15.50 57.25 12.36
C GLY D 216 -15.04 58.58 11.79
N THR D 217 -15.63 59.00 10.67
CA THR D 217 -15.10 60.12 9.91
C THR D 217 -16.22 61.02 9.43
N ASP D 218 -16.04 62.32 9.65
CA ASP D 218 -16.78 63.38 9.01
C ASP D 218 -15.87 64.59 8.98
N TYR D 219 -16.07 65.47 8.01
CA TYR D 219 -15.21 66.65 7.87
C TYR D 219 -14.97 67.33 9.21
N GLY D 220 -13.72 67.32 9.67
CA GLY D 220 -13.39 67.87 10.98
C GLY D 220 -14.04 67.17 12.16
N LEU D 221 -14.14 65.84 12.12
CA LEU D 221 -14.71 65.07 13.22
C LEU D 221 -14.15 63.66 13.17
N GLY D 222 -13.49 63.24 14.24
CA GLY D 222 -12.81 61.95 14.27
C GLY D 222 -13.24 61.11 15.45
N TRP D 223 -13.33 59.80 15.23
CA TRP D 223 -13.76 58.83 16.21
C TRP D 223 -12.82 57.65 16.23
N PHE D 224 -12.57 57.10 17.42
CA PHE D 224 -12.00 55.76 17.53
C PHE D 224 -12.44 55.19 18.87
N VAL D 225 -13.27 54.14 18.81
CA VAL D 225 -13.90 53.55 19.98
C VAL D 225 -13.62 52.06 19.98
N GLY D 226 -13.48 51.50 21.16
CA GLY D 226 -13.11 50.11 21.31
C GLY D 226 -12.34 49.90 22.60
N PHE D 227 -11.71 48.73 22.69
CA PHE D 227 -11.09 48.28 23.92
C PHE D 227 -9.81 47.52 23.62
N ILE D 228 -8.98 47.34 24.65
CA ILE D 228 -7.71 46.65 24.55
C ILE D 228 -7.62 45.62 25.67
N THR D 229 -7.32 44.37 25.32
CA THR D 229 -7.07 43.31 26.29
C THR D 229 -5.58 42.98 26.31
N THR D 230 -5.05 42.80 27.51
CA THR D 230 -3.67 42.41 27.73
C THR D 230 -3.64 41.35 28.82
N ASP D 231 -2.45 40.84 29.10
CA ASP D 231 -2.29 39.85 30.15
C ASP D 231 -2.85 40.39 31.47
N ASN D 232 -4.07 39.99 31.81
CA ASN D 232 -4.74 40.32 33.07
C ASN D 232 -5.17 41.78 33.17
N HIS D 233 -5.36 42.49 32.06
CA HIS D 233 -5.85 43.86 32.14
C HIS D 233 -6.69 44.16 30.90
N SER D 234 -7.79 44.90 31.12
CA SER D 234 -8.70 45.28 30.05
C SER D 234 -9.07 46.74 30.22
N TYR D 235 -9.05 47.48 29.12
CA TYR D 235 -9.37 48.90 29.13
C TYR D 235 -10.32 49.25 27.99
N ILE D 236 -11.36 50.01 28.31
CA ILE D 236 -12.21 50.64 27.31
C ILE D 236 -11.62 52.02 27.01
N PHE D 237 -11.71 52.45 25.76
CA PHE D 237 -11.17 53.75 25.38
C PHE D 237 -12.08 54.41 24.36
N VAL D 238 -11.99 55.73 24.29
CA VAL D 238 -12.76 56.49 23.32
C VAL D 238 -11.95 57.73 22.95
N THR D 239 -11.72 57.94 21.65
CA THR D 239 -11.02 59.11 21.17
C THR D 239 -11.93 59.87 20.22
N ASN D 240 -12.19 61.13 20.54
CA ASN D 240 -13.05 61.99 19.75
C ASN D 240 -12.35 63.33 19.61
N VAL D 241 -12.19 63.81 18.39
CA VAL D 241 -11.36 64.97 18.12
C VAL D 241 -11.80 65.56 16.79
N ASP D 242 -11.41 66.82 16.55
CA ASP D 242 -11.77 67.50 15.30
C ASP D 242 -10.66 67.28 14.25
N ALA D 243 -10.55 66.03 13.83
CA ALA D 243 -9.65 65.62 12.76
C ALA D 243 -10.23 64.36 12.13
N SER D 244 -9.48 63.77 11.20
CA SER D 244 -9.96 62.58 10.50
C SER D 244 -10.05 61.39 11.46
N GLY D 245 -10.76 60.36 11.01
CA GLY D 245 -10.80 59.11 11.76
C GLY D 245 -9.45 58.43 11.87
N THR D 246 -8.48 58.86 11.04
CA THR D 246 -7.11 58.36 11.13
C THR D 246 -6.37 58.96 12.31
N ALA D 247 -6.49 60.28 12.49
CA ALA D 247 -5.87 60.94 13.63
C ALA D 247 -6.46 60.42 14.93
N ALA D 248 -7.80 60.32 14.99
CA ALA D 248 -8.45 59.76 16.17
C ALA D 248 -7.81 58.45 16.60
N LYS D 249 -7.45 57.60 15.64
CA LYS D 249 -6.85 56.31 15.97
C LYS D 249 -5.38 56.45 16.35
N ASN D 250 -4.61 57.16 15.52
CA ASN D 250 -3.18 57.32 15.77
C ASN D 250 -2.92 57.97 17.12
N ILE D 251 -3.83 58.86 17.55
CA ILE D 251 -3.76 59.37 18.91
C ILE D 251 -3.92 58.24 19.92
N THR D 252 -4.93 57.41 19.73
CA THR D 252 -5.20 56.31 20.68
C THR D 252 -4.01 55.34 20.73
N THR D 253 -3.48 54.96 19.57
CA THR D 253 -2.36 54.02 19.54
C THR D 253 -1.13 54.60 20.23
N ASP D 254 -0.89 55.91 20.06
CA ASP D 254 0.22 56.56 20.75
C ASP D 254 0.00 56.57 22.26
N ILE D 255 -1.22 56.86 22.71
CA ILE D 255 -1.50 56.88 24.15
C ILE D 255 -1.26 55.50 24.76
N LEU D 256 -1.80 54.46 24.14
CA LEU D 256 -1.66 53.11 24.68
C LEU D 256 -0.25 52.57 24.44
N LYS D 257 0.33 52.83 23.27
CA LYS D 257 1.76 52.52 23.08
C LYS D 257 2.59 53.11 24.21
N LYS D 258 2.31 54.37 24.55
CA LYS D 258 3.02 55.04 25.63
C LYS D 258 2.91 54.26 26.93
N TYR D 259 1.69 54.15 27.46
CA TYR D 259 1.48 53.53 28.77
C TYR D 259 1.61 52.01 28.73
N HIS D 260 2.31 51.46 27.75
CA HIS D 260 2.65 50.04 27.68
C HIS D 260 1.41 49.16 27.79
N LEU D 261 0.40 49.52 27.01
CA LEU D 261 -0.74 48.66 26.74
C LEU D 261 -0.64 48.02 25.36
N ILE D 262 -0.34 48.81 24.33
CA ILE D 262 0.15 48.27 23.08
C ILE D 262 1.65 48.03 23.26
N THR D 263 2.05 46.75 23.28
CA THR D 263 3.46 46.42 23.35
C THR D 263 3.81 45.73 22.06
N ASN D 264 3.97 44.41 22.06
CA ASN D 264 4.14 43.66 20.82
C ASN D 264 3.68 42.23 21.03
N SER E 31 30.66 -4.95 26.14
CA SER E 31 30.14 -5.39 24.85
C SER E 31 28.61 -5.30 24.82
N VAL E 32 28.09 -4.33 24.05
CA VAL E 32 26.65 -4.23 23.83
C VAL E 32 26.14 -5.57 23.32
N ASN E 33 24.87 -5.85 23.58
CA ASN E 33 24.21 -7.06 23.12
C ASN E 33 23.04 -6.59 22.26
N VAL E 34 23.31 -6.37 20.96
CA VAL E 34 22.33 -5.72 20.11
C VAL E 34 20.99 -6.46 20.11
N SER E 35 21.01 -7.76 20.44
CA SER E 35 19.77 -8.55 20.47
C SER E 35 18.84 -8.11 21.59
N LYS E 36 19.34 -7.43 22.62
CA LYS E 36 18.51 -6.95 23.72
C LYS E 36 18.28 -5.44 23.65
N LEU E 37 18.57 -4.83 22.51
CA LEU E 37 18.36 -3.40 22.35
C LEU E 37 16.89 -3.05 22.50
N ASN E 38 16.63 -1.81 22.87
CA ASN E 38 15.29 -1.25 22.82
C ASN E 38 15.41 0.25 22.59
N VAL E 39 14.77 0.73 21.51
CA VAL E 39 14.89 2.11 21.09
C VAL E 39 13.51 2.74 20.88
N ASP E 40 12.48 2.13 21.47
CA ASP E 40 11.12 2.64 21.30
C ASP E 40 11.04 4.12 21.65
N GLU E 41 11.78 4.54 22.68
CA GLU E 41 11.68 5.92 23.15
C GLU E 41 12.06 6.92 22.06
N PHE E 42 12.93 6.56 21.15
CA PHE E 42 13.43 7.41 20.10
C PHE E 42 12.55 7.47 18.91
N PHE E 43 11.61 6.58 18.82
CA PHE E 43 10.68 6.65 17.75
C PHE E 43 9.31 6.93 18.28
N LYS E 44 9.16 7.78 19.26
CA LYS E 44 7.87 8.08 19.78
C LYS E 44 7.09 9.16 18.97
N ASP E 45 7.78 10.07 18.32
CA ASP E 45 7.08 11.11 17.61
C ASP E 45 6.75 10.84 16.16
N ARG E 46 7.58 10.05 15.54
CA ARG E 46 7.46 9.82 14.17
C ARG E 46 7.69 8.38 13.86
N ASP E 47 7.02 7.87 12.85
CA ASP E 47 7.18 6.55 12.40
C ASP E 47 8.58 6.40 11.81
N GLY E 48 9.17 5.24 11.98
CA GLY E 48 10.54 5.07 11.54
C GLY E 48 10.99 3.64 11.74
N THR E 49 12.27 3.41 11.42
CA THR E 49 12.86 2.09 11.46
C THR E 49 14.36 2.24 11.73
N PHE E 50 14.89 1.36 12.58
CA PHE E 50 16.29 1.42 12.97
C PHE E 50 16.86 0.00 12.95
N ILE E 51 18.07 -0.12 12.39
CA ILE E 51 18.74 -1.40 12.23
C ILE E 51 20.15 -1.26 12.77
N LEU E 52 20.55 -2.17 13.66
CA LEU E 52 21.90 -2.21 14.18
C LEU E 52 22.43 -3.61 14.02
N HIS E 53 23.58 -3.75 13.37
CA HIS E 53 24.16 -5.06 13.08
C HIS E 53 25.57 -5.14 13.65
N ASP E 54 25.75 -6.04 14.62
CA ASP E 54 27.04 -6.28 15.28
C ASP E 54 27.93 -7.09 14.34
N VAL E 55 28.90 -6.42 13.73
CA VAL E 55 29.79 -7.08 12.76
C VAL E 55 30.39 -8.34 13.37
N GLN E 56 31.10 -8.19 14.48
CA GLN E 56 31.82 -9.32 15.06
C GLN E 56 30.86 -10.45 15.46
N LYS E 57 29.82 -10.13 16.22
CA LYS E 57 28.95 -11.17 16.76
C LYS E 57 27.87 -11.60 15.78
N ASP E 58 27.64 -10.83 14.71
CA ASP E 58 26.72 -11.21 13.64
C ASP E 58 25.27 -11.27 14.14
N LYS E 59 24.90 -10.36 15.03
CA LYS E 59 23.52 -10.21 15.44
C LYS E 59 22.95 -8.98 14.77
N THR E 60 21.63 -8.99 14.54
CA THR E 60 20.93 -7.90 13.86
C THR E 60 19.70 -7.50 14.65
N PHE E 61 19.60 -6.23 14.97
CA PHE E 61 18.43 -5.68 15.65
C PHE E 61 17.62 -4.81 14.68
N ILE E 62 16.29 -4.98 14.71
CA ILE E 62 15.38 -4.32 13.78
C ILE E 62 14.19 -3.78 14.54
N TYR E 63 14.05 -2.45 14.58
CA TYR E 63 12.84 -1.79 15.10
C TYR E 63 11.92 -1.45 13.93
N ASN E 64 10.65 -1.84 14.03
CA ASN E 64 9.70 -1.67 12.92
C ASN E 64 10.13 -2.49 11.72
N GLU E 65 9.86 -3.80 11.76
CA GLU E 65 10.33 -4.69 10.70
C GLU E 65 9.63 -4.42 9.37
N SER E 66 8.35 -4.04 9.38
CA SER E 66 7.65 -3.80 8.13
C SER E 66 8.29 -2.64 7.36
N ARG E 67 8.60 -1.55 8.06
CA ARG E 67 9.22 -0.41 7.39
C ARG E 67 10.65 -0.71 6.97
N ALA E 68 11.35 -1.57 7.66
CA ALA E 68 12.65 -1.97 7.25
C ALA E 68 12.68 -2.72 5.89
N LYS E 69 11.56 -3.31 5.54
CA LYS E 69 11.41 -4.04 4.33
C LYS E 69 10.86 -3.22 3.17
N GLU E 70 10.46 -2.01 3.46
CA GLU E 70 9.84 -1.14 2.53
C GLU E 70 10.80 -0.41 1.61
N ARG E 71 10.61 -0.58 0.33
CA ARG E 71 11.50 0.06 -0.62
C ARG E 71 11.09 1.50 -0.85
N GLN E 72 12.05 2.41 -0.70
CA GLN E 72 11.83 3.84 -0.78
C GLN E 72 12.95 4.47 -1.60
N THR E 73 12.67 5.65 -2.13
CA THR E 73 13.70 6.42 -2.81
C THR E 73 14.86 6.68 -1.86
N PRO E 74 16.11 6.51 -2.31
CA PRO E 74 17.25 6.64 -1.39
C PRO E 74 17.73 8.06 -1.13
N GLN E 75 17.23 9.06 -1.86
CA GLN E 75 17.74 10.44 -1.73
C GLN E 75 19.26 10.38 -1.73
N SER E 76 19.90 11.32 -1.03
CA SER E 76 21.34 11.49 -1.09
C SER E 76 22.13 10.30 -0.54
N THR E 77 21.49 9.27 0.01
CA THR E 77 22.25 8.08 0.35
C THR E 77 22.89 7.45 -0.89
N PHE E 78 22.24 7.57 -2.04
CA PHE E 78 22.78 7.03 -3.28
C PHE E 78 24.16 7.60 -3.66
N KCX E 79 24.60 8.66 -2.98
CA KCX E 79 25.93 9.25 -3.23
CB KCX E 79 26.10 10.57 -2.46
CG KCX E 79 25.27 11.72 -2.96
CD KCX E 79 25.70 13.01 -2.30
CE KCX E 79 25.08 14.21 -3.01
NZ KCX E 79 23.61 14.14 -2.94
C KCX E 79 27.08 8.32 -2.87
O KCX E 79 28.21 8.54 -3.31
CX KCX E 79 22.96 13.65 -3.99
OQ1 KCX E 79 21.73 13.57 -3.99
OQ2 KCX E 79 23.65 13.30 -4.96
N VAL E 80 26.80 7.30 -2.06
CA VAL E 80 27.83 6.36 -1.65
C VAL E 80 28.13 5.37 -2.78
N PRO E 81 27.10 4.71 -3.33
CA PRO E 81 27.35 3.86 -4.49
C PRO E 81 27.68 4.67 -5.74
N ASN E 82 27.01 5.81 -5.93
CA ASN E 82 27.38 6.73 -7.00
C ASN E 82 28.86 7.08 -6.93
N ALA E 83 29.33 7.56 -5.78
CA ALA E 83 30.73 7.93 -5.64
C ALA E 83 31.63 6.75 -6.00
N LEU E 84 31.27 5.56 -5.51
CA LEU E 84 32.05 4.37 -5.82
C LEU E 84 32.08 4.11 -7.32
N ILE E 85 30.96 4.32 -8.01
CA ILE E 85 30.89 4.07 -9.45
C ILE E 85 31.72 5.09 -10.20
N GLY E 86 31.53 6.38 -9.87
CA GLY E 86 32.29 7.43 -10.54
C GLY E 86 33.78 7.16 -10.53
N LEU E 87 34.34 6.84 -9.36
CA LEU E 87 35.77 6.55 -9.28
C LEU E 87 36.10 5.29 -10.06
N GLN E 88 35.30 4.24 -9.90
CA GLN E 88 35.62 2.98 -10.54
C GLN E 88 35.72 3.15 -12.05
N VAL E 89 34.77 3.90 -12.63
CA VAL E 89 34.76 4.18 -14.06
C VAL E 89 35.50 5.47 -14.42
N LYS E 90 36.15 6.11 -13.45
CA LYS E 90 36.98 7.31 -13.69
C LYS E 90 36.17 8.49 -14.21
N ALA E 91 34.88 8.58 -13.88
CA ALA E 91 34.21 9.84 -14.17
C ALA E 91 34.69 10.97 -13.26
N VAL E 92 35.44 10.64 -12.21
CA VAL E 92 36.14 11.62 -11.37
C VAL E 92 37.42 10.97 -10.87
N ARG E 93 38.37 11.81 -10.48
CA ARG E 93 39.72 11.33 -10.20
C ARG E 93 39.84 10.78 -8.78
N ASP E 94 39.61 11.62 -7.77
CA ASP E 94 39.69 11.19 -6.38
C ASP E 94 38.70 12.01 -5.55
N GLU E 95 38.81 11.91 -4.23
CA GLU E 95 37.92 12.64 -3.34
C GLU E 95 38.09 14.15 -3.47
N TYR E 96 39.14 14.62 -4.14
CA TYR E 96 39.41 16.05 -4.29
C TYR E 96 39.22 16.55 -5.72
N ASP E 97 38.47 15.81 -6.54
CA ASP E 97 38.22 16.19 -7.94
C ASP E 97 37.27 17.37 -7.98
N VAL E 98 37.76 18.56 -8.32
CA VAL E 98 36.99 19.78 -8.17
C VAL E 98 36.10 20.02 -9.39
N LYS E 99 34.84 20.34 -9.13
CA LYS E 99 33.93 20.90 -10.11
C LYS E 99 33.62 22.35 -9.68
N ARG E 100 33.86 23.30 -10.58
CA ARG E 100 33.62 24.69 -10.24
C ARG E 100 32.13 25.01 -10.20
N TRP E 101 31.78 25.99 -9.39
CA TRP E 101 30.39 26.38 -9.21
C TRP E 101 29.97 27.34 -10.32
N ASP E 102 28.82 27.05 -10.93
CA ASP E 102 28.34 27.80 -12.09
C ASP E 102 27.77 29.15 -11.72
N GLY E 103 27.85 29.54 -10.44
CA GLY E 103 27.34 30.82 -10.01
C GLY E 103 25.86 30.88 -9.78
N THR E 104 25.11 29.84 -10.16
CA THR E 104 23.69 29.79 -9.86
C THR E 104 23.48 29.67 -8.36
N GLU E 105 22.54 30.45 -7.83
CA GLU E 105 22.24 30.38 -6.40
C GLU E 105 21.25 29.25 -6.16
N ARG E 106 21.66 28.25 -5.39
CA ARG E 106 20.80 27.15 -4.99
C ARG E 106 20.40 27.32 -3.53
N GLU E 107 19.47 26.47 -3.09
CA GLU E 107 18.77 26.71 -1.84
C GLU E 107 19.72 26.85 -0.66
N PHE E 108 20.77 26.03 -0.61
CA PHE E 108 21.64 25.94 0.56
C PHE E 108 22.93 26.70 0.32
N GLU E 109 23.29 27.54 1.29
CA GLU E 109 24.49 28.38 1.18
C GLU E 109 25.73 27.55 0.87
N SER E 110 25.88 26.42 1.56
CA SER E 110 27.06 25.58 1.34
C SER E 110 27.07 24.95 -0.05
N TRP E 111 26.00 25.07 -0.82
CA TRP E 111 26.00 24.59 -2.20
C TRP E 111 26.59 25.59 -3.20
N ASN E 112 26.57 26.89 -2.88
CA ASN E 112 26.98 27.93 -3.83
C ASN E 112 28.48 28.20 -3.69
N ARG E 113 29.27 27.23 -4.11
CA ARG E 113 30.72 27.41 -4.16
C ARG E 113 31.33 26.20 -4.85
N ASP E 114 32.64 26.23 -5.05
CA ASP E 114 33.33 25.10 -5.64
C ASP E 114 33.25 23.90 -4.71
N HIS E 115 33.11 22.71 -5.29
CA HIS E 115 32.93 21.50 -4.51
C HIS E 115 33.69 20.35 -5.14
N THR E 116 34.07 19.40 -4.30
CA THR E 116 34.75 18.17 -4.68
C THR E 116 33.84 16.99 -4.42
N LEU E 117 34.22 15.81 -4.90
CA LEU E 117 33.48 14.60 -4.57
C LEU E 117 33.25 14.53 -3.06
N GLY E 118 34.34 14.64 -2.30
CA GLY E 118 34.24 14.52 -0.84
C GLY E 118 33.42 15.64 -0.20
N SER E 119 33.78 16.89 -0.46
CA SER E 119 33.02 17.98 0.13
C SER E 119 31.56 17.92 -0.28
N ALA E 120 31.27 17.43 -1.50
CA ALA E 120 29.89 17.42 -1.97
C ALA E 120 29.07 16.33 -1.33
N MET E 121 29.70 15.21 -0.95
CA MET E 121 29.01 14.24 -0.11
C MET E 121 28.76 14.79 1.28
N ARG E 122 29.80 15.35 1.93
CA ARG E 122 29.62 15.88 3.27
C ARG E 122 28.43 16.83 3.35
N ASP E 123 28.31 17.75 2.39
CA ASP E 123 27.26 18.76 2.44
C ASP E 123 26.06 18.41 1.56
N SER E 124 26.01 17.19 1.03
CA SER E 124 24.85 16.74 0.25
C SER E 124 24.58 17.68 -0.92
N VAL E 125 25.64 18.04 -1.64
CA VAL E 125 25.55 18.97 -2.77
C VAL E 125 25.11 18.17 -3.98
N ILE E 126 23.83 18.30 -4.35
CA ILE E 126 23.24 17.44 -5.37
C ILE E 126 23.73 17.78 -6.77
N TRP E 127 24.06 19.04 -7.05
CA TRP E 127 24.48 19.35 -8.40
C TRP E 127 25.81 18.68 -8.73
N TYR E 128 26.73 18.60 -7.77
CA TYR E 128 28.00 17.94 -8.05
C TYR E 128 27.77 16.51 -8.50
N TYR E 129 26.91 15.78 -7.79
CA TYR E 129 26.73 14.37 -8.11
C TYR E 129 25.83 14.18 -9.33
N GLN E 130 24.92 15.13 -9.61
CA GLN E 130 24.16 15.09 -10.85
C GLN E 130 25.08 15.29 -12.05
N ALA E 131 26.02 16.23 -11.96
CA ALA E 131 27.01 16.37 -13.03
C ALA E 131 27.82 15.09 -13.17
N MET E 132 28.28 14.52 -12.05
CA MET E 132 29.08 13.30 -12.11
C MET E 132 28.29 12.11 -12.67
N ALA E 133 26.98 12.08 -12.43
CA ALA E 133 26.19 10.94 -12.89
C ALA E 133 26.05 10.94 -14.41
N ARG E 134 25.89 12.11 -15.01
CA ARG E 134 25.76 12.16 -16.47
C ARG E 134 27.03 11.66 -17.13
N ASP E 135 28.19 11.99 -16.56
CA ASP E 135 29.45 11.51 -17.14
C ASP E 135 29.61 10.01 -16.97
N ILE E 136 28.98 9.41 -15.95
CA ILE E 136 28.92 7.95 -15.85
C ILE E 136 28.07 7.38 -16.99
N GLY E 137 26.85 7.90 -17.15
CA GLY E 137 26.00 7.49 -18.25
C GLY E 137 25.09 6.32 -17.93
N GLU E 138 23.88 6.35 -18.50
CA GLU E 138 22.91 5.27 -18.27
C GLU E 138 23.55 3.90 -18.39
N ASP E 139 24.28 3.66 -19.49
CA ASP E 139 24.84 2.34 -19.74
C ASP E 139 25.66 1.84 -18.55
N ARG E 140 26.59 2.65 -18.06
CA ARG E 140 27.45 2.19 -16.98
C ARG E 140 26.72 2.17 -15.64
N MET E 141 25.84 3.14 -15.41
CA MET E 141 25.04 3.13 -14.20
C MET E 141 24.18 1.87 -14.12
N LYS E 142 23.53 1.50 -15.22
CA LYS E 142 22.73 0.29 -15.22
C LYS E 142 23.57 -0.93 -14.89
N ASP E 143 24.66 -1.12 -15.65
CA ASP E 143 25.54 -2.25 -15.41
C ASP E 143 26.02 -2.32 -13.97
N TRP E 144 26.57 -1.22 -13.46
CA TRP E 144 27.09 -1.25 -12.11
C TRP E 144 25.98 -1.40 -11.08
N LEU E 145 24.87 -0.66 -11.26
CA LEU E 145 23.73 -0.84 -10.36
C LEU E 145 23.28 -2.28 -10.31
N HIS E 146 23.41 -3.01 -11.43
CA HIS E 146 23.07 -4.43 -11.42
C HIS E 146 24.19 -5.27 -10.81
N ARG E 147 25.44 -4.88 -11.04
CA ARG E 147 26.55 -5.62 -10.46
C ARG E 147 26.54 -5.62 -8.94
N ILE E 148 25.87 -4.66 -8.30
CA ILE E 148 25.80 -4.61 -6.84
C ILE E 148 24.42 -4.91 -6.31
N SER E 149 23.41 -5.01 -7.18
CA SER E 149 22.07 -5.39 -6.74
C SER E 149 21.49 -4.32 -5.79
N TYR E 150 21.45 -3.09 -6.29
CA TYR E 150 21.06 -1.92 -5.48
C TYR E 150 19.58 -1.67 -5.69
N GLY E 151 18.77 -2.13 -4.73
CA GLY E 151 17.35 -1.88 -4.81
C GLY E 151 16.75 -2.47 -6.07
N ASN E 152 15.72 -1.80 -6.59
CA ASN E 152 15.10 -2.27 -7.82
C ASN E 152 15.93 -1.94 -9.07
N GLU E 153 17.09 -1.29 -8.90
CA GLU E 153 18.02 -1.02 -10.01
C GLU E 153 17.40 -0.17 -11.11
N ASP E 154 16.35 0.59 -10.81
CA ASP E 154 15.56 1.28 -11.81
C ASP E 154 16.10 2.70 -12.00
N ILE E 155 16.75 2.95 -13.13
CA ILE E 155 17.28 4.28 -13.42
C ILE E 155 16.49 4.95 -14.54
N SER E 156 15.22 4.57 -14.70
CA SER E 156 14.41 5.10 -15.77
C SER E 156 13.90 6.52 -15.52
N GLY E 157 14.17 7.09 -14.34
CA GLY E 157 13.73 8.43 -14.03
C GLY E 157 14.60 9.54 -14.57
N GLY E 158 15.64 9.21 -15.32
CA GLY E 158 16.61 10.19 -15.80
C GLY E 158 17.97 9.88 -15.18
N ILE E 159 19.03 10.03 -15.98
CA ILE E 159 20.36 9.66 -15.51
C ILE E 159 20.82 10.52 -14.34
N ASP E 160 20.21 11.70 -14.17
CA ASP E 160 20.58 12.62 -13.11
C ASP E 160 19.40 12.95 -12.22
N GLN E 161 18.37 12.11 -12.24
CA GLN E 161 17.19 12.30 -11.40
C GLN E 161 16.73 11.04 -10.69
N PHE E 162 17.12 9.85 -11.15
CA PHE E 162 16.46 8.61 -10.73
C PHE E 162 16.53 8.36 -9.22
N TRP E 163 17.55 8.90 -8.55
CA TRP E 163 17.68 8.65 -7.11
C TRP E 163 16.99 9.68 -6.25
N LEU E 164 16.34 10.67 -6.84
CA LEU E 164 15.71 11.76 -6.10
C LEU E 164 14.21 11.68 -6.30
N GLN E 165 13.48 11.21 -5.29
CA GLN E 165 12.01 11.08 -5.25
C GLN E 165 11.48 10.55 -6.56
N SER E 166 12.13 9.54 -7.08
CA SER E 166 11.87 9.08 -8.44
C SER E 166 11.76 7.56 -8.52
N SER E 167 12.52 6.95 -9.46
CA SER E 167 12.32 5.57 -9.85
C SER E 167 13.12 4.59 -9.00
N LEU E 168 14.38 4.91 -8.70
CA LEU E 168 15.19 3.99 -7.92
C LEU E 168 14.61 3.89 -6.51
N LYS E 169 14.35 2.66 -6.06
CA LYS E 169 13.83 2.40 -4.73
C LYS E 169 14.57 1.22 -4.10
N ILE E 170 14.81 1.32 -2.79
CA ILE E 170 15.56 0.30 -2.06
C ILE E 170 15.11 0.34 -0.61
N SER E 171 15.15 -0.81 0.05
CA SER E 171 14.64 -0.89 1.41
C SER E 171 15.72 -0.58 2.44
N PRO E 172 15.31 -0.16 3.63
CA PRO E 172 16.30 -0.05 4.73
C PRO E 172 17.14 -1.30 4.93
N LEU E 173 16.55 -2.50 4.80
CA LEU E 173 17.34 -3.71 5.03
C LEU E 173 18.37 -3.94 3.92
N GLU E 174 18.05 -3.56 2.68
CA GLU E 174 19.03 -3.63 1.60
C GLU E 174 20.17 -2.63 1.84
N GLU E 175 19.84 -1.37 2.16
CA GLU E 175 20.87 -0.38 2.42
C GLU E 175 21.81 -0.84 3.53
N LYS E 176 21.29 -1.55 4.52
CA LYS E 176 22.15 -2.11 5.56
C LYS E 176 23.11 -3.14 4.98
N ASP E 177 22.64 -3.97 4.05
CA ASP E 177 23.50 -4.99 3.46
C ASP E 177 24.52 -4.37 2.50
N PHE E 178 24.11 -3.35 1.74
CA PHE E 178 25.08 -2.66 0.89
C PHE E 178 26.21 -2.07 1.72
N ILE E 179 25.87 -1.35 2.80
CA ILE E 179 26.90 -0.76 3.64
C ILE E 179 27.73 -1.85 4.30
N GLU E 180 27.10 -2.97 4.70
CA GLU E 180 27.86 -4.09 5.25
C GLU E 180 28.88 -4.61 4.24
N HIS E 181 28.47 -4.74 2.97
CA HIS E 181 29.44 -5.16 1.96
C HIS E 181 30.49 -4.09 1.73
N LEU E 182 30.12 -2.82 1.82
CA LEU E 182 31.11 -1.76 1.70
C LEU E 182 32.11 -1.79 2.85
N TYR E 183 31.65 -2.10 4.08
CA TYR E 183 32.54 -2.15 5.24
C TYR E 183 33.47 -3.36 5.20
N LYS E 184 32.98 -4.51 4.77
CA LYS E 184 33.82 -5.69 4.59
C LYS E 184 34.55 -5.71 3.26
N GLU E 185 34.22 -4.80 2.33
CA GLU E 185 34.85 -4.72 1.01
C GLU E 185 34.51 -5.94 0.16
N ASP E 186 33.36 -6.57 0.45
CA ASP E 186 32.78 -7.58 -0.43
C ASP E 186 31.96 -6.85 -1.51
N LEU E 187 32.69 -6.24 -2.44
CA LEU E 187 32.07 -5.49 -3.51
C LEU E 187 33.03 -5.48 -4.68
N PRO E 188 32.52 -5.51 -5.93
CA PRO E 188 33.39 -5.54 -7.11
C PRO E 188 34.13 -4.25 -7.40
N PHE E 189 34.28 -3.36 -6.42
CA PHE E 189 35.06 -2.15 -6.59
C PHE E 189 36.49 -2.38 -6.12
N ASP E 190 37.42 -1.61 -6.68
CA ASP E 190 38.79 -1.67 -6.22
C ASP E 190 38.84 -1.42 -4.71
N LYS E 191 39.82 -2.01 -4.05
CA LYS E 191 39.96 -1.80 -2.60
C LYS E 191 40.28 -0.36 -2.27
N PRO E 192 41.25 0.30 -2.92
CA PRO E 192 41.49 1.72 -2.62
C PRO E 192 40.28 2.60 -2.83
N ILE E 193 39.46 2.29 -3.85
CA ILE E 193 38.28 3.11 -4.11
C ILE E 193 37.29 3.00 -2.96
N MET E 194 37.05 1.78 -2.48
CA MET E 194 36.19 1.62 -1.32
C MET E 194 36.80 2.29 -0.10
N LYS E 195 38.12 2.21 0.05
CA LYS E 195 38.75 2.91 1.16
C LYS E 195 38.51 4.41 1.07
N THR E 196 38.68 4.98 -0.14
CA THR E 196 38.54 6.42 -0.29
C THR E 196 37.10 6.87 0.00
N VAL E 197 36.12 6.10 -0.47
CA VAL E 197 34.73 6.52 -0.29
C VAL E 197 34.30 6.38 1.16
N LYS E 198 34.83 5.39 1.87
CA LYS E 198 34.46 5.29 3.28
C LYS E 198 35.05 6.46 4.07
N ARG E 199 36.34 6.75 3.87
CA ARG E 199 36.93 7.94 4.48
C ARG E 199 36.02 9.15 4.28
N MET E 200 35.40 9.22 3.09
CA MET E 200 34.55 10.37 2.78
C MET E 200 33.30 10.41 3.66
N MET E 201 32.85 9.28 4.16
CA MET E 201 31.63 9.32 4.96
C MET E 201 31.89 9.68 6.42
N ILE E 202 33.15 9.83 6.82
CA ILE E 202 33.47 10.08 8.22
C ILE E 202 32.75 11.32 8.71
N GLN E 203 31.98 11.15 9.80
CA GLN E 203 31.20 12.21 10.43
C GLN E 203 31.90 12.83 11.64
N GLU E 204 32.41 11.98 12.54
CA GLU E 204 33.14 12.41 13.72
C GLU E 204 34.25 11.41 13.98
N GLU E 205 35.44 11.91 14.27
CA GLU E 205 36.60 11.08 14.60
C GLU E 205 36.90 11.28 16.09
N GLY E 206 36.15 10.56 16.93
CA GLY E 206 36.29 10.69 18.36
C GLY E 206 37.61 10.13 18.86
N ASP E 207 37.78 10.18 20.17
CA ASP E 207 38.95 9.58 20.79
C ASP E 207 38.81 8.08 20.97
N HIS E 208 37.58 7.55 20.99
CA HIS E 208 37.41 6.11 21.12
C HIS E 208 36.51 5.51 20.05
N TYR E 209 36.00 6.31 19.13
CA TYR E 209 35.12 5.81 18.07
C TYR E 209 35.32 6.65 16.83
N THR E 210 34.78 6.16 15.71
CA THR E 210 34.74 6.90 14.46
C THR E 210 33.39 6.64 13.79
N LEU E 211 32.63 7.70 13.54
CA LEU E 211 31.27 7.58 13.00
C LEU E 211 31.31 7.82 11.50
N TYR E 212 30.82 6.84 10.73
CA TYR E 212 30.69 6.98 9.30
C TYR E 212 29.22 7.00 8.91
N GLY E 213 28.91 7.61 7.79
CA GLY E 213 27.53 7.56 7.32
C GLY E 213 27.14 8.77 6.50
N LYS E 214 26.07 8.61 5.76
CA LYS E 214 25.50 9.61 4.91
C LYS E 214 24.04 9.82 5.21
N THR E 215 23.59 11.03 5.03
CA THR E 215 22.20 11.38 5.22
C THR E 215 21.45 11.41 3.89
N GLY E 216 20.13 11.46 4.00
CA GLY E 216 19.26 11.78 2.88
C GLY E 216 18.00 12.40 3.43
N THR E 217 17.32 13.19 2.61
CA THR E 217 16.22 13.98 3.14
C THR E 217 15.23 14.30 2.03
N ASP E 218 14.34 15.28 2.29
CA ASP E 218 13.37 15.86 1.37
C ASP E 218 12.12 14.99 1.23
N TYR E 219 10.96 15.63 1.17
CA TYR E 219 9.71 14.95 0.88
C TYR E 219 9.25 14.06 2.03
N GLY E 220 9.53 14.47 3.26
CA GLY E 220 9.06 13.77 4.43
C GLY E 220 9.73 12.46 4.74
N LEU E 221 10.94 12.25 4.26
CA LEU E 221 11.66 11.00 4.52
C LEU E 221 13.12 11.32 4.77
N GLY E 222 13.64 10.84 5.90
CA GLY E 222 15.02 11.09 6.23
C GLY E 222 15.81 9.80 6.38
N TRP E 223 16.96 9.72 5.73
CA TRP E 223 17.80 8.54 5.75
C TRP E 223 19.08 8.83 6.52
N PHE E 224 19.58 7.81 7.21
CA PHE E 224 20.94 7.85 7.74
C PHE E 224 21.46 6.42 7.75
N VAL E 225 22.54 6.18 7.00
CA VAL E 225 23.08 4.85 6.76
C VAL E 225 24.59 4.92 6.95
N GLY E 226 25.15 3.94 7.63
CA GLY E 226 26.60 3.92 7.80
C GLY E 226 27.06 2.86 8.78
N PHE E 227 28.16 3.17 9.46
CA PHE E 227 28.77 2.21 10.38
C PHE E 227 29.63 2.99 11.36
N ILE E 228 29.87 2.39 12.52
CA ILE E 228 30.67 2.99 13.58
C ILE E 228 31.72 1.98 14.02
N THR E 229 32.95 2.45 14.21
CA THR E 229 34.00 1.62 14.78
C THR E 229 34.41 2.15 16.15
N THR E 230 34.67 1.20 17.06
CA THR E 230 35.37 1.44 18.30
C THR E 230 36.50 0.44 18.42
N ASP E 231 37.36 0.61 19.42
CA ASP E 231 38.42 -0.36 19.66
C ASP E 231 37.82 -1.75 19.81
N ASN E 232 38.06 -2.63 18.83
CA ASN E 232 37.64 -4.03 18.87
C ASN E 232 36.17 -4.28 18.55
N HIS E 233 35.42 -3.27 18.10
CA HIS E 233 34.03 -3.50 17.74
C HIS E 233 33.61 -2.56 16.63
N SER E 234 32.71 -3.02 15.77
CA SER E 234 32.11 -2.18 14.75
C SER E 234 30.69 -2.63 14.47
N TYR E 235 29.84 -1.70 14.04
CA TYR E 235 28.41 -1.95 13.85
C TYR E 235 27.91 -1.25 12.60
N ILE E 236 27.06 -1.93 11.85
CA ILE E 236 26.36 -1.29 10.74
C ILE E 236 25.02 -0.78 11.27
N PHE E 237 24.56 0.34 10.72
CA PHE E 237 23.30 0.94 11.15
C PHE E 237 22.61 1.64 9.99
N VAL E 238 21.28 1.54 9.98
CA VAL E 238 20.43 2.27 9.06
C VAL E 238 19.27 2.84 9.86
N THR E 239 18.90 4.08 9.56
CA THR E 239 17.81 4.76 10.22
C THR E 239 16.99 5.46 9.17
N ASN E 240 15.71 5.29 9.23
CA ASN E 240 14.83 5.83 8.26
C ASN E 240 13.62 6.28 8.96
N VAL E 241 13.15 7.45 8.69
CA VAL E 241 12.06 7.98 9.48
C VAL E 241 11.27 9.06 8.80
N ASP E 242 10.03 9.29 9.17
CA ASP E 242 9.30 10.41 8.64
C ASP E 242 9.74 11.73 9.27
N ALA E 243 10.89 12.21 8.89
CA ALA E 243 11.48 13.41 9.33
C ALA E 243 12.60 13.74 8.36
N SER E 244 13.39 14.71 8.72
CA SER E 244 14.46 15.11 7.91
C SER E 244 15.66 14.25 8.13
N GLY E 245 16.60 14.31 7.23
CA GLY E 245 17.79 13.50 7.41
C GLY E 245 18.51 13.82 8.71
N THR E 246 18.58 15.10 9.06
CA THR E 246 19.18 15.51 10.31
C THR E 246 18.56 14.76 11.49
N ALA E 247 17.22 14.78 11.57
CA ALA E 247 16.52 14.01 12.58
C ALA E 247 16.99 12.55 12.59
N ALA E 248 16.95 11.89 11.43
CA ALA E 248 17.41 10.51 11.36
C ALA E 248 18.85 10.36 11.83
N LYS E 249 19.67 11.39 11.63
CA LYS E 249 21.02 11.38 12.17
C LYS E 249 20.99 11.49 13.69
N ASN E 250 20.37 12.56 14.20
CA ASN E 250 20.23 12.73 15.65
C ASN E 250 19.62 11.52 16.31
N ILE E 251 18.70 10.81 15.62
CA ILE E 251 18.14 9.59 16.17
C ILE E 251 19.21 8.51 16.28
N THR E 252 20.01 8.36 15.23
CA THR E 252 21.06 7.35 15.24
C THR E 252 22.09 7.61 16.32
N THR E 253 22.44 8.88 16.54
CA THR E 253 23.49 9.21 17.50
C THR E 253 23.00 9.14 18.94
N ASP E 254 21.73 9.47 19.19
CA ASP E 254 21.17 9.20 20.52
C ASP E 254 21.26 7.70 20.84
N ILE E 255 20.89 6.85 19.88
CA ILE E 255 20.83 5.41 20.14
C ILE E 255 22.22 4.85 20.36
N LEU E 256 23.20 5.29 19.58
CA LEU E 256 24.57 4.78 19.76
C LEU E 256 25.24 5.39 20.99
N LYS E 257 24.83 6.59 21.42
CA LYS E 257 25.32 7.10 22.70
C LYS E 257 24.71 6.32 23.85
N LYS E 258 23.40 6.09 23.81
CA LYS E 258 22.73 5.33 24.86
C LYS E 258 23.42 3.99 25.11
N TYR E 259 24.00 3.40 24.08
CA TYR E 259 24.64 2.10 24.23
C TYR E 259 26.15 2.20 24.30
N HIS E 260 26.67 3.37 24.63
CA HIS E 260 28.08 3.53 24.94
C HIS E 260 28.98 3.27 23.72
N LEU E 261 28.48 3.55 22.52
CA LEU E 261 29.30 3.49 21.32
C LEU E 261 29.83 4.86 20.93
N ILE E 262 29.00 5.89 20.97
CA ILE E 262 29.50 7.26 20.93
C ILE E 262 29.77 7.69 22.36
N THR E 263 31.03 7.98 22.67
CA THR E 263 31.37 8.64 23.92
C THR E 263 32.10 9.94 23.61
N ASN E 264 33.42 9.87 23.47
CA ASN E 264 34.20 11.05 23.10
C ASN E 264 35.44 10.67 22.29
N SER F 31 -36.30 -13.83 28.58
CA SER F 31 -35.61 -13.25 27.43
C SER F 31 -34.11 -13.09 27.70
N VAL F 32 -33.29 -13.32 26.67
CA VAL F 32 -31.83 -13.41 26.86
C VAL F 32 -31.23 -12.02 27.12
N ASN F 33 -30.33 -11.96 28.10
CA ASN F 33 -29.57 -10.75 28.40
C ASN F 33 -28.25 -10.83 27.65
N VAL F 34 -28.15 -10.10 26.54
CA VAL F 34 -27.04 -10.30 25.62
C VAL F 34 -25.70 -9.81 26.16
N SER F 35 -25.71 -9.06 27.28
CA SER F 35 -24.44 -8.65 27.87
C SER F 35 -23.84 -9.78 28.69
N LYS F 36 -24.65 -10.75 29.07
CA LYS F 36 -24.17 -11.90 29.83
C LYS F 36 -23.73 -13.06 28.93
N LEU F 37 -23.69 -12.85 27.61
CA LEU F 37 -23.34 -13.91 26.69
C LEU F 37 -21.92 -14.42 26.94
N ASN F 38 -21.70 -15.68 26.55
CA ASN F 38 -20.36 -16.25 26.43
C ASN F 38 -20.35 -17.16 25.21
N VAL F 39 -19.45 -16.88 24.26
CA VAL F 39 -19.36 -17.64 23.02
C VAL F 39 -17.96 -18.24 22.84
N ASP F 40 -17.17 -18.32 23.92
CA ASP F 40 -15.79 -18.78 23.81
C ASP F 40 -15.65 -20.14 23.14
N GLU F 41 -16.64 -21.02 23.32
CA GLU F 41 -16.47 -22.41 22.85
C GLU F 41 -16.57 -22.51 21.33
N PHE F 42 -17.31 -21.59 20.69
CA PHE F 42 -17.39 -21.60 19.24
C PHE F 42 -16.19 -20.94 18.57
N PHE F 43 -15.20 -20.49 19.34
CA PHE F 43 -14.03 -19.84 18.78
C PHE F 43 -12.71 -20.44 19.27
N LYS F 44 -12.75 -21.59 19.95
CA LYS F 44 -11.51 -22.31 20.24
C LYS F 44 -10.85 -22.73 18.93
N ASP F 45 -9.54 -22.51 18.82
CA ASP F 45 -8.75 -22.81 17.64
C ASP F 45 -9.14 -21.93 16.44
N ARG F 46 -10.09 -21.03 16.61
CA ARG F 46 -10.48 -20.09 15.58
C ARG F 46 -10.14 -18.66 16.03
N ASP F 47 -9.66 -17.86 15.09
CA ASP F 47 -9.49 -16.43 15.30
C ASP F 47 -10.70 -15.73 14.70
N GLY F 48 -11.49 -15.04 15.53
CA GLY F 48 -12.70 -14.45 15.00
C GLY F 48 -13.38 -13.53 15.99
N THR F 49 -14.49 -12.95 15.54
CA THR F 49 -15.27 -12.01 16.33
C THR F 49 -16.75 -12.28 16.08
N PHE F 50 -17.55 -12.04 17.12
CA PHE F 50 -18.99 -12.15 17.05
C PHE F 50 -19.60 -10.89 17.64
N ILE F 51 -20.72 -10.45 17.07
CA ILE F 51 -21.42 -9.25 17.54
C ILE F 51 -22.91 -9.54 17.59
N LEU F 52 -23.53 -9.22 18.73
CA LEU F 52 -24.97 -9.40 18.92
C LEU F 52 -25.55 -8.13 19.52
N HIS F 53 -26.55 -7.55 18.87
CA HIS F 53 -27.14 -6.29 19.32
C HIS F 53 -28.62 -6.49 19.60
N ASP F 54 -29.01 -6.34 20.85
CA ASP F 54 -30.41 -6.40 21.24
C ASP F 54 -31.10 -5.14 20.78
N VAL F 55 -32.09 -5.28 19.89
CA VAL F 55 -32.66 -4.12 19.23
C VAL F 55 -33.59 -3.34 20.15
N GLN F 56 -34.37 -4.04 20.98
CA GLN F 56 -35.29 -3.36 21.87
C GLN F 56 -34.58 -2.83 23.12
N LYS F 57 -33.81 -3.69 23.80
CA LYS F 57 -33.06 -3.25 24.97
C LYS F 57 -31.85 -2.38 24.62
N ASP F 58 -31.44 -2.35 23.35
CA ASP F 58 -30.36 -1.48 22.88
C ASP F 58 -29.04 -1.80 23.59
N LYS F 59 -28.73 -3.08 23.70
CA LYS F 59 -27.46 -3.55 24.23
C LYS F 59 -26.72 -4.32 23.14
N THR F 60 -25.39 -4.32 23.21
CA THR F 60 -24.56 -4.99 22.23
C THR F 60 -23.47 -5.79 22.92
N PHE F 61 -23.42 -7.09 22.64
CA PHE F 61 -22.33 -7.93 23.08
C PHE F 61 -21.30 -8.02 21.95
N ILE F 62 -20.02 -7.96 22.30
CA ILE F 62 -18.96 -8.11 21.36
C ILE F 62 -17.96 -9.14 21.85
N TYR F 63 -17.59 -10.09 21.03
CA TYR F 63 -16.53 -10.99 21.38
C TYR F 63 -15.39 -10.57 20.50
N ASN F 64 -14.18 -10.44 21.04
CA ASN F 64 -12.98 -9.99 20.35
C ASN F 64 -13.16 -8.65 19.73
N GLU F 65 -13.11 -7.60 20.53
CA GLU F 65 -13.29 -6.24 20.10
C GLU F 65 -12.32 -5.82 19.02
N SER F 66 -11.05 -6.15 19.20
CA SER F 66 -10.02 -5.84 18.24
C SER F 66 -10.34 -6.24 16.85
N ARG F 67 -10.71 -7.46 16.64
CA ARG F 67 -11.11 -7.89 15.30
C ARG F 67 -12.40 -7.22 14.86
N ALA F 68 -13.31 -6.93 15.79
CA ALA F 68 -14.52 -6.22 15.45
C ALA F 68 -14.22 -4.85 14.85
N LYS F 69 -13.09 -4.26 15.23
CA LYS F 69 -12.67 -2.96 14.72
C LYS F 69 -11.86 -3.06 13.44
N GLU F 70 -11.59 -4.26 12.95
CA GLU F 70 -10.69 -4.45 11.82
C GLU F 70 -11.47 -4.41 10.50
N ARG F 71 -10.96 -3.62 9.55
CA ARG F 71 -11.61 -3.51 8.25
C ARG F 71 -11.12 -4.62 7.35
N GLN F 72 -12.07 -5.27 6.67
CA GLN F 72 -11.78 -6.40 5.81
C GLN F 72 -12.71 -6.35 4.61
N THR F 73 -12.28 -7.01 3.56
CA THR F 73 -13.08 -7.05 2.35
C THR F 73 -14.38 -7.79 2.62
N PRO F 74 -15.54 -7.23 2.22
CA PRO F 74 -16.83 -7.81 2.62
C PRO F 74 -17.18 -9.11 1.93
N GLN F 75 -16.37 -9.57 0.97
CA GLN F 75 -16.74 -10.73 0.16
C GLN F 75 -18.17 -10.57 -0.33
N SER F 76 -18.94 -11.66 -0.36
CA SER F 76 -20.30 -11.55 -0.90
C SER F 76 -21.30 -10.98 0.09
N THR F 77 -20.88 -10.59 1.30
CA THR F 77 -21.76 -9.77 2.15
C THR F 77 -22.03 -8.40 1.55
N PHE F 78 -21.39 -8.07 0.43
CA PHE F 78 -21.67 -6.85 -0.30
C PHE F 78 -22.90 -7.00 -1.20
N KCX F 79 -23.36 -8.23 -1.43
CA KCX F 79 -24.57 -8.41 -2.25
CB KCX F 79 -24.87 -9.90 -2.48
CG KCX F 79 -23.94 -10.58 -3.46
CD KCX F 79 -24.52 -11.95 -3.89
CE KCX F 79 -23.60 -12.63 -4.90
NZ KCX F 79 -22.18 -12.58 -4.44
C KCX F 79 -25.80 -7.73 -1.61
O KCX F 79 -26.80 -7.48 -2.28
CX KCX F 79 -21.37 -11.56 -4.74
OQ1 KCX F 79 -21.79 -10.60 -5.42
OQ2 KCX F 79 -20.20 -11.58 -4.32
N VAL F 80 -25.72 -7.42 -0.31
CA VAL F 80 -26.82 -6.76 0.38
C VAL F 80 -26.92 -5.29 -0.05
N PRO F 81 -25.82 -4.53 0.12
CA PRO F 81 -25.83 -3.14 -0.39
C PRO F 81 -25.89 -3.06 -1.92
N ASN F 82 -25.22 -3.96 -2.63
CA ASN F 82 -25.31 -3.96 -4.09
C ASN F 82 -26.76 -4.13 -4.55
N ALA F 83 -27.55 -4.93 -3.84
CA ALA F 83 -28.96 -5.10 -4.18
C ALA F 83 -29.72 -3.78 -4.01
N LEU F 84 -29.51 -3.12 -2.87
CA LEU F 84 -30.26 -1.89 -2.56
C LEU F 84 -29.91 -0.76 -3.52
N ILE F 85 -28.61 -0.56 -3.79
CA ILE F 85 -28.19 0.32 -4.88
C ILE F 85 -28.76 -0.18 -6.20
N GLY F 86 -28.66 -1.48 -6.45
CA GLY F 86 -29.17 -2.04 -7.69
C GLY F 86 -30.65 -1.74 -7.92
N LEU F 87 -31.47 -1.94 -6.90
CA LEU F 87 -32.91 -1.67 -7.05
C LEU F 87 -33.20 -0.18 -7.06
N GLN F 88 -32.41 0.60 -6.33
CA GLN F 88 -32.64 2.04 -6.22
C GLN F 88 -32.43 2.73 -7.56
N VAL F 89 -31.31 2.44 -8.23
CA VAL F 89 -31.01 3.08 -9.52
C VAL F 89 -31.65 2.36 -10.69
N LYS F 90 -32.34 1.25 -10.44
CA LYS F 90 -33.12 0.52 -11.43
C LYS F 90 -32.30 -0.38 -12.33
N ALA F 91 -31.04 -0.65 -11.99
CA ALA F 91 -30.27 -1.62 -12.78
C ALA F 91 -30.95 -2.98 -12.79
N VAL F 92 -31.63 -3.36 -11.71
CA VAL F 92 -32.48 -4.54 -11.69
C VAL F 92 -33.89 -4.11 -11.33
N ARG F 93 -34.86 -4.95 -11.70
CA ARG F 93 -36.27 -4.58 -11.52
C ARG F 93 -36.84 -4.99 -10.16
N ASP F 94 -36.47 -6.14 -9.64
CA ASP F 94 -36.93 -6.59 -8.33
C ASP F 94 -36.13 -7.84 -8.00
N GLU F 95 -36.58 -8.61 -7.03
CA GLU F 95 -35.91 -9.83 -6.65
C GLU F 95 -36.08 -10.96 -7.66
N TYR F 96 -36.98 -10.77 -8.59
CA TYR F 96 -37.25 -11.75 -9.63
C TYR F 96 -36.68 -11.36 -10.99
N ASP F 97 -35.86 -10.31 -11.05
CA ASP F 97 -35.18 -9.95 -12.29
C ASP F 97 -34.29 -11.10 -12.76
N VAL F 98 -34.62 -11.67 -13.92
CA VAL F 98 -33.96 -12.87 -14.44
C VAL F 98 -32.84 -12.47 -15.40
N LYS F 99 -31.63 -12.94 -15.13
CA LYS F 99 -30.51 -12.83 -16.05
C LYS F 99 -30.16 -14.24 -16.52
N ARG F 100 -30.21 -14.47 -17.82
CA ARG F 100 -30.04 -15.81 -18.34
C ARG F 100 -28.58 -16.25 -18.27
N TRP F 101 -28.37 -17.45 -17.75
CA TRP F 101 -27.05 -18.05 -17.74
C TRP F 101 -26.48 -18.10 -19.16
N ASP F 102 -25.22 -17.68 -19.30
CA ASP F 102 -24.59 -17.68 -20.62
C ASP F 102 -24.13 -19.07 -21.05
N GLY F 103 -24.44 -20.12 -20.28
CA GLY F 103 -24.04 -21.47 -20.61
C GLY F 103 -22.63 -21.85 -20.22
N THR F 104 -21.78 -20.88 -19.90
CA THR F 104 -20.43 -21.20 -19.45
C THR F 104 -20.47 -21.84 -18.05
N GLU F 105 -19.60 -22.82 -17.85
CA GLU F 105 -19.61 -23.66 -16.65
C GLU F 105 -18.63 -23.12 -15.63
N ARG F 106 -19.11 -22.85 -14.42
CA ARG F 106 -18.31 -22.23 -13.37
C ARG F 106 -18.11 -23.23 -12.21
N GLU F 107 -17.50 -22.75 -11.13
CA GLU F 107 -17.10 -23.66 -10.05
C GLU F 107 -18.27 -24.49 -9.53
N PHE F 108 -19.34 -23.83 -9.14
CA PHE F 108 -20.44 -24.44 -8.41
C PHE F 108 -21.63 -24.63 -9.35
N GLU F 109 -22.21 -25.83 -9.34
CA GLU F 109 -23.32 -26.19 -10.22
C GLU F 109 -24.60 -25.41 -9.91
N SER F 110 -24.68 -24.74 -8.76
CA SER F 110 -25.84 -23.91 -8.50
C SER F 110 -25.76 -22.59 -9.25
N TRP F 111 -24.57 -22.22 -9.73
CA TRP F 111 -24.40 -20.99 -10.50
C TRP F 111 -24.76 -21.17 -11.97
N ASN F 112 -24.51 -22.36 -12.54
CA ASN F 112 -24.61 -22.56 -13.98
C ASN F 112 -26.07 -22.72 -14.41
N ARG F 113 -26.86 -21.67 -14.17
CA ARG F 113 -28.27 -21.69 -14.56
C ARG F 113 -28.88 -20.32 -14.34
N ASP F 114 -30.00 -20.09 -15.05
CA ASP F 114 -30.70 -18.81 -14.98
C ASP F 114 -31.02 -18.46 -13.53
N HIS F 115 -30.82 -17.18 -13.19
CA HIS F 115 -30.88 -16.71 -11.82
C HIS F 115 -31.62 -15.40 -11.74
N THR F 116 -31.95 -14.98 -10.51
CA THR F 116 -32.63 -13.73 -10.24
C THR F 116 -31.91 -12.98 -9.12
N LEU F 117 -32.30 -11.71 -8.89
CA LEU F 117 -31.60 -10.88 -7.92
C LEU F 117 -31.54 -11.54 -6.54
N GLY F 118 -32.59 -12.25 -6.18
CA GLY F 118 -32.71 -12.93 -4.92
C GLY F 118 -32.17 -14.32 -4.94
N SER F 119 -32.34 -14.93 -6.07
CA SER F 119 -31.82 -16.22 -6.33
C SER F 119 -30.30 -16.12 -6.34
N ALA F 120 -29.73 -15.08 -6.90
CA ALA F 120 -28.30 -14.86 -6.94
C ALA F 120 -27.72 -14.65 -5.56
N MET F 121 -28.49 -14.01 -4.69
CA MET F 121 -28.10 -13.83 -3.29
C MET F 121 -28.13 -15.17 -2.56
N ARG F 122 -29.25 -15.89 -2.65
CA ARG F 122 -29.36 -17.18 -1.98
C ARG F 122 -28.12 -18.03 -2.23
N ASP F 123 -27.67 -18.10 -3.47
CA ASP F 123 -26.57 -18.98 -3.84
C ASP F 123 -25.27 -18.22 -4.04
N SER F 124 -25.22 -16.96 -3.60
CA SER F 124 -24.06 -16.09 -3.79
C SER F 124 -23.53 -16.23 -5.22
N VAL F 125 -24.41 -15.99 -6.18
CA VAL F 125 -24.06 -16.14 -7.59
C VAL F 125 -23.33 -14.86 -8.01
N ILE F 126 -22.01 -14.94 -8.05
CA ILE F 126 -21.21 -13.73 -8.26
C ILE F 126 -21.47 -13.14 -9.63
N TRP F 127 -21.58 -13.98 -10.67
CA TRP F 127 -21.65 -13.44 -12.02
C TRP F 127 -22.90 -12.60 -12.19
N TYR F 128 -23.99 -12.95 -11.49
CA TYR F 128 -25.17 -12.11 -11.53
C TYR F 128 -24.85 -10.71 -11.02
N TYR F 129 -24.14 -10.61 -9.90
CA TYR F 129 -23.95 -9.32 -9.26
C TYR F 129 -22.81 -8.54 -9.90
N GLN F 130 -21.82 -9.24 -10.46
CA GLN F 130 -20.87 -8.57 -11.34
C GLN F 130 -21.58 -7.87 -12.49
N ALA F 131 -22.47 -8.60 -13.20
CA ALA F 131 -23.21 -8.00 -14.32
C ALA F 131 -23.99 -6.77 -13.88
N MET F 132 -24.60 -6.80 -12.69
CA MET F 132 -25.41 -5.69 -12.24
C MET F 132 -24.54 -4.52 -11.75
N ALA F 133 -23.38 -4.81 -11.18
CA ALA F 133 -22.46 -3.74 -10.79
C ALA F 133 -22.00 -2.94 -12.02
N ARG F 134 -21.80 -3.62 -13.15
CA ARG F 134 -21.38 -2.90 -14.35
C ARG F 134 -22.52 -2.03 -14.91
N ASP F 135 -23.77 -2.39 -14.67
CA ASP F 135 -24.90 -1.53 -15.04
C ASP F 135 -25.11 -0.37 -14.06
N ILE F 136 -24.69 -0.54 -12.79
CA ILE F 136 -24.78 0.59 -11.86
C ILE F 136 -23.78 1.67 -12.25
N GLY F 137 -22.55 1.26 -12.58
CA GLY F 137 -21.53 2.20 -13.01
C GLY F 137 -20.68 2.70 -11.86
N GLU F 138 -19.39 2.92 -12.14
CA GLU F 138 -18.48 3.37 -11.10
C GLU F 138 -19.00 4.63 -10.41
N ASP F 139 -19.66 5.53 -11.15
CA ASP F 139 -20.01 6.83 -10.58
C ASP F 139 -21.22 6.75 -9.66
N ARG F 140 -22.26 6.03 -10.06
CA ARG F 140 -23.42 5.88 -9.19
C ARG F 140 -23.14 4.94 -8.01
N MET F 141 -22.07 4.14 -8.11
CA MET F 141 -21.63 3.33 -6.98
C MET F 141 -20.87 4.17 -5.97
N LYS F 142 -19.88 4.94 -6.44
CA LYS F 142 -19.19 5.89 -5.58
C LYS F 142 -20.18 6.74 -4.80
N ASP F 143 -21.21 7.21 -5.48
CA ASP F 143 -22.19 8.08 -4.85
C ASP F 143 -22.95 7.35 -3.75
N TRP F 144 -23.38 6.13 -4.03
CA TRP F 144 -24.27 5.43 -3.09
C TRP F 144 -23.52 4.81 -1.93
N LEU F 145 -22.28 4.36 -2.16
CA LEU F 145 -21.45 3.93 -1.04
C LEU F 145 -21.01 5.11 -0.19
N HIS F 146 -21.01 6.34 -0.74
CA HIS F 146 -20.74 7.51 0.08
C HIS F 146 -21.99 7.91 0.87
N ARG F 147 -23.15 7.83 0.24
CA ARG F 147 -24.37 8.22 0.93
CA ARG F 147 -24.39 8.21 0.91
C ARG F 147 -24.75 7.25 2.04
N ILE F 148 -24.14 6.07 2.10
CA ILE F 148 -24.38 5.13 3.18
C ILE F 148 -23.12 4.84 4.00
N SER F 149 -22.03 5.54 3.71
CA SER F 149 -20.79 5.44 4.49
C SER F 149 -20.35 3.99 4.67
N TYR F 150 -20.35 3.23 3.57
CA TYR F 150 -19.99 1.82 3.61
C TYR F 150 -18.46 1.70 3.67
N GLY F 151 -17.94 1.45 4.87
CA GLY F 151 -16.53 1.15 5.04
C GLY F 151 -15.63 2.26 4.53
N ASN F 152 -14.55 1.87 3.84
CA ASN F 152 -13.69 2.84 3.18
C ASN F 152 -14.16 3.19 1.78
N GLU F 153 -15.25 2.57 1.30
CA GLU F 153 -15.86 2.92 0.01
C GLU F 153 -14.86 2.83 -1.14
N ASP F 154 -13.73 2.16 -0.93
CA ASP F 154 -12.68 2.09 -1.93
C ASP F 154 -13.11 1.11 -3.02
N ILE F 155 -13.60 1.65 -4.14
CA ILE F 155 -14.02 0.85 -5.30
C ILE F 155 -12.97 0.88 -6.42
N SER F 156 -11.74 1.28 -6.11
CA SER F 156 -10.70 1.38 -7.14
C SER F 156 -10.25 0.02 -7.64
N GLY F 157 -10.76 -1.08 -7.10
CA GLY F 157 -10.41 -2.40 -7.56
C GLY F 157 -11.13 -2.86 -8.82
N GLY F 158 -11.94 -2.00 -9.42
CA GLY F 158 -12.73 -2.41 -10.56
C GLY F 158 -14.20 -2.55 -10.22
N ILE F 159 -15.04 -1.98 -11.09
CA ILE F 159 -16.47 -1.85 -10.80
C ILE F 159 -17.12 -3.19 -10.44
N ASP F 160 -16.66 -4.29 -11.04
CA ASP F 160 -17.24 -5.60 -10.79
C ASP F 160 -16.30 -6.51 -10.02
N GLN F 161 -15.37 -5.93 -9.25
CA GLN F 161 -14.35 -6.70 -8.55
C GLN F 161 -13.96 -6.14 -7.19
N PHE F 162 -14.37 -4.92 -6.85
CA PHE F 162 -13.80 -4.27 -5.67
C PHE F 162 -14.13 -5.04 -4.39
N TRP F 163 -15.31 -5.65 -4.31
CA TRP F 163 -15.75 -6.29 -3.09
C TRP F 163 -15.17 -7.68 -2.88
N LEU F 164 -14.47 -8.24 -3.87
CA LEU F 164 -14.03 -9.63 -3.82
C LEU F 164 -12.54 -9.68 -3.48
N GLN F 165 -12.26 -9.69 -2.17
CA GLN F 165 -10.89 -9.70 -1.64
C GLN F 165 -10.02 -8.65 -2.34
N SER F 166 -10.56 -7.41 -2.32
CA SER F 166 -9.92 -6.34 -3.08
C SER F 166 -9.88 -5.05 -2.28
N SER F 167 -10.16 -3.92 -2.98
CA SER F 167 -9.92 -2.59 -2.42
C SER F 167 -10.96 -2.18 -1.38
N LEU F 168 -12.17 -2.73 -1.44
CA LEU F 168 -13.20 -2.38 -0.49
C LEU F 168 -12.98 -3.14 0.82
N LYS F 169 -12.96 -2.41 1.93
CA LYS F 169 -12.81 -3.02 3.25
C LYS F 169 -13.75 -2.35 4.24
N ILE F 170 -14.43 -3.19 5.03
CA ILE F 170 -15.37 -2.73 6.04
C ILE F 170 -15.17 -3.60 7.29
N SER F 171 -15.34 -3.01 8.46
CA SER F 171 -15.13 -3.72 9.72
C SER F 171 -16.35 -4.55 10.07
N PRO F 172 -16.18 -5.57 10.91
CA PRO F 172 -17.38 -6.27 11.44
C PRO F 172 -18.35 -5.32 12.12
N LEU F 173 -17.87 -4.42 12.99
CA LEU F 173 -18.77 -3.50 13.64
C LEU F 173 -19.47 -2.60 12.64
N GLU F 174 -18.76 -2.19 11.58
CA GLU F 174 -19.35 -1.32 10.56
C GLU F 174 -20.46 -2.04 9.79
N GLU F 175 -20.29 -3.36 9.56
CA GLU F 175 -21.35 -4.14 8.93
C GLU F 175 -22.55 -4.25 9.85
N LYS F 176 -22.30 -4.39 11.15
CA LYS F 176 -23.39 -4.47 12.12
C LYS F 176 -24.28 -3.22 12.04
N ASP F 177 -23.66 -2.04 12.01
CA ASP F 177 -24.43 -0.81 11.91
C ASP F 177 -25.20 -0.76 10.60
N PHE F 178 -24.54 -1.09 9.49
CA PHE F 178 -25.23 -1.06 8.20
C PHE F 178 -26.45 -1.98 8.20
N ILE F 179 -26.29 -3.23 8.67
CA ILE F 179 -27.41 -4.15 8.74
C ILE F 179 -28.45 -3.64 9.73
N GLU F 180 -28.02 -2.92 10.77
CA GLU F 180 -28.97 -2.37 11.72
C GLU F 180 -29.82 -1.28 11.08
N HIS F 181 -29.19 -0.36 10.34
CA HIS F 181 -29.93 0.68 9.63
C HIS F 181 -30.77 0.10 8.50
N LEU F 182 -30.30 -0.96 7.84
CA LEU F 182 -31.17 -1.66 6.90
C LEU F 182 -32.40 -2.21 7.61
N TYR F 183 -32.20 -2.91 8.73
CA TYR F 183 -33.33 -3.44 9.50
C TYR F 183 -34.31 -2.32 9.88
N LYS F 184 -33.81 -1.30 10.59
CA LYS F 184 -34.66 -0.18 10.99
C LYS F 184 -34.98 0.78 9.84
N GLU F 185 -34.45 0.54 8.65
CA GLU F 185 -34.71 1.36 7.47
C GLU F 185 -34.27 2.82 7.64
N ASP F 186 -33.28 3.06 8.50
CA ASP F 186 -32.61 4.35 8.63
C ASP F 186 -31.59 4.53 7.51
N LEU F 187 -31.97 4.15 6.30
CA LEU F 187 -31.08 4.22 5.15
C LEU F 187 -31.70 5.10 4.06
N PRO F 188 -30.88 5.69 3.19
CA PRO F 188 -31.41 6.61 2.17
C PRO F 188 -32.07 5.93 0.98
N PHE F 189 -32.40 4.66 1.11
CA PHE F 189 -33.02 3.93 0.05
C PHE F 189 -34.49 4.02 0.12
N ASP F 190 -35.13 3.42 -0.84
CA ASP F 190 -36.54 3.45 -0.87
C ASP F 190 -37.09 2.39 0.06
N LYS F 191 -38.03 2.74 0.91
CA LYS F 191 -38.63 1.85 1.86
C LYS F 191 -39.07 0.53 1.32
N PRO F 192 -39.73 0.54 0.22
CA PRO F 192 -40.10 -0.69 -0.42
C PRO F 192 -38.89 -1.50 -0.90
N ILE F 193 -37.77 -0.90 -1.25
CA ILE F 193 -36.58 -1.57 -1.69
C ILE F 193 -35.81 -2.15 -0.53
N MET F 194 -35.92 -1.57 0.63
CA MET F 194 -35.28 -2.15 1.76
C MET F 194 -36.13 -3.35 2.22
N LYS F 195 -37.43 -3.31 2.05
CA LYS F 195 -38.25 -4.42 2.43
C LYS F 195 -37.92 -5.57 1.52
N THR F 196 -37.76 -5.26 0.26
CA THR F 196 -37.44 -6.30 -0.72
C THR F 196 -36.11 -6.98 -0.40
N VAL F 197 -35.03 -6.21 -0.25
CA VAL F 197 -33.72 -6.81 -0.05
C VAL F 197 -33.66 -7.59 1.25
N LYS F 198 -34.41 -7.15 2.27
CA LYS F 198 -34.43 -7.89 3.53
C LYS F 198 -35.17 -9.21 3.36
N ARG F 199 -36.21 -9.22 2.56
CA ARG F 199 -36.89 -10.44 2.28
C ARG F 199 -35.94 -11.41 1.61
N MET F 200 -35.15 -10.93 0.66
CA MET F 200 -34.19 -11.79 -0.03
C MET F 200 -33.14 -12.39 0.91
N MET F 201 -32.98 -11.84 2.12
CA MET F 201 -32.00 -12.34 3.08
C MET F 201 -32.55 -13.47 3.95
N ILE F 202 -33.83 -13.82 3.81
CA ILE F 202 -34.42 -14.84 4.68
C ILE F 202 -33.75 -16.18 4.43
N GLN F 203 -33.24 -16.79 5.50
CA GLN F 203 -32.56 -18.08 5.46
C GLN F 203 -33.38 -19.23 6.01
N GLU F 204 -34.21 -18.99 7.02
CA GLU F 204 -35.03 -20.02 7.65
C GLU F 204 -36.24 -19.35 8.28
N GLU F 205 -37.44 -19.82 7.96
CA GLU F 205 -38.65 -19.27 8.55
C GLU F 205 -39.29 -20.37 9.40
N GLY F 206 -38.96 -20.38 10.69
CA GLY F 206 -39.48 -21.36 11.60
C GLY F 206 -40.85 -20.97 12.12
N ASP F 207 -41.30 -21.73 13.12
CA ASP F 207 -42.58 -21.46 13.75
C ASP F 207 -42.51 -20.34 14.77
N HIS F 208 -41.32 -20.06 15.30
CA HIS F 208 -41.16 -19.03 16.32
C HIS F 208 -39.98 -18.11 16.03
N TYR F 209 -39.50 -18.07 14.80
CA TYR F 209 -38.34 -17.22 14.55
C TYR F 209 -38.12 -17.13 13.04
N THR F 210 -37.53 -16.02 12.62
CA THR F 210 -37.06 -15.85 11.24
C THR F 210 -35.60 -15.44 11.27
N LEU F 211 -34.74 -16.25 10.67
CA LEU F 211 -33.32 -15.96 10.57
C LEU F 211 -33.03 -15.33 9.20
N TYR F 212 -32.49 -14.12 9.21
CA TYR F 212 -32.02 -13.44 8.01
C TYR F 212 -30.50 -13.37 8.04
N GLY F 213 -29.86 -13.60 6.89
CA GLY F 213 -28.41 -13.54 6.90
C GLY F 213 -27.86 -13.47 5.50
N LYS F 214 -26.54 -13.26 5.44
CA LYS F 214 -25.79 -13.23 4.19
C LYS F 214 -24.40 -13.76 4.43
N THR F 215 -23.99 -14.75 3.64
CA THR F 215 -22.66 -15.34 3.75
C THR F 215 -21.66 -14.56 2.91
N GLY F 216 -20.40 -14.72 3.27
CA GLY F 216 -19.27 -14.25 2.48
C GLY F 216 -18.12 -15.21 2.68
N THR F 217 -17.37 -15.52 1.64
CA THR F 217 -16.26 -16.45 1.77
C THR F 217 -15.05 -15.98 0.97
N ASP F 218 -13.88 -16.15 1.57
CA ASP F 218 -12.59 -16.02 0.89
C ASP F 218 -11.75 -17.22 1.31
N TYR F 219 -10.47 -17.25 0.94
CA TYR F 219 -9.71 -18.47 1.17
C TYR F 219 -9.31 -18.64 2.64
N GLY F 220 -9.28 -17.57 3.43
CA GLY F 220 -9.06 -17.71 4.84
C GLY F 220 -10.02 -16.91 5.69
N LEU F 221 -11.11 -16.43 5.08
CA LEU F 221 -12.04 -15.54 5.75
C LEU F 221 -13.47 -16.01 5.52
N GLY F 222 -14.34 -15.73 6.48
CA GLY F 222 -15.72 -16.14 6.40
C GLY F 222 -16.67 -15.17 7.06
N TRP F 223 -17.75 -14.84 6.37
CA TRP F 223 -18.69 -13.81 6.81
C TRP F 223 -20.09 -14.41 6.94
N PHE F 224 -20.80 -14.02 7.98
CA PHE F 224 -22.25 -14.18 8.03
C PHE F 224 -22.81 -12.98 8.79
N VAL F 225 -23.60 -12.16 8.11
CA VAL F 225 -24.18 -10.96 8.69
C VAL F 225 -25.69 -11.01 8.48
N GLY F 226 -26.43 -10.55 9.48
CA GLY F 226 -27.89 -10.49 9.32
C GLY F 226 -28.58 -10.18 10.63
N PHE F 227 -29.81 -10.67 10.74
CA PHE F 227 -30.63 -10.43 11.93
C PHE F 227 -31.61 -11.57 12.09
N ILE F 228 -32.08 -11.73 13.32
CA ILE F 228 -33.06 -12.76 13.67
C ILE F 228 -34.19 -12.09 14.44
N THR F 229 -35.42 -12.27 13.96
CA THR F 229 -36.60 -11.83 14.66
C THR F 229 -37.30 -13.03 15.31
N THR F 230 -37.91 -12.78 16.45
CA THR F 230 -38.75 -13.78 17.11
C THR F 230 -40.07 -13.10 17.45
N ASP F 231 -40.77 -13.65 18.44
CA ASP F 231 -41.96 -12.99 18.97
C ASP F 231 -41.50 -12.01 20.05
N ASN F 232 -41.56 -10.71 19.73
CA ASN F 232 -41.33 -9.60 20.64
C ASN F 232 -39.88 -9.17 20.70
N HIS F 233 -38.95 -9.89 20.07
CA HIS F 233 -37.55 -9.50 20.06
C HIS F 233 -36.98 -9.69 18.67
N SER F 234 -35.93 -8.93 18.39
CA SER F 234 -35.16 -9.08 17.16
C SER F 234 -33.74 -8.68 17.46
N TYR F 235 -32.78 -9.39 16.85
CA TYR F 235 -31.37 -9.18 17.15
C TYR F 235 -30.56 -9.15 15.87
N ILE F 236 -29.79 -8.08 15.68
CA ILE F 236 -28.79 -8.02 14.63
C ILE F 236 -27.58 -8.84 15.05
N PHE F 237 -26.83 -9.37 14.08
CA PHE F 237 -25.62 -10.10 14.41
C PHE F 237 -24.60 -9.95 13.29
N VAL F 238 -23.35 -10.23 13.64
CA VAL F 238 -22.25 -10.27 12.69
C VAL F 238 -21.24 -11.30 13.17
N THR F 239 -20.89 -12.22 12.29
CA THR F 239 -19.86 -13.20 12.58
C THR F 239 -18.76 -13.12 11.54
N ASN F 240 -17.53 -12.95 12.01
CA ASN F 240 -16.35 -12.81 11.17
C ASN F 240 -15.26 -13.71 11.74
N VAL F 241 -14.86 -14.72 10.97
CA VAL F 241 -13.95 -15.76 11.43
C VAL F 241 -12.94 -16.09 10.33
N ASP F 242 -11.87 -16.76 10.73
CA ASP F 242 -10.84 -17.18 9.78
C ASP F 242 -11.11 -18.59 9.25
N ALA F 243 -12.35 -18.84 8.84
CA ALA F 243 -12.76 -20.07 8.16
C ALA F 243 -13.74 -19.70 7.05
N SER F 244 -14.38 -20.70 6.45
CA SER F 244 -15.31 -20.43 5.37
C SER F 244 -16.53 -19.68 5.90
N GLY F 245 -17.39 -19.25 4.96
CA GLY F 245 -18.65 -18.65 5.36
C GLY F 245 -19.64 -19.67 5.89
N THR F 246 -19.58 -20.89 5.36
CA THR F 246 -20.37 -21.98 5.95
C THR F 246 -19.91 -22.28 7.37
N ALA F 247 -18.65 -21.96 7.69
CA ALA F 247 -18.20 -21.99 9.08
C ALA F 247 -18.82 -20.85 9.87
N ALA F 248 -18.70 -19.62 9.35
CA ALA F 248 -19.22 -18.47 10.08
C ALA F 248 -20.71 -18.58 10.31
N LYS F 249 -21.46 -19.03 9.30
CA LYS F 249 -22.90 -19.17 9.48
C LYS F 249 -23.22 -20.19 10.57
N ASN F 250 -22.45 -21.28 10.65
CA ASN F 250 -22.73 -22.31 11.64
C ASN F 250 -22.26 -21.90 13.03
N ILE F 251 -21.19 -21.11 13.13
CA ILE F 251 -20.87 -20.49 14.42
C ILE F 251 -22.01 -19.58 14.85
N THR F 252 -22.56 -18.80 13.91
CA THR F 252 -23.64 -17.87 14.23
C THR F 252 -24.88 -18.61 14.71
N THR F 253 -25.31 -19.65 13.97
CA THR F 253 -26.55 -20.32 14.31
C THR F 253 -26.42 -21.16 15.58
N ASP F 254 -25.24 -21.76 15.79
CA ASP F 254 -25.02 -22.46 17.06
C ASP F 254 -25.18 -21.52 18.24
N ILE F 255 -24.64 -20.30 18.11
CA ILE F 255 -24.77 -19.32 19.20
C ILE F 255 -26.25 -18.95 19.40
N LEU F 256 -27.01 -18.84 18.31
CA LEU F 256 -28.39 -18.39 18.43
C LEU F 256 -29.32 -19.51 18.88
N LYS F 257 -28.92 -20.77 18.70
CA LYS F 257 -29.63 -21.87 19.35
C LYS F 257 -29.36 -21.86 20.85
N LYS F 258 -28.09 -21.88 21.24
CA LYS F 258 -27.68 -21.83 22.63
C LYS F 258 -28.55 -20.90 23.47
N TYR F 259 -28.87 -19.72 22.94
CA TYR F 259 -29.65 -18.73 23.69
C TYR F 259 -31.11 -18.68 23.26
N HIS F 260 -31.62 -19.81 22.76
CA HIS F 260 -33.06 -20.04 22.57
C HIS F 260 -33.69 -19.03 21.61
N LEU F 261 -32.92 -18.50 20.67
CA LEU F 261 -33.51 -17.63 19.66
C LEU F 261 -33.93 -18.42 18.42
N ILE F 262 -33.11 -19.37 17.98
CA ILE F 262 -33.50 -20.33 16.96
C ILE F 262 -33.97 -21.59 17.67
N THR F 263 -35.29 -21.84 17.63
CA THR F 263 -35.84 -23.08 18.16
C THR F 263 -36.44 -23.86 16.98
N ASN F 264 -37.71 -23.64 16.64
CA ASN F 264 -38.35 -24.39 15.57
C ASN F 264 -39.49 -23.59 14.92
N SER G 31 55.88 -9.18 18.05
CA SER G 31 56.15 -7.79 17.66
C SER G 31 57.62 -7.60 17.27
N VAL G 32 57.91 -6.55 16.50
CA VAL G 32 59.29 -6.26 16.09
C VAL G 32 60.00 -5.49 17.19
N ASN G 33 61.30 -5.72 17.29
CA ASN G 33 62.15 -5.08 18.29
C ASN G 33 62.96 -4.01 17.57
N VAL G 34 62.55 -2.75 17.68
CA VAL G 34 63.31 -1.67 17.09
C VAL G 34 64.73 -1.66 17.65
N SER G 35 64.90 -2.03 18.92
CA SER G 35 66.24 -2.06 19.51
C SER G 35 67.23 -2.81 18.62
N LYS G 36 66.74 -3.73 17.78
CA LYS G 36 67.61 -4.64 17.04
C LYS G 36 67.45 -4.49 15.53
N LEU G 37 67.08 -3.30 15.05
CA LEU G 37 66.91 -3.08 13.62
C LEU G 37 68.25 -2.88 12.93
N ASN G 38 68.31 -3.28 11.66
CA ASN G 38 69.48 -3.07 10.83
C ASN G 38 69.01 -2.59 9.46
N VAL G 39 69.30 -1.33 9.15
CA VAL G 39 68.80 -0.68 7.94
C VAL G 39 69.90 -0.48 6.91
N ASP G 40 71.09 -1.04 7.15
CA ASP G 40 72.26 -0.70 6.35
C ASP G 40 72.08 -1.01 4.87
N GLU G 41 71.34 -2.06 4.53
CA GLU G 41 71.21 -2.43 3.13
C GLU G 41 70.45 -1.38 2.32
N PHE G 42 69.72 -0.47 2.98
CA PHE G 42 68.97 0.57 2.28
C PHE G 42 69.73 1.88 2.17
N PHE G 43 70.84 2.04 2.89
CA PHE G 43 71.64 3.27 2.86
C PHE G 43 73.06 2.99 2.40
N LYS G 44 73.23 1.92 1.62
CA LYS G 44 74.52 1.59 1.04
C LYS G 44 74.83 2.58 -0.08
N ASP G 45 75.94 3.31 0.04
CA ASP G 45 76.33 4.38 -0.87
C ASP G 45 75.36 5.55 -0.82
N ARG G 46 74.43 5.57 0.14
CA ARG G 46 73.61 6.73 0.45
C ARG G 46 73.96 7.24 1.83
N ASP G 47 74.03 8.57 1.96
CA ASP G 47 74.17 9.17 3.29
C ASP G 47 72.77 9.53 3.76
N GLY G 48 72.25 8.75 4.72
CA GLY G 48 70.90 8.94 5.19
C GLY G 48 70.80 8.64 6.67
N THR G 49 69.80 9.26 7.27
CA THR G 49 69.37 8.96 8.63
C THR G 49 68.07 8.17 8.59
N PHE G 50 67.81 7.45 9.67
CA PHE G 50 66.53 6.81 9.86
C PHE G 50 66.23 6.85 11.35
N ILE G 51 64.98 7.09 11.68
CA ILE G 51 64.51 7.08 13.06
C ILE G 51 63.19 6.34 13.08
N LEU G 52 63.02 5.45 14.06
CA LEU G 52 61.80 4.68 14.22
C LEU G 52 61.50 4.58 15.71
N HIS G 53 60.26 4.87 16.07
CA HIS G 53 59.88 4.98 17.47
C HIS G 53 58.70 4.05 17.75
N ASP G 54 58.93 3.05 18.60
CA ASP G 54 57.82 2.29 19.16
C ASP G 54 57.08 3.18 20.15
N VAL G 55 55.82 3.47 19.85
CA VAL G 55 55.00 4.26 20.77
C VAL G 55 54.75 3.48 22.05
N GLN G 56 54.22 2.26 21.92
CA GLN G 56 53.86 1.48 23.10
C GLN G 56 55.08 1.14 23.95
N LYS G 57 56.14 0.64 23.32
CA LYS G 57 57.35 0.27 24.02
C LYS G 57 58.26 1.46 24.31
N ASP G 58 57.87 2.67 23.88
CA ASP G 58 58.67 3.90 24.06
C ASP G 58 60.15 3.67 23.73
N LYS G 59 60.39 3.05 22.58
CA LYS G 59 61.75 2.80 22.11
C LYS G 59 61.97 3.54 20.80
N THR G 60 63.23 3.89 20.52
CA THR G 60 63.57 4.68 19.34
C THR G 60 64.86 4.14 18.73
N PHE G 61 64.78 3.70 17.49
CA PHE G 61 65.93 3.24 16.73
C PHE G 61 66.45 4.38 15.86
N ILE G 62 67.77 4.46 15.71
CA ILE G 62 68.40 5.51 14.92
C ILE G 62 69.53 4.92 14.10
N TYR G 63 69.51 5.18 12.79
CA TYR G 63 70.63 4.89 11.90
C TYR G 63 71.25 6.22 11.53
N ASN G 64 72.53 6.41 11.85
CA ASN G 64 73.20 7.67 11.59
C ASN G 64 72.68 8.75 12.54
N GLU G 65 73.07 8.66 13.78
CA GLU G 65 72.66 9.60 14.76
C GLU G 65 73.16 11.00 14.52
N SER G 66 74.40 11.20 14.05
CA SER G 66 74.93 12.54 13.82
C SER G 66 74.09 13.30 12.80
N ARG G 67 73.59 12.61 11.77
CA ARG G 67 72.74 13.25 10.75
C ARG G 67 71.32 13.49 11.26
N ALA G 68 70.86 12.68 12.22
CA ALA G 68 69.52 12.84 12.75
C ALA G 68 69.35 14.13 13.55
N LYS G 69 70.45 14.76 13.97
CA LYS G 69 70.41 16.02 14.69
C LYS G 69 70.99 17.18 13.89
N GLU G 70 71.37 16.95 12.63
CA GLU G 70 71.77 18.01 11.73
C GLU G 70 70.52 18.72 11.22
N ARG G 71 70.26 19.92 11.74
CA ARG G 71 69.10 20.69 11.31
C ARG G 71 69.19 21.01 9.81
N GLN G 72 68.03 21.08 9.17
CA GLN G 72 67.95 21.22 7.73
C GLN G 72 66.59 21.78 7.36
N THR G 73 66.50 22.33 6.16
CA THR G 73 65.21 22.83 5.69
C THR G 73 64.22 21.68 5.58
N PRO G 74 62.95 21.90 5.94
CA PRO G 74 62.00 20.78 5.92
C PRO G 74 61.41 20.52 4.53
N GLN G 75 61.45 21.49 3.64
CA GLN G 75 60.85 21.37 2.29
C GLN G 75 59.34 21.21 2.51
N SER G 76 58.67 20.30 1.78
CA SER G 76 57.23 20.20 1.89
C SER G 76 56.76 19.50 3.17
N THR G 77 57.67 18.96 3.94
CA THR G 77 57.29 18.36 5.20
C THR G 77 56.65 19.41 6.08
N PHE G 78 56.91 20.66 5.77
CA PHE G 78 56.32 21.76 6.51
C PHE G 78 54.84 21.94 6.16
N KCX G 79 54.33 21.16 5.21
CA KCX G 79 52.91 21.28 4.88
CB KCX G 79 52.59 20.57 3.57
CG KCX G 79 52.93 21.39 2.35
CD KCX G 79 52.45 20.75 1.07
CE KCX G 79 52.92 21.56 -0.15
NZ KCX G 79 54.39 21.81 -0.11
C KCX G 79 52.05 20.75 6.05
O KCX G 79 50.88 21.10 6.18
CX KCX G 79 54.86 23.00 0.23
OQ1 KCX G 79 54.08 23.92 0.52
OQ2 KCX G 79 56.10 23.18 0.27
N VAL G 80 52.67 19.90 6.87
CA VAL G 80 51.96 19.28 7.99
C VAL G 80 51.59 20.32 9.06
N PRO G 81 52.59 20.99 9.65
CA PRO G 81 52.27 22.11 10.55
C PRO G 81 51.58 23.27 9.86
N ASN G 82 51.95 23.57 8.61
CA ASN G 82 51.32 24.69 7.89
C ASN G 82 49.80 24.55 7.86
N ALA G 83 49.30 23.36 7.48
CA ALA G 83 47.86 23.13 7.45
C ALA G 83 47.26 23.19 8.86
N LEU G 84 47.97 22.64 9.85
CA LEU G 84 47.51 22.73 11.23
C LEU G 84 47.29 24.20 11.63
N ILE G 85 48.25 25.06 11.30
CA ILE G 85 48.09 26.48 11.62
C ILE G 85 47.02 27.10 10.71
N GLY G 86 47.01 26.72 9.44
CA GLY G 86 45.97 27.23 8.54
C GLY G 86 44.57 26.93 9.02
N LEU G 87 44.30 25.68 9.42
CA LEU G 87 42.98 25.37 9.96
C LEU G 87 42.76 26.07 11.29
N GLN G 88 43.81 26.23 12.09
CA GLN G 88 43.61 26.79 13.44
C GLN G 88 43.23 28.27 13.38
N VAL G 89 43.84 29.05 12.47
CA VAL G 89 43.51 30.47 12.35
C VAL G 89 42.37 30.72 11.37
N LYS G 90 41.78 29.67 10.80
CA LYS G 90 40.72 29.77 9.80
C LYS G 90 41.19 30.37 8.49
N ALA G 91 42.50 30.40 8.26
CA ALA G 91 43.01 30.72 6.93
C ALA G 91 42.41 29.81 5.87
N VAL G 92 42.15 28.55 6.23
CA VAL G 92 41.44 27.59 5.40
C VAL G 92 40.37 26.91 6.23
N ARG G 93 39.28 26.52 5.56
CA ARG G 93 38.09 26.02 6.23
C ARG G 93 38.25 24.57 6.68
N ASP G 94 38.71 23.70 5.79
CA ASP G 94 38.82 22.27 6.05
C ASP G 94 39.62 21.66 4.91
N GLU G 95 39.70 20.32 4.89
CA GLU G 95 40.53 19.64 3.90
C GLU G 95 40.02 19.80 2.47
N TYR G 96 38.80 20.31 2.28
CA TYR G 96 38.24 20.47 0.94
C TYR G 96 38.21 21.94 0.47
N ASP G 97 38.93 22.83 1.14
CA ASP G 97 38.92 24.26 0.82
C ASP G 97 39.57 24.50 -0.55
N VAL G 98 38.76 24.86 -1.54
CA VAL G 98 39.21 24.89 -2.93
C VAL G 98 39.87 26.23 -3.24
N LYS G 99 41.11 26.18 -3.69
CA LYS G 99 41.78 27.33 -4.28
C LYS G 99 41.92 27.08 -5.78
N ARG G 100 41.27 27.94 -6.56
CA ARG G 100 41.30 27.82 -8.02
C ARG G 100 42.70 28.04 -8.59
N TRP G 101 43.05 27.20 -9.56
CA TRP G 101 44.25 27.42 -10.37
C TRP G 101 44.18 28.75 -11.09
N ASP G 102 45.34 29.34 -11.37
CA ASP G 102 45.42 30.64 -12.02
C ASP G 102 45.68 30.53 -13.52
N GLY G 103 45.73 29.31 -14.06
CA GLY G 103 46.00 29.10 -15.47
C GLY G 103 47.48 29.01 -15.81
N THR G 104 48.37 29.44 -14.91
CA THR G 104 49.80 29.35 -15.17
C THR G 104 50.25 27.90 -15.12
N GLU G 105 50.97 27.47 -16.15
CA GLU G 105 51.54 26.12 -16.15
C GLU G 105 52.82 26.12 -15.34
N ARG G 106 52.88 25.25 -14.33
CA ARG G 106 54.07 25.06 -13.51
C ARG G 106 54.68 23.68 -13.80
N GLU G 107 55.77 23.37 -13.11
CA GLU G 107 56.63 22.27 -13.54
C GLU G 107 56.01 20.88 -13.38
N PHE G 108 54.88 20.73 -12.70
CA PHE G 108 54.26 19.42 -12.56
C PHE G 108 52.80 19.48 -13.01
N GLU G 109 52.38 18.44 -13.72
CA GLU G 109 51.04 18.45 -14.30
C GLU G 109 49.97 18.40 -13.22
N SER G 110 50.22 17.66 -12.13
CA SER G 110 49.27 17.62 -11.03
C SER G 110 49.04 19.00 -10.45
N TRP G 111 50.08 19.84 -10.41
CA TRP G 111 49.93 21.18 -9.86
C TRP G 111 48.97 22.04 -10.68
N ASN G 112 48.87 21.78 -11.98
CA ASN G 112 48.21 22.70 -12.92
C ASN G 112 46.70 22.46 -12.99
N ARG G 113 46.07 22.53 -11.83
CA ARG G 113 44.62 22.39 -11.75
C ARG G 113 44.16 22.91 -10.40
N ASP G 114 42.83 23.00 -10.24
CA ASP G 114 42.22 23.35 -8.96
C ASP G 114 42.63 22.37 -7.86
N HIS G 115 42.87 22.90 -6.67
CA HIS G 115 43.32 22.06 -5.56
C HIS G 115 42.62 22.45 -4.28
N THR G 116 42.70 21.52 -3.32
CA THR G 116 42.21 21.71 -1.97
C THR G 116 43.37 21.50 -1.01
N LEU G 117 43.12 21.78 0.27
CA LEU G 117 44.18 21.62 1.26
C LEU G 117 44.67 20.19 1.31
N GLY G 118 43.74 19.22 1.30
CA GLY G 118 44.12 17.83 1.17
C GLY G 118 44.96 17.53 -0.08
N SER G 119 44.35 17.68 -1.26
CA SER G 119 45.03 17.28 -2.50
C SER G 119 46.36 18.01 -2.64
N ALA G 120 46.43 19.27 -2.23
CA ALA G 120 47.70 19.98 -2.24
C ALA G 120 48.73 19.26 -1.37
N MET G 121 48.31 18.78 -0.18
CA MET G 121 49.21 17.98 0.62
C MET G 121 49.63 16.72 -0.12
N ARG G 122 48.67 16.05 -0.75
CA ARG G 122 48.99 14.80 -1.43
C ARG G 122 50.09 15.00 -2.47
N ASP G 123 50.00 16.01 -3.30
CA ASP G 123 50.94 16.22 -4.36
C ASP G 123 51.92 17.30 -4.19
N SER G 124 51.99 17.79 -2.97
CA SER G 124 52.85 18.87 -2.53
C SER G 124 52.79 20.05 -3.43
N VAL G 125 51.59 20.47 -3.73
CA VAL G 125 51.28 21.57 -4.57
C VAL G 125 51.56 22.76 -3.78
N ILE G 126 52.76 23.26 -3.93
CA ILE G 126 53.30 24.39 -3.22
C ILE G 126 52.58 25.68 -3.38
N TRP G 127 51.99 25.89 -4.53
CA TRP G 127 51.28 27.10 -4.77
C TRP G 127 50.11 27.22 -3.84
N TYR G 128 49.42 26.13 -3.58
CA TYR G 128 48.32 26.17 -2.60
C TYR G 128 48.81 26.62 -1.24
N TYR G 129 49.91 26.05 -0.78
CA TYR G 129 50.35 26.31 0.57
C TYR G 129 51.04 27.67 0.71
N GLN G 130 51.55 28.23 -0.40
CA GLN G 130 52.04 29.60 -0.35
C GLN G 130 50.91 30.61 -0.21
N ALA G 131 49.79 30.35 -0.90
CA ALA G 131 48.63 31.21 -0.73
C ALA G 131 48.14 31.20 0.71
N MET G 132 47.97 30.00 1.27
CA MET G 132 47.54 29.91 2.67
C MET G 132 48.54 30.56 3.62
N ALA G 133 49.84 30.33 3.41
CA ALA G 133 50.83 30.96 4.27
C ALA G 133 50.70 32.49 4.27
N ARG G 134 50.49 33.10 3.10
CA ARG G 134 50.39 34.56 3.07
C ARG G 134 49.13 35.04 3.79
N ASP G 135 48.07 34.23 3.79
CA ASP G 135 46.87 34.55 4.56
C ASP G 135 47.06 34.31 6.04
N ILE G 136 48.00 33.43 6.41
CA ILE G 136 48.34 33.29 7.82
C ILE G 136 49.03 34.54 8.33
N GLY G 137 49.89 35.14 7.52
CA GLY G 137 50.61 36.32 7.94
C GLY G 137 51.84 36.01 8.75
N GLU G 138 52.85 36.88 8.69
CA GLU G 138 54.11 36.60 9.37
C GLU G 138 53.92 36.52 10.88
N ASP G 139 53.06 37.38 11.45
CA ASP G 139 52.93 37.44 12.90
C ASP G 139 52.30 36.17 13.45
N ARG G 140 51.20 35.70 12.85
CA ARG G 140 50.56 34.48 13.31
C ARG G 140 51.41 33.24 13.01
N MET G 141 52.18 33.26 11.93
CA MET G 141 53.10 32.16 11.65
C MET G 141 54.19 32.07 12.71
N LYS G 142 54.86 33.20 12.98
CA LYS G 142 55.92 33.21 13.99
C LYS G 142 55.41 32.73 15.33
N ASP G 143 54.29 33.28 15.77
CA ASP G 143 53.66 32.93 17.00
C ASP G 143 53.44 31.44 17.14
N TRP G 144 52.78 30.83 16.17
CA TRP G 144 52.48 29.41 16.23
C TRP G 144 53.73 28.57 16.06
N LEU G 145 54.65 28.98 15.18
CA LEU G 145 55.89 28.24 15.06
C LEU G 145 56.66 28.24 16.37
N HIS G 146 56.48 29.29 17.17
CA HIS G 146 57.17 29.38 18.45
C HIS G 146 56.43 28.63 19.54
N ARG G 147 55.10 28.75 19.54
CA ARG G 147 54.26 28.06 20.52
C ARG G 147 54.56 26.56 20.54
N ILE G 148 54.86 25.97 19.39
CA ILE G 148 55.15 24.55 19.26
C ILE G 148 56.63 24.29 19.04
N SER G 149 57.48 25.30 19.17
CA SER G 149 58.92 25.09 19.13
C SER G 149 59.35 24.24 17.93
N TYR G 150 58.94 24.65 16.74
CA TYR G 150 59.28 23.93 15.51
C TYR G 150 60.65 24.36 15.00
N GLY G 151 61.60 23.42 15.00
CA GLY G 151 62.92 23.70 14.45
C GLY G 151 63.51 24.98 14.98
N ASN G 152 64.22 25.71 14.11
CA ASN G 152 64.78 26.99 14.55
C ASN G 152 63.75 28.12 14.55
N GLU G 153 62.54 27.89 14.03
CA GLU G 153 61.48 28.90 13.97
C GLU G 153 61.93 30.17 13.24
N ASP G 154 62.97 30.09 12.41
CA ASP G 154 63.47 31.23 11.67
C ASP G 154 62.71 31.30 10.35
N ILE G 155 61.75 32.24 10.25
CA ILE G 155 60.96 32.40 9.04
C ILE G 155 61.31 33.70 8.31
N SER G 156 62.58 34.11 8.39
CA SER G 156 62.96 35.39 7.78
C SER G 156 63.04 35.29 6.26
N GLY G 157 63.36 34.10 5.74
CA GLY G 157 63.42 33.88 4.31
C GLY G 157 62.22 34.42 3.54
N GLY G 158 61.10 34.58 4.23
CA GLY G 158 59.87 35.09 3.62
C GLY G 158 58.69 34.23 4.02
N ILE G 159 57.51 34.85 4.07
CA ILE G 159 56.35 34.17 4.64
C ILE G 159 55.89 33.01 3.78
N ASP G 160 56.07 33.07 2.45
CA ASP G 160 55.74 31.93 1.60
C ASP G 160 56.98 31.20 1.08
N GLN G 161 58.12 31.37 1.75
CA GLN G 161 59.38 30.83 1.24
C GLN G 161 60.26 30.17 2.29
N PHE G 162 60.07 30.41 3.58
CA PHE G 162 61.09 30.05 4.57
C PHE G 162 61.34 28.55 4.64
N TRP G 163 60.36 27.74 4.25
CA TRP G 163 60.48 26.31 4.39
C TRP G 163 61.06 25.63 3.17
N LEU G 164 61.23 26.35 2.07
CA LEU G 164 61.73 25.78 0.82
C LEU G 164 63.18 26.21 0.66
N GLN G 165 64.09 25.40 1.18
CA GLN G 165 65.48 25.65 1.09
C GLN G 165 65.89 27.06 1.49
N SER G 166 65.44 27.49 2.64
CA SER G 166 65.66 28.81 3.12
C SER G 166 66.04 28.92 4.59
N SER G 167 65.33 29.70 5.35
CA SER G 167 65.69 29.93 6.71
C SER G 167 65.15 29.00 7.77
N LEU G 168 64.23 28.13 7.43
CA LEU G 168 63.71 27.25 8.40
C LEU G 168 64.47 26.00 8.38
N LYS G 169 64.98 25.60 9.52
CA LYS G 169 65.74 24.37 9.61
C LYS G 169 65.29 23.55 10.82
N ILE G 170 65.20 22.24 10.62
CA ILE G 170 64.77 21.33 11.68
C ILE G 170 65.46 19.99 11.48
N SER G 171 66.04 19.47 12.55
CA SER G 171 66.68 18.17 12.49
C SER G 171 65.63 17.07 12.31
N PRO G 172 65.97 15.98 11.63
CA PRO G 172 65.00 14.89 11.49
C PRO G 172 64.48 14.35 12.81
N LEU G 173 65.28 14.38 13.88
CA LEU G 173 64.79 13.93 15.19
C LEU G 173 63.81 14.94 15.80
N GLU G 174 63.97 16.22 15.49
CA GLU G 174 62.94 17.19 15.87
C GLU G 174 61.67 16.99 15.05
N GLU G 175 61.77 16.30 13.90
CA GLU G 175 60.62 15.96 13.09
C GLU G 175 59.91 14.72 13.60
N LYS G 176 60.68 13.68 13.93
CA LYS G 176 60.12 12.56 14.70
C LYS G 176 59.39 13.08 15.93
N ASP G 177 60.02 14.01 16.65
CA ASP G 177 59.42 14.56 17.86
C ASP G 177 58.09 15.22 17.55
N PHE G 178 58.07 16.08 16.53
CA PHE G 178 56.85 16.82 16.22
C PHE G 178 55.76 15.88 15.71
N ILE G 179 56.10 14.98 14.78
CA ILE G 179 55.13 13.98 14.31
C ILE G 179 54.62 13.15 15.49
N GLU G 180 55.53 12.70 16.35
CA GLU G 180 55.12 11.93 17.52
C GLU G 180 54.09 12.69 18.35
N HIS G 181 54.26 14.01 18.50
CA HIS G 181 53.26 14.80 19.20
C HIS G 181 51.93 14.79 18.45
N LEU G 182 51.97 15.13 17.16
CA LEU G 182 50.74 15.20 16.36
C LEU G 182 49.95 13.90 16.46
N TYR G 183 50.63 12.76 16.34
CA TYR G 183 49.96 11.48 16.49
C TYR G 183 49.23 11.38 17.83
N LYS G 184 49.97 11.53 18.93
CA LYS G 184 49.40 11.48 20.27
C LYS G 184 48.45 12.64 20.55
N GLU G 185 48.34 13.61 19.64
CA GLU G 185 47.51 14.79 19.85
C GLU G 185 47.96 15.59 21.07
N ASP G 186 49.28 15.60 21.32
CA ASP G 186 49.89 16.45 22.33
C ASP G 186 50.40 17.76 21.72
N LEU G 187 49.48 18.49 21.08
CA LEU G 187 49.78 19.79 20.49
C LEU G 187 48.61 20.72 20.75
N PRO G 188 48.87 22.01 20.94
CA PRO G 188 47.82 22.97 21.32
C PRO G 188 46.71 23.21 20.31
N PHE G 189 46.66 22.43 19.23
CA PHE G 189 45.62 22.63 18.22
C PHE G 189 44.33 21.92 18.61
N ASP G 190 43.20 22.52 18.19
CA ASP G 190 41.92 21.83 18.27
C ASP G 190 42.07 20.38 17.87
N LYS G 191 41.31 19.51 18.53
CA LYS G 191 41.51 18.08 18.30
C LYS G 191 41.00 17.62 16.93
N PRO G 192 39.86 18.11 16.45
CA PRO G 192 39.43 17.71 15.10
C PRO G 192 40.37 18.20 14.02
N ILE G 193 40.97 19.38 14.19
CA ILE G 193 41.99 19.88 13.27
C ILE G 193 43.19 18.95 13.24
N MET G 194 43.57 18.40 14.38
CA MET G 194 44.63 17.49 14.40
C MET G 194 44.20 16.22 13.75
N LYS G 195 42.93 15.94 13.69
CA LYS G 195 42.47 14.72 13.08
C LYS G 195 42.29 14.84 11.61
N THR G 196 42.10 16.05 11.16
CA THR G 196 41.92 16.33 9.79
C THR G 196 43.25 16.26 9.10
N VAL G 197 44.26 16.82 9.70
CA VAL G 197 45.56 16.80 9.06
C VAL G 197 46.13 15.39 9.04
N LYS G 198 45.89 14.63 10.11
CA LYS G 198 46.32 13.23 10.11
C LYS G 198 45.63 12.44 9.00
N ARG G 199 44.36 12.73 8.75
CA ARG G 199 43.67 12.02 7.69
C ARG G 199 44.25 12.39 6.33
N MET G 200 44.58 13.67 6.15
CA MET G 200 45.17 14.11 4.89
C MET G 200 46.54 13.47 4.64
N MET G 201 47.23 12.98 5.68
CA MET G 201 48.55 12.39 5.50
C MET G 201 48.50 10.91 5.11
N ILE G 202 47.31 10.33 4.96
CA ILE G 202 47.20 8.89 4.74
C ILE G 202 47.79 8.53 3.38
N GLN G 203 48.75 7.60 3.38
CA GLN G 203 49.51 7.23 2.18
C GLN G 203 49.05 5.90 1.57
N GLU G 204 48.90 4.86 2.38
CA GLU G 204 48.30 3.61 1.95
C GLU G 204 47.49 3.06 3.11
N GLU G 205 46.26 2.64 2.82
CA GLU G 205 45.28 2.24 3.81
C GLU G 205 44.97 0.76 3.62
N GLY G 206 45.74 -0.10 4.30
CA GLY G 206 45.60 -1.54 4.15
C GLY G 206 44.57 -2.12 5.11
N ASP G 207 44.40 -3.45 5.02
CA ASP G 207 43.47 -4.18 5.86
C ASP G 207 44.02 -4.41 7.26
N HIS G 208 45.34 -4.39 7.44
CA HIS G 208 45.98 -4.62 8.72
C HIS G 208 46.90 -3.48 9.14
N TYR G 209 47.08 -2.46 8.30
CA TYR G 209 47.95 -1.35 8.59
C TYR G 209 47.45 -0.11 7.87
N THR G 210 47.78 1.07 8.42
CA THR G 210 47.55 2.33 7.75
C THR G 210 48.83 3.14 7.76
N LEU G 211 49.14 3.79 6.65
CA LEU G 211 50.39 4.53 6.48
C LEU G 211 50.12 6.02 6.39
N TYR G 212 50.79 6.79 7.26
CA TYR G 212 50.73 8.24 7.30
C TYR G 212 52.11 8.80 7.02
N GLY G 213 52.18 9.83 6.20
CA GLY G 213 53.47 10.41 5.86
C GLY G 213 53.33 11.61 4.95
N LYS G 214 54.41 12.33 4.80
CA LYS G 214 54.56 13.48 3.96
C LYS G 214 55.94 13.44 3.35
N THR G 215 56.08 13.81 2.10
CA THR G 215 57.36 13.80 1.41
C THR G 215 57.93 15.21 1.34
N GLY G 216 59.26 15.28 1.37
CA GLY G 216 59.96 16.50 1.04
C GLY G 216 61.10 16.21 0.09
N THR G 217 61.39 17.19 -0.78
CA THR G 217 62.41 17.00 -1.79
C THR G 217 63.22 18.27 -1.96
N ASP G 218 64.49 18.08 -2.30
CA ASP G 218 65.34 19.13 -2.82
C ASP G 218 66.40 18.48 -3.71
N TYR G 219 67.23 19.31 -4.33
CA TYR G 219 68.37 18.80 -5.08
C TYR G 219 69.23 17.94 -4.16
N GLY G 220 69.07 16.63 -4.23
CA GLY G 220 69.81 15.78 -3.32
C GLY G 220 69.48 16.06 -1.87
N LEU G 221 68.20 16.06 -1.53
CA LEU G 221 67.74 16.14 -0.13
C LEU G 221 66.36 15.52 -0.05
N GLY G 222 66.23 14.40 0.64
CA GLY G 222 64.97 13.69 0.68
C GLY G 222 64.39 13.53 2.07
N TRP G 223 63.09 13.77 2.20
CA TRP G 223 62.38 13.59 3.45
C TRP G 223 61.25 12.59 3.26
N PHE G 224 61.01 11.78 4.28
CA PHE G 224 59.72 11.12 4.44
C PHE G 224 59.46 11.00 5.94
N VAL G 225 58.39 11.64 6.41
CA VAL G 225 58.08 11.71 7.83
C VAL G 225 56.64 11.24 8.04
N GLY G 226 56.41 10.51 9.13
CA GLY G 226 55.06 10.16 9.52
C GLY G 226 54.96 9.07 10.56
N PHE G 227 53.96 8.19 10.41
CA PHE G 227 53.76 7.10 11.36
C PHE G 227 52.95 6.02 10.64
N ILE G 228 52.89 4.85 11.28
CA ILE G 228 52.17 3.71 10.71
C ILE G 228 51.42 3.00 11.83
N THR G 229 50.11 2.84 11.67
CA THR G 229 49.29 2.16 12.65
C THR G 229 48.99 0.72 12.21
N THR G 230 48.86 -0.16 13.19
CA THR G 230 48.64 -1.58 12.94
C THR G 230 47.68 -2.11 14.01
N ASP G 231 47.52 -3.43 14.04
CA ASP G 231 46.82 -4.09 15.14
C ASP G 231 47.67 -3.97 16.40
N ASN G 232 47.22 -3.14 17.34
CA ASN G 232 47.82 -3.01 18.66
C ASN G 232 49.25 -2.48 18.65
N HIS G 233 49.64 -1.75 17.60
CA HIS G 233 50.97 -1.16 17.55
C HIS G 233 50.94 0.08 16.67
N SER G 234 51.88 0.98 16.91
CA SER G 234 51.94 2.23 16.15
C SER G 234 53.34 2.81 16.26
N TYR G 235 53.92 3.16 15.11
CA TYR G 235 55.34 3.51 15.01
C TYR G 235 55.51 4.86 14.33
N ILE G 236 56.54 5.59 14.75
CA ILE G 236 56.84 6.92 14.27
C ILE G 236 58.18 6.86 13.53
N PHE G 237 58.19 7.16 12.24
CA PHE G 237 59.40 7.04 11.43
C PHE G 237 59.79 8.37 10.81
N VAL G 238 61.06 8.48 10.50
CA VAL G 238 61.67 9.61 9.88
C VAL G 238 62.89 9.14 9.09
N THR G 239 62.85 9.37 7.79
CA THR G 239 63.90 9.04 6.91
C THR G 239 64.24 10.33 6.26
N ASN G 240 65.52 10.64 6.21
CA ASN G 240 66.09 11.81 5.58
C ASN G 240 67.40 11.36 4.92
N VAL G 241 67.61 11.65 3.64
CA VAL G 241 68.81 11.25 2.93
C VAL G 241 69.14 12.18 1.74
N ASP G 242 70.35 12.16 1.17
CA ASP G 242 70.74 13.03 0.05
C ASP G 242 70.31 12.36 -1.26
N ALA G 243 69.03 12.58 -1.60
CA ALA G 243 68.41 12.04 -2.81
C ALA G 243 66.98 12.57 -2.88
N SER G 244 66.20 12.16 -3.89
CA SER G 244 64.85 12.69 -4.00
C SER G 244 63.99 12.17 -2.84
N GLY G 245 62.81 12.78 -2.69
CA GLY G 245 61.88 12.36 -1.66
C GLY G 245 61.13 11.08 -1.98
N THR G 246 61.16 10.66 -3.25
CA THR G 246 60.59 9.38 -3.64
C THR G 246 61.52 8.23 -3.35
N ALA G 247 62.82 8.51 -3.22
CA ALA G 247 63.71 7.50 -2.67
C ALA G 247 63.66 7.52 -1.15
N ALA G 248 63.49 8.71 -0.56
CA ALA G 248 63.36 8.79 0.88
C ALA G 248 62.08 8.12 1.38
N LYS G 249 61.05 8.05 0.54
CA LYS G 249 59.82 7.33 0.88
C LYS G 249 59.89 5.85 0.50
N ASN G 250 60.68 5.50 -0.51
CA ASN G 250 60.86 4.09 -0.85
C ASN G 250 61.79 3.41 0.14
N ILE G 251 62.74 4.13 0.68
CA ILE G 251 63.63 3.56 1.67
C ILE G 251 62.86 3.20 2.94
N THR G 252 61.77 3.90 3.19
CA THR G 252 60.95 3.68 4.34
C THR G 252 59.92 2.64 4.10
N THR G 253 59.44 2.52 2.90
CA THR G 253 58.46 1.51 2.62
C THR G 253 59.12 0.18 2.73
N ASP G 254 60.39 0.13 2.36
CA ASP G 254 61.07 -1.16 2.41
C ASP G 254 61.37 -1.57 3.85
N ILE G 255 61.94 -0.65 4.65
CA ILE G 255 62.18 -0.95 6.07
C ILE G 255 60.90 -1.42 6.74
N LEU G 256 59.78 -0.84 6.37
CA LEU G 256 58.51 -1.22 6.95
C LEU G 256 57.85 -2.42 6.29
N LYS G 257 58.31 -2.83 5.12
CA LYS G 257 57.75 -4.02 4.57
C LYS G 257 58.59 -5.14 5.18
N LYS G 258 59.88 -4.92 5.30
CA LYS G 258 60.82 -5.90 5.81
C LYS G 258 60.71 -6.31 7.26
N TYR G 259 60.02 -5.53 8.04
CA TYR G 259 59.87 -5.81 9.40
C TYR G 259 58.42 -6.05 9.73
N HIS G 260 57.68 -6.51 8.76
CA HIS G 260 56.28 -6.82 8.90
C HIS G 260 55.36 -5.77 9.49
N LEU G 261 55.23 -4.64 8.84
CA LEU G 261 54.36 -3.60 9.33
C LEU G 261 53.43 -3.18 8.23
N ILE G 262 54.04 -2.90 7.10
CA ILE G 262 53.38 -2.56 5.86
C ILE G 262 53.17 -3.90 5.16
N THR G 263 52.08 -4.58 5.50
CA THR G 263 51.81 -5.87 4.94
C THR G 263 50.70 -5.86 3.91
N ASN G 264 49.49 -6.09 4.37
CA ASN G 264 48.38 -6.16 3.48
C ASN G 264 47.11 -5.77 4.19
N SER H 31 -58.59 -1.92 19.90
CA SER H 31 -58.58 -2.76 18.70
C SER H 31 -59.99 -2.83 18.10
N VAL H 32 -60.08 -3.34 16.86
CA VAL H 32 -61.34 -3.32 16.12
C VAL H 32 -62.18 -4.53 16.49
N ASN H 33 -63.49 -4.36 16.49
CA ASN H 33 -64.45 -5.43 16.72
C ASN H 33 -65.10 -5.61 15.36
N VAL H 34 -64.77 -6.70 14.69
CA VAL H 34 -65.19 -6.89 13.31
C VAL H 34 -66.70 -7.05 13.19
N SER H 35 -67.36 -7.56 14.23
CA SER H 35 -68.81 -7.62 14.20
C SER H 35 -69.44 -6.26 13.94
N LYS H 36 -68.75 -5.19 14.32
CA LYS H 36 -69.28 -3.83 14.24
C LYS H 36 -68.75 -3.05 13.04
N LEU H 37 -68.44 -3.75 11.94
CA LEU H 37 -68.00 -3.08 10.73
C LEU H 37 -69.18 -2.64 9.87
N ASN H 38 -68.94 -1.60 9.09
CA ASN H 38 -69.82 -1.21 8.01
C ASN H 38 -68.97 -0.78 6.82
N VAL H 39 -69.31 -1.30 5.65
CA VAL H 39 -68.53 -1.08 4.44
C VAL H 39 -69.44 -0.66 3.29
N ASP H 40 -70.68 -0.31 3.62
CA ASP H 40 -71.65 0.09 2.60
C ASP H 40 -71.07 1.14 1.65
N GLU H 41 -70.20 2.03 2.15
CA GLU H 41 -69.67 3.11 1.32
C GLU H 41 -68.64 2.63 0.32
N PHE H 42 -68.36 1.33 0.24
CA PHE H 42 -67.45 0.79 -0.77
C PHE H 42 -68.13 -0.12 -1.77
N PHE H 43 -69.38 -0.49 -1.53
CA PHE H 43 -70.15 -1.33 -2.45
C PHE H 43 -71.42 -0.62 -2.91
N LYS H 44 -71.37 0.71 -2.93
CA LYS H 44 -72.36 1.49 -3.64
C LYS H 44 -72.05 1.45 -5.12
N ASP H 45 -73.09 1.36 -5.95
CA ASP H 45 -72.91 1.14 -7.38
C ASP H 45 -72.28 -0.21 -7.68
N ARG H 46 -72.14 -1.09 -6.68
CA ARG H 46 -71.44 -2.35 -6.83
C ARG H 46 -72.30 -3.49 -6.29
N ASP H 47 -72.21 -4.63 -6.96
CA ASP H 47 -72.68 -5.92 -6.42
C ASP H 47 -71.42 -6.62 -5.92
N GLY H 48 -71.24 -6.65 -4.60
CA GLY H 48 -70.02 -7.18 -4.05
C GLY H 48 -70.24 -7.87 -2.72
N THR H 49 -69.16 -8.39 -2.17
CA THR H 49 -69.19 -9.03 -0.86
C THR H 49 -67.83 -8.89 -0.20
N PHE H 50 -67.84 -8.57 1.08
CA PHE H 50 -66.63 -8.44 1.89
C PHE H 50 -66.73 -9.39 3.07
N ILE H 51 -65.62 -10.04 3.40
CA ILE H 51 -65.56 -11.05 4.45
C ILE H 51 -64.32 -10.77 5.28
N LEU H 52 -64.51 -10.60 6.60
CA LEU H 52 -63.44 -10.26 7.52
C LEU H 52 -63.51 -11.20 8.72
N HIS H 53 -62.41 -11.92 8.98
CA HIS H 53 -62.33 -12.87 10.08
C HIS H 53 -61.28 -12.42 11.08
N ASP H 54 -61.71 -12.01 12.27
CA ASP H 54 -60.82 -11.83 13.42
C ASP H 54 -60.32 -13.20 13.86
N VAL H 55 -59.02 -13.47 13.66
CA VAL H 55 -58.48 -14.79 13.92
C VAL H 55 -58.45 -15.08 15.41
N GLN H 56 -57.90 -14.16 16.21
CA GLN H 56 -57.70 -14.40 17.64
C GLN H 56 -59.03 -14.55 18.37
N LYS H 57 -59.94 -13.59 18.17
CA LYS H 57 -61.23 -13.63 18.84
C LYS H 57 -62.24 -14.52 18.13
N ASP H 58 -61.96 -14.95 16.90
CA ASP H 58 -62.84 -15.85 16.16
C ASP H 58 -64.21 -15.22 15.95
N LYS H 59 -64.22 -14.21 15.07
CA LYS H 59 -65.47 -13.61 14.64
C LYS H 59 -65.34 -13.21 13.17
N THR H 60 -66.46 -13.21 12.46
CA THR H 60 -66.45 -13.08 11.01
C THR H 60 -67.50 -12.07 10.58
N PHE H 61 -67.06 -10.98 9.96
CA PHE H 61 -67.97 -9.98 9.40
C PHE H 61 -68.19 -10.29 7.93
N ILE H 62 -69.43 -10.07 7.47
CA ILE H 62 -69.84 -10.45 6.12
C ILE H 62 -70.74 -9.35 5.57
N TYR H 63 -70.35 -8.79 4.42
CA TYR H 63 -71.19 -7.84 3.70
C TYR H 63 -71.75 -8.55 2.47
N ASN H 64 -73.08 -8.61 2.38
CA ASN H 64 -73.77 -9.32 1.30
C ASN H 64 -73.57 -10.82 1.44
N GLU H 65 -74.31 -11.43 2.38
CA GLU H 65 -74.13 -12.85 2.66
C GLU H 65 -74.53 -13.71 1.47
N SER H 66 -75.57 -13.31 0.75
CA SER H 66 -76.03 -14.07 -0.40
C SER H 66 -74.89 -14.30 -1.38
N ARG H 67 -74.15 -13.23 -1.74
CA ARG H 67 -73.07 -13.34 -2.70
C ARG H 67 -71.79 -13.93 -2.11
N ALA H 68 -71.63 -13.88 -0.80
CA ALA H 68 -70.49 -14.55 -0.17
C ALA H 68 -70.66 -16.06 -0.18
N LYS H 69 -71.87 -16.57 -0.41
CA LYS H 69 -72.17 -17.98 -0.41
C LYS H 69 -72.31 -18.56 -1.82
N GLU H 70 -72.20 -17.72 -2.84
CA GLU H 70 -72.41 -18.11 -4.23
C GLU H 70 -71.08 -18.59 -4.81
N ARG H 71 -71.01 -19.89 -5.15
CA ARG H 71 -69.80 -20.45 -5.74
C ARG H 71 -69.50 -19.77 -7.09
N GLN H 72 -68.21 -19.59 -7.36
CA GLN H 72 -67.78 -18.87 -8.55
C GLN H 72 -66.39 -19.33 -8.96
N THR H 73 -66.06 -19.14 -10.23
CA THR H 73 -64.73 -19.47 -10.72
C THR H 73 -63.68 -18.68 -9.93
N PRO H 74 -62.58 -19.32 -9.50
CA PRO H 74 -61.60 -18.59 -8.69
C PRO H 74 -60.74 -17.60 -9.48
N GLN H 75 -60.59 -17.79 -10.78
CA GLN H 75 -59.71 -16.93 -11.59
C GLN H 75 -58.28 -17.13 -11.06
N SER H 76 -57.46 -16.09 -11.00
CA SER H 76 -56.07 -16.31 -10.63
C SER H 76 -55.88 -16.57 -9.15
N THR H 77 -56.93 -16.41 -8.31
CA THR H 77 -56.77 -16.78 -6.91
C THR H 77 -56.33 -18.23 -6.75
N PHE H 78 -56.64 -19.05 -7.75
CA PHE H 78 -56.26 -20.45 -7.71
C PHE H 78 -54.73 -20.60 -7.63
N KCX H 79 -53.99 -19.58 -8.05
CA KCX H 79 -52.52 -19.64 -8.04
CB KCX H 79 -51.93 -18.31 -8.54
CG KCX H 79 -51.87 -18.17 -10.05
CD KCX H 79 -51.05 -16.97 -10.51
CE KCX H 79 -51.13 -16.75 -12.02
NZ KCX H 79 -52.53 -16.53 -12.46
C KCX H 79 -51.96 -20.00 -6.66
O KCX H 79 -50.86 -20.56 -6.56
CX KCX H 79 -53.25 -17.51 -13.02
OQ1 KCX H 79 -54.42 -17.29 -13.36
OQ2 KCX H 79 -52.73 -18.63 -13.18
N VAL H 80 -52.70 -19.66 -5.59
CA VAL H 80 -52.26 -19.97 -4.24
C VAL H 80 -52.28 -21.50 -4.03
N PRO H 81 -53.47 -22.11 -4.08
CA PRO H 81 -53.52 -23.59 -4.02
C PRO H 81 -52.72 -24.27 -5.12
N ASN H 82 -52.59 -23.64 -6.29
CA ASN H 82 -51.80 -24.24 -7.36
C ASN H 82 -50.32 -24.28 -7.00
N ALA H 83 -49.81 -23.21 -6.38
CA ALA H 83 -48.40 -23.14 -6.06
C ALA H 83 -48.04 -24.08 -4.92
N LEU H 84 -48.96 -24.28 -3.98
CA LEU H 84 -48.73 -25.24 -2.90
C LEU H 84 -48.60 -26.65 -3.46
N ILE H 85 -49.48 -27.02 -4.40
CA ILE H 85 -49.45 -28.38 -4.93
C ILE H 85 -48.22 -28.57 -5.83
N GLY H 86 -47.94 -27.60 -6.71
CA GLY H 86 -46.73 -27.68 -7.50
C GLY H 86 -45.48 -27.85 -6.66
N LEU H 87 -45.33 -27.01 -5.63
CA LEU H 87 -44.16 -27.11 -4.75
C LEU H 87 -44.13 -28.46 -4.03
N GLN H 88 -45.30 -28.99 -3.67
CA GLN H 88 -45.35 -30.24 -2.92
C GLN H 88 -44.97 -31.44 -3.79
N VAL H 89 -45.47 -31.49 -5.02
CA VAL H 89 -45.22 -32.65 -5.87
C VAL H 89 -43.94 -32.44 -6.67
N LYS H 90 -43.20 -31.38 -6.35
CA LYS H 90 -41.89 -31.09 -6.93
C LYS H 90 -41.96 -30.69 -8.40
N ALA H 91 -43.14 -30.30 -8.88
CA ALA H 91 -43.23 -29.72 -10.21
C ALA H 91 -42.34 -28.48 -10.34
N VAL H 92 -42.25 -27.68 -9.29
CA VAL H 92 -41.37 -26.52 -9.26
C VAL H 92 -40.56 -26.56 -7.98
N ARG H 93 -39.36 -25.98 -8.03
CA ARG H 93 -38.40 -26.18 -6.94
C ARG H 93 -38.63 -25.19 -5.80
N ASP H 94 -39.01 -23.96 -6.12
CA ASP H 94 -39.21 -22.95 -5.08
C ASP H 94 -39.75 -21.67 -5.68
N GLU H 95 -39.71 -20.59 -4.98
CA GLU H 95 -40.20 -19.33 -5.44
C GLU H 95 -39.39 -18.72 -6.56
N TYR H 96 -38.21 -19.24 -6.77
CA TYR H 96 -37.29 -18.68 -7.76
C TYR H 96 -37.16 -19.55 -9.02
N ASP H 97 -37.94 -20.63 -9.13
CA ASP H 97 -37.87 -21.54 -10.28
C ASP H 97 -38.20 -20.79 -11.57
N VAL H 98 -37.21 -20.66 -12.47
CA VAL H 98 -37.32 -19.83 -13.67
C VAL H 98 -37.96 -20.63 -14.81
N LYS H 99 -38.94 -20.01 -15.48
CA LYS H 99 -39.54 -20.54 -16.71
C LYS H 99 -39.33 -19.48 -17.80
N ARG H 100 -38.39 -19.74 -18.71
CA ARG H 100 -38.09 -18.79 -19.77
C ARG H 100 -39.34 -18.45 -20.58
N TRP H 101 -39.60 -17.16 -20.73
CA TRP H 101 -40.56 -16.70 -21.73
C TRP H 101 -40.25 -17.35 -23.08
N ASP H 102 -41.30 -17.63 -23.85
CA ASP H 102 -41.14 -18.37 -25.10
C ASP H 102 -41.02 -17.46 -26.32
N GLY H 103 -41.29 -16.16 -26.18
CA GLY H 103 -41.24 -15.21 -27.29
C GLY H 103 -42.60 -14.70 -27.71
N THR H 104 -43.65 -15.50 -27.53
CA THR H 104 -45.01 -15.06 -27.88
C THR H 104 -45.37 -13.79 -27.12
N GLU H 105 -45.69 -12.73 -27.87
CA GLU H 105 -46.21 -11.53 -27.25
C GLU H 105 -47.64 -11.79 -26.79
N ARG H 106 -47.90 -11.52 -25.51
CA ARG H 106 -49.19 -11.73 -24.90
C ARG H 106 -49.75 -10.40 -24.40
N GLU H 107 -51.01 -10.42 -23.99
CA GLU H 107 -51.76 -9.19 -23.73
C GLU H 107 -50.95 -8.16 -22.92
N PHE H 108 -50.59 -8.51 -21.68
CA PHE H 108 -49.89 -7.59 -20.78
C PHE H 108 -48.38 -7.73 -20.95
N GLU H 109 -47.69 -6.59 -21.08
CA GLU H 109 -46.26 -6.62 -21.35
CA GLU H 109 -46.26 -6.61 -21.34
C GLU H 109 -45.44 -7.21 -20.20
N SER H 110 -46.02 -7.29 -19.00
CA SER H 110 -45.29 -7.89 -17.89
C SER H 110 -45.21 -9.40 -18.08
N TRP H 111 -46.22 -9.99 -18.70
CA TRP H 111 -46.17 -11.42 -19.03
C TRP H 111 -45.06 -11.73 -20.04
N ASN H 112 -44.67 -10.75 -20.86
CA ASN H 112 -43.68 -10.96 -21.92
C ASN H 112 -42.27 -10.81 -21.35
N ARG H 113 -41.84 -11.83 -20.61
CA ARG H 113 -40.49 -11.88 -20.09
C ARG H 113 -40.37 -13.11 -19.21
N ASP H 114 -39.14 -13.45 -18.86
CA ASP H 114 -38.87 -14.60 -18.00
C ASP H 114 -39.58 -14.44 -16.65
N HIS H 115 -39.94 -15.57 -16.04
CA HIS H 115 -40.73 -15.50 -14.83
C HIS H 115 -40.38 -16.65 -13.89
N THR H 116 -40.67 -16.44 -12.62
CA THR H 116 -40.52 -17.41 -11.56
C THR H 116 -41.89 -17.66 -10.92
N LEU H 117 -41.96 -18.68 -10.05
CA LEU H 117 -43.20 -18.91 -9.32
C LEU H 117 -43.61 -17.68 -8.53
N GLY H 118 -42.63 -16.99 -7.92
CA GLY H 118 -42.93 -15.76 -7.20
C GLY H 118 -43.40 -14.64 -8.10
N SER H 119 -42.64 -14.34 -9.16
CA SER H 119 -43.02 -13.25 -10.06
C SER H 119 -44.25 -13.59 -10.88
N ALA H 120 -44.46 -14.88 -11.19
CA ALA H 120 -45.69 -15.28 -11.85
C ALA H 120 -46.91 -15.01 -10.98
N MET H 121 -46.80 -15.29 -9.67
CA MET H 121 -47.92 -15.00 -8.78
C MET H 121 -48.15 -13.50 -8.66
N ARG H 122 -47.08 -12.73 -8.50
CA ARG H 122 -47.25 -11.29 -8.28
C ARG H 122 -48.06 -10.66 -9.42
N ASP H 123 -47.73 -10.99 -10.66
CA ASP H 123 -48.39 -10.39 -11.82
C ASP H 123 -49.33 -11.35 -12.54
N SER H 124 -49.79 -12.40 -11.85
CA SER H 124 -50.80 -13.33 -12.38
C SER H 124 -50.43 -13.80 -13.79
N VAL H 125 -49.15 -14.12 -13.98
CA VAL H 125 -48.69 -14.63 -15.27
C VAL H 125 -49.29 -16.00 -15.47
N ILE H 126 -50.40 -16.06 -16.20
CA ILE H 126 -51.14 -17.31 -16.30
C ILE H 126 -50.31 -18.41 -16.94
N TRP H 127 -49.44 -18.07 -17.92
CA TRP H 127 -48.73 -19.10 -18.66
C TRP H 127 -47.71 -19.82 -17.78
N TYR H 128 -47.11 -19.14 -16.81
CA TYR H 128 -46.23 -19.85 -15.89
C TYR H 128 -46.98 -20.96 -15.17
N TYR H 129 -48.19 -20.65 -14.68
CA TYR H 129 -48.90 -21.62 -13.86
C TYR H 129 -49.62 -22.68 -14.67
N GLN H 130 -49.96 -22.38 -15.93
CA GLN H 130 -50.47 -23.41 -16.82
C GLN H 130 -49.40 -24.47 -17.10
N ALA H 131 -48.15 -24.01 -17.28
CA ALA H 131 -47.05 -24.96 -17.40
C ALA H 131 -46.90 -25.81 -16.15
N MET H 132 -47.03 -25.18 -14.97
CA MET H 132 -46.90 -25.95 -13.73
C MET H 132 -48.05 -26.93 -13.58
N ALA H 133 -49.27 -26.53 -13.98
CA ALA H 133 -50.41 -27.44 -13.88
C ALA H 133 -50.25 -28.66 -14.78
N ARG H 134 -49.63 -28.48 -15.95
CA ARG H 134 -49.44 -29.61 -16.86
C ARG H 134 -48.38 -30.56 -16.34
N ASP H 135 -47.38 -30.04 -15.61
CA ASP H 135 -46.43 -30.91 -14.94
C ASP H 135 -47.05 -31.61 -13.75
N ILE H 136 -47.91 -30.91 -13.01
CA ILE H 136 -48.63 -31.53 -11.90
C ILE H 136 -49.41 -32.75 -12.40
N GLY H 137 -50.11 -32.60 -13.52
CA GLY H 137 -50.89 -33.70 -14.06
C GLY H 137 -52.26 -33.82 -13.41
N GLU H 138 -53.17 -34.48 -14.15
CA GLU H 138 -54.58 -34.47 -13.78
C GLU H 138 -54.83 -35.24 -12.48
N ASP H 139 -54.26 -36.45 -12.37
CA ASP H 139 -54.44 -37.28 -11.18
C ASP H 139 -53.93 -36.59 -9.94
N ARG H 140 -52.72 -36.02 -10.02
CA ARG H 140 -52.13 -35.34 -8.87
C ARG H 140 -52.90 -34.08 -8.53
N MET H 141 -53.60 -33.48 -9.50
CA MET H 141 -54.46 -32.33 -9.19
C MET H 141 -55.75 -32.79 -8.52
N LYS H 142 -56.42 -33.79 -9.11
CA LYS H 142 -57.69 -34.26 -8.54
C LYS H 142 -57.50 -34.68 -7.08
N ASP H 143 -56.45 -35.45 -6.82
CA ASP H 143 -56.12 -35.87 -5.46
C ASP H 143 -56.00 -34.67 -4.53
N TRP H 144 -55.08 -33.76 -4.86
CA TRP H 144 -54.72 -32.70 -3.93
C TRP H 144 -55.84 -31.69 -3.76
N LEU H 145 -56.63 -31.42 -4.80
CA LEU H 145 -57.80 -30.60 -4.59
C LEU H 145 -58.87 -31.30 -3.76
N HIS H 146 -58.78 -32.62 -3.59
CA HIS H 146 -59.74 -33.32 -2.75
C HIS H 146 -59.28 -33.46 -1.30
N ARG H 147 -58.00 -33.68 -1.09
CA ARG H 147 -57.43 -33.64 0.26
C ARG H 147 -57.78 -32.33 0.97
N ILE H 148 -57.72 -31.20 0.26
CA ILE H 148 -57.99 -29.90 0.85
C ILE H 148 -59.40 -29.40 0.58
N SER H 149 -60.23 -30.19 -0.09
CA SER H 149 -61.64 -29.86 -0.30
C SER H 149 -61.82 -28.42 -0.79
N TYR H 150 -61.28 -28.15 -1.97
CA TYR H 150 -61.28 -26.81 -2.56
C TYR H 150 -62.49 -26.68 -3.49
N GLY H 151 -63.53 -25.99 -3.02
CA GLY H 151 -64.70 -25.79 -3.86
C GLY H 151 -65.25 -27.09 -4.42
N ASN H 152 -65.70 -27.06 -5.67
CA ASN H 152 -66.22 -28.26 -6.31
C ASN H 152 -65.13 -29.18 -6.82
N GLU H 153 -63.85 -28.80 -6.69
CA GLU H 153 -62.72 -29.63 -7.12
C GLU H 153 -62.95 -30.19 -8.52
N ASP H 154 -63.69 -29.45 -9.34
CA ASP H 154 -64.03 -29.88 -10.68
C ASP H 154 -62.98 -29.36 -11.65
N ILE H 155 -62.15 -30.26 -12.17
CA ILE H 155 -61.09 -29.90 -13.11
C ILE H 155 -61.40 -30.45 -14.50
N SER H 156 -62.65 -30.79 -14.77
CA SER H 156 -63.03 -31.33 -16.06
C SER H 156 -62.70 -30.36 -17.19
N GLY H 157 -62.74 -29.05 -16.90
CA GLY H 157 -62.56 -28.02 -17.91
C GLY H 157 -61.18 -28.00 -18.55
N GLY H 158 -60.19 -28.63 -17.91
CA GLY H 158 -58.85 -28.68 -18.47
C GLY H 158 -57.76 -28.61 -17.43
N ILE H 159 -56.77 -29.48 -17.54
CA ILE H 159 -55.67 -29.51 -16.58
C ILE H 159 -55.05 -28.13 -16.44
N ASP H 160 -55.02 -27.35 -17.52
CA ASP H 160 -54.44 -26.01 -17.49
C ASP H 160 -55.45 -24.93 -17.85
N GLN H 161 -56.75 -25.19 -17.68
CA GLN H 161 -57.77 -24.18 -17.94
C GLN H 161 -58.90 -24.17 -16.91
N PHE H 162 -58.94 -25.12 -15.97
CA PHE H 162 -60.13 -25.34 -15.15
C PHE H 162 -60.41 -24.20 -14.18
N TRP H 163 -59.42 -23.35 -13.91
CA TRP H 163 -59.56 -22.28 -12.94
C TRP H 163 -59.84 -20.93 -13.58
N LEU H 164 -59.98 -20.88 -14.90
CA LEU H 164 -60.17 -19.63 -15.62
C LEU H 164 -61.53 -19.67 -16.32
N GLN H 165 -62.51 -18.99 -15.74
CA GLN H 165 -63.87 -18.93 -16.28
C GLN H 165 -64.31 -20.29 -16.82
N SER H 166 -64.11 -21.33 -16.00
CA SER H 166 -64.25 -22.70 -16.45
C SER H 166 -65.03 -23.57 -15.48
N SER H 167 -64.51 -24.75 -15.15
CA SER H 167 -65.25 -25.72 -14.36
C SER H 167 -65.09 -25.50 -12.85
N LEU H 168 -63.85 -25.31 -12.38
CA LEU H 168 -63.63 -25.19 -10.94
C LEU H 168 -64.38 -23.98 -10.39
N LYS H 169 -65.13 -24.19 -9.32
CA LYS H 169 -65.94 -23.13 -8.73
C LYS H 169 -65.85 -23.21 -7.21
N ILE H 170 -65.68 -22.05 -6.59
CA ILE H 170 -65.51 -21.93 -5.15
C ILE H 170 -66.21 -20.65 -4.71
N SER H 171 -66.69 -20.64 -3.48
CA SER H 171 -67.40 -19.47 -2.99
C SER H 171 -66.44 -18.51 -2.31
N PRO H 172 -66.82 -17.24 -2.19
CA PRO H 172 -65.99 -16.32 -1.38
C PRO H 172 -65.76 -16.80 0.05
N LEU H 173 -66.81 -17.26 0.74
CA LEU H 173 -66.64 -17.76 2.11
C LEU H 173 -65.77 -19.01 2.14
N GLU H 174 -65.95 -19.92 1.18
CA GLU H 174 -65.07 -21.07 1.10
C GLU H 174 -63.62 -20.65 0.87
N GLU H 175 -63.42 -19.57 0.09
CA GLU H 175 -62.07 -19.03 -0.12
C GLU H 175 -61.46 -18.56 1.20
N LYS H 176 -62.23 -17.79 1.99
CA LYS H 176 -61.76 -17.39 3.31
C LYS H 176 -61.40 -18.60 4.17
N ASP H 177 -62.17 -19.69 4.05
CA ASP H 177 -61.81 -20.91 4.77
C ASP H 177 -60.44 -21.42 4.32
N PHE H 178 -60.26 -21.59 3.01
CA PHE H 178 -58.98 -22.07 2.51
C PHE H 178 -57.85 -21.18 2.99
N ILE H 179 -57.99 -19.85 2.80
CA ILE H 179 -56.92 -18.93 3.17
C ILE H 179 -56.68 -18.95 4.67
N GLU H 180 -57.75 -19.04 5.46
CA GLU H 180 -57.58 -19.17 6.91
C GLU H 180 -56.77 -20.41 7.26
N HIS H 181 -57.08 -21.55 6.64
CA HIS H 181 -56.31 -22.77 6.86
C HIS H 181 -54.84 -22.58 6.48
N LEU H 182 -54.56 -21.87 5.38
CA LEU H 182 -53.18 -21.61 5.00
C LEU H 182 -52.48 -20.72 6.02
N TYR H 183 -53.12 -19.62 6.43
CA TYR H 183 -52.55 -18.79 7.49
C TYR H 183 -52.22 -19.65 8.72
N LYS H 184 -53.18 -20.45 9.17
CA LYS H 184 -52.95 -21.30 10.33
C LYS H 184 -52.01 -22.47 10.03
N GLU H 185 -51.77 -22.77 8.75
CA GLU H 185 -50.98 -23.94 8.37
C GLU H 185 -51.66 -25.24 8.79
N ASP H 186 -52.99 -25.23 8.81
CA ASP H 186 -53.78 -26.44 9.07
C ASP H 186 -54.14 -27.12 7.74
N LEU H 187 -53.09 -27.44 7.00
CA LEU H 187 -53.21 -28.06 5.68
C LEU H 187 -52.15 -29.14 5.58
N PRO H 188 -52.39 -30.19 4.80
CA PRO H 188 -51.45 -31.31 4.75
C PRO H 188 -50.22 -31.10 3.88
N PHE H 189 -49.84 -29.84 3.61
CA PHE H 189 -48.61 -29.58 2.86
C PHE H 189 -47.42 -29.48 3.82
N ASP H 190 -46.22 -29.64 3.24
CA ASP H 190 -45.01 -29.43 4.02
C ASP H 190 -45.02 -28.02 4.63
N LYS H 191 -44.50 -27.90 5.85
CA LYS H 191 -44.61 -26.61 6.52
C LYS H 191 -43.73 -25.57 5.83
N PRO H 192 -42.51 -25.92 5.39
CA PRO H 192 -41.75 -24.98 4.56
C PRO H 192 -42.48 -24.59 3.28
N ILE H 193 -43.27 -25.50 2.71
CA ILE H 193 -44.00 -25.16 1.50
C ILE H 193 -45.03 -24.07 1.78
N MET H 194 -45.83 -24.25 2.83
CA MET H 194 -46.84 -23.24 3.15
C MET H 194 -46.22 -21.88 3.47
N LYS H 195 -45.05 -21.87 4.12
CA LYS H 195 -44.42 -20.60 4.47
C LYS H 195 -43.92 -19.87 3.22
N THR H 196 -43.40 -20.61 2.24
CA THR H 196 -42.92 -19.99 1.02
C THR H 196 -44.06 -19.38 0.20
N VAL H 197 -45.18 -20.11 0.10
CA VAL H 197 -46.32 -19.60 -0.67
C VAL H 197 -46.86 -18.34 -0.01
N LYS H 198 -47.04 -18.37 1.30
CA LYS H 198 -47.51 -17.18 2.01
C LYS H 198 -46.58 -16.00 1.75
N ARG H 199 -45.31 -16.22 1.79
CA ARG H 199 -44.35 -15.21 1.51
C ARG H 199 -44.44 -14.67 0.09
N MET H 200 -44.88 -15.47 -0.83
CA MET H 200 -45.09 -14.99 -2.20
C MET H 200 -46.29 -14.06 -2.31
N MET H 201 -47.23 -14.12 -1.36
CA MET H 201 -48.44 -13.30 -1.43
C MET H 201 -48.26 -11.90 -0.87
N ILE H 202 -47.07 -11.55 -0.36
CA ILE H 202 -46.93 -10.29 0.36
C ILE H 202 -47.21 -9.12 -0.59
N GLN H 203 -48.22 -8.32 -0.24
CA GLN H 203 -48.61 -7.12 -0.98
C GLN H 203 -48.00 -5.85 -0.41
N GLU H 204 -47.95 -5.72 0.92
CA GLU H 204 -47.43 -4.54 1.59
C GLU H 204 -46.75 -4.95 2.89
N GLU H 205 -45.60 -4.34 3.14
CA GLU H 205 -44.80 -4.60 4.33
C GLU H 205 -44.67 -3.25 5.05
N GLY H 206 -45.53 -3.02 6.04
CA GLY H 206 -45.45 -1.82 6.83
C GLY H 206 -44.61 -2.00 8.08
N ASP H 207 -44.45 -0.90 8.81
CA ASP H 207 -43.73 -0.98 10.09
C ASP H 207 -44.52 -1.77 11.12
N HIS H 208 -45.86 -1.72 11.05
CA HIS H 208 -46.71 -2.39 12.02
C HIS H 208 -47.61 -3.48 11.43
N TYR H 209 -47.80 -3.51 10.12
CA TYR H 209 -48.63 -4.51 9.47
C TYR H 209 -47.86 -5.19 8.35
N THR H 210 -48.41 -6.33 7.90
CA THR H 210 -47.92 -7.02 6.72
C THR H 210 -49.14 -7.58 6.00
N LEU H 211 -49.36 -7.12 4.76
CA LEU H 211 -50.56 -7.48 4.00
C LEU H 211 -50.24 -8.60 3.02
N TYR H 212 -50.97 -9.70 3.12
CA TYR H 212 -50.86 -10.83 2.20
C TYR H 212 -52.11 -10.90 1.33
N GLY H 213 -51.94 -11.26 0.06
CA GLY H 213 -53.08 -11.29 -0.83
C GLY H 213 -52.77 -11.92 -2.17
N LYS H 214 -53.86 -12.14 -2.92
CA LYS H 214 -53.79 -12.64 -4.29
C LYS H 214 -55.01 -12.14 -5.04
N THR H 215 -54.79 -11.48 -6.17
CA THR H 215 -55.86 -10.90 -6.95
C THR H 215 -56.42 -11.92 -7.94
N GLY H 216 -57.61 -11.65 -8.40
CA GLY H 216 -58.23 -12.50 -9.35
C GLY H 216 -59.21 -11.70 -10.15
N THR H 217 -59.26 -11.90 -11.44
CA THR H 217 -60.13 -11.10 -12.23
C THR H 217 -60.65 -11.78 -13.45
N ASP H 218 -61.89 -11.47 -13.78
CA ASP H 218 -62.54 -11.89 -15.03
C ASP H 218 -63.23 -10.63 -15.62
N TYR H 219 -63.77 -10.67 -16.83
CA TYR H 219 -64.47 -9.48 -17.35
C TYR H 219 -65.64 -9.10 -16.42
N GLY H 220 -65.42 -8.11 -15.57
CA GLY H 220 -66.43 -7.65 -14.66
C GLY H 220 -66.53 -8.49 -13.43
N LEU H 221 -65.47 -9.20 -13.07
CA LEU H 221 -65.47 -10.03 -11.89
C LEU H 221 -64.16 -9.88 -11.23
N GLY H 222 -64.10 -9.30 -10.05
CA GLY H 222 -62.86 -9.05 -9.36
C GLY H 222 -62.74 -9.75 -8.02
N TRP H 223 -61.63 -10.43 -7.82
CA TRP H 223 -61.31 -11.12 -6.57
C TRP H 223 -60.13 -10.44 -5.90
N PHE H 224 -60.13 -10.48 -4.57
CA PHE H 224 -58.90 -10.23 -3.81
C PHE H 224 -59.07 -10.91 -2.46
N VAL H 225 -58.14 -11.81 -2.13
CA VAL H 225 -58.28 -12.67 -0.95
C VAL H 225 -56.93 -12.84 -0.27
N GLY H 226 -56.96 -12.91 1.06
CA GLY H 226 -55.76 -13.16 1.83
C GLY H 226 -55.97 -12.79 3.30
N PHE H 227 -54.88 -12.41 3.94
CA PHE H 227 -54.90 -12.03 5.34
C PHE H 227 -54.02 -10.81 5.55
N ILE H 228 -54.07 -10.26 6.76
CA ILE H 228 -53.16 -9.19 7.19
C ILE H 228 -52.76 -9.45 8.63
N THR H 229 -51.51 -9.14 8.95
CA THR H 229 -50.97 -9.32 10.29
C THR H 229 -50.41 -8.02 10.81
N THR H 230 -50.90 -7.59 11.97
CA THR H 230 -50.33 -6.52 12.75
C THR H 230 -49.62 -7.12 13.97
N ASP H 231 -49.05 -6.26 14.81
CA ASP H 231 -48.42 -6.74 16.03
C ASP H 231 -49.46 -7.38 16.94
N ASN H 232 -49.54 -8.72 16.89
CA ASN H 232 -50.41 -9.51 17.76
C ASN H 232 -51.89 -9.41 17.39
N HIS H 233 -52.19 -9.13 16.12
CA HIS H 233 -53.53 -9.23 15.58
C HIS H 233 -53.44 -9.71 14.15
N SER H 234 -54.33 -10.61 13.76
CA SER H 234 -54.33 -11.16 12.41
C SER H 234 -55.76 -11.32 11.92
N TYR H 235 -55.98 -10.99 10.65
CA TYR H 235 -57.31 -10.98 10.06
C TYR H 235 -57.29 -11.63 8.69
N ILE H 236 -58.30 -12.45 8.41
CA ILE H 236 -58.51 -13.04 7.09
C ILE H 236 -59.59 -12.25 6.37
N PHE H 237 -59.35 -11.93 5.09
CA PHE H 237 -60.30 -11.17 4.31
C PHE H 237 -60.49 -11.79 2.93
N VAL H 238 -61.69 -11.63 2.38
CA VAL H 238 -62.01 -12.01 1.00
C VAL H 238 -62.93 -10.93 0.44
N THR H 239 -62.51 -10.30 -0.65
CA THR H 239 -63.33 -9.33 -1.38
C THR H 239 -63.63 -9.90 -2.77
N ASN H 240 -64.91 -9.97 -3.10
CA ASN H 240 -65.36 -10.42 -4.41
C ASN H 240 -66.42 -9.44 -4.87
N VAL H 241 -66.20 -8.82 -6.03
CA VAL H 241 -67.10 -7.80 -6.55
C VAL H 241 -67.15 -7.92 -8.06
N ASP H 242 -68.29 -7.56 -8.64
CA ASP H 242 -68.45 -7.54 -10.09
C ASP H 242 -67.85 -6.24 -10.64
N ALA H 243 -66.53 -6.17 -10.63
CA ALA H 243 -65.81 -5.05 -11.16
C ALA H 243 -64.49 -5.61 -11.56
N SER H 244 -63.43 -4.90 -11.28
CA SER H 244 -62.14 -5.42 -11.64
C SER H 244 -61.46 -6.00 -10.43
N GLY H 245 -60.27 -6.56 -10.62
CA GLY H 245 -59.52 -7.09 -9.52
C GLY H 245 -58.75 -5.97 -8.86
N THR H 246 -58.54 -4.87 -9.58
CA THR H 246 -57.85 -3.75 -9.04
C THR H 246 -58.81 -3.04 -8.13
N ALA H 247 -60.10 -3.16 -8.41
CA ALA H 247 -61.10 -2.65 -7.49
C ALA H 247 -61.17 -3.52 -6.24
N ALA H 248 -61.30 -4.83 -6.43
CA ALA H 248 -61.30 -5.76 -5.30
C ALA H 248 -60.16 -5.45 -4.33
N LYS H 249 -58.99 -5.12 -4.87
CA LYS H 249 -57.83 -4.83 -4.04
C LYS H 249 -57.91 -3.45 -3.40
N ASN H 250 -58.41 -2.45 -4.14
CA ASN H 250 -58.53 -1.11 -3.58
C ASN H 250 -59.69 -1.03 -2.61
N ILE H 251 -60.79 -1.74 -2.88
CA ILE H 251 -61.87 -1.85 -1.91
C ILE H 251 -61.34 -2.45 -0.60
N THR H 252 -60.41 -3.39 -0.70
CA THR H 252 -59.92 -4.08 0.49
C THR H 252 -59.01 -3.18 1.31
N THR H 253 -58.07 -2.49 0.67
CA THR H 253 -57.13 -1.65 1.41
C THR H 253 -57.77 -0.36 1.92
N ASP H 254 -58.85 0.11 1.28
CA ASP H 254 -59.62 1.20 1.87
C ASP H 254 -60.35 0.74 3.13
N ILE H 255 -60.94 -0.46 3.08
CA ILE H 255 -61.63 -0.97 4.27
C ILE H 255 -60.63 -1.27 5.38
N LEU H 256 -59.38 -1.59 5.02
CA LEU H 256 -58.36 -1.88 6.01
C LEU H 256 -57.63 -0.62 6.49
N LYS H 257 -57.60 0.42 5.66
CA LYS H 257 -57.16 1.72 6.15
C LYS H 257 -58.16 2.28 7.15
N LYS H 258 -59.45 2.30 6.79
CA LYS H 258 -60.47 2.93 7.60
C LYS H 258 -60.61 2.30 8.99
N TYR H 259 -60.03 1.12 9.21
CA TYR H 259 -60.08 0.47 10.51
C TYR H 259 -58.70 0.28 11.11
N HIS H 260 -57.74 1.11 10.69
CA HIS H 260 -56.44 1.25 11.35
C HIS H 260 -55.72 -0.10 11.42
N LEU H 261 -55.72 -0.82 10.31
CA LEU H 261 -54.94 -2.04 10.15
C LEU H 261 -53.79 -1.84 9.18
N ILE H 262 -54.09 -1.33 7.99
CA ILE H 262 -53.06 -0.80 7.10
C ILE H 262 -52.78 0.62 7.60
N THR H 263 -51.64 0.79 8.27
CA THR H 263 -51.28 2.08 8.86
C THR H 263 -49.96 2.57 8.28
N ASN H 264 -48.91 2.50 9.10
CA ASN H 264 -47.55 2.71 8.65
C ASN H 264 -46.66 1.65 9.29
CAC FLC I . -21.36 21.64 5.39
CA FLC I . -20.02 21.79 6.06
CB FLC I . -19.41 20.45 6.51
CBC FLC I . -18.97 19.65 5.31
CG FLC I . -18.21 20.77 7.42
CGC FLC I . -17.77 19.63 8.34
OA1 FLC I . -22.17 22.60 5.45
OA2 FLC I . -21.64 20.58 4.78
OB1 FLC I . -19.04 20.19 4.17
OB2 FLC I . -18.59 18.47 5.45
OG1 FLC I . -17.62 19.87 9.56
OG2 FLC I . -17.55 18.49 7.85
OHB FLC I . -20.43 19.75 7.25
C1 EDO J . -25.72 -2.05 33.32
O1 EDO J . -25.92 -2.50 34.68
C2 EDO J . -25.87 -3.22 32.36
O2 EDO J . -27.25 -3.55 32.16
H11 EDO J . -26.45 -1.28 33.08
H12 EDO J . -24.72 -1.61 33.22
HO1 EDO J . -25.17 -2.20 35.22
H21 EDO J . -25.40 -2.97 31.40
H22 EDO J . -25.36 -4.10 32.78
HO2 EDO J . -27.32 -4.35 31.63
#